data_2ZQ0
#
_entry.id   2ZQ0
#
_cell.length_a   75.717
_cell.length_b   112.344
_cell.length_c   102.467
_cell.angle_alpha   90.00
_cell.angle_beta   100.61
_cell.angle_gamma   90.00
#
_symmetry.space_group_name_H-M   'P 1 21 1'
#
loop_
_entity.id
_entity.type
_entity.pdbx_description
1 polymer 'Alpha-glucosidase (Alpha-glucosidase SusB)'
2 branched 4,6-dideoxy-4-{[(1S,4R,5S,6S)-4,5,6-trihydroxy-3-(hydroxymethyl)cyclohex-2-en-1-yl]amino}-alpha-D-glucopyranose-(1-4)-alpha-D-glucopyranose-(1-4)-alpha-D-glucopyranose
3 non-polymer 'CALCIUM ION'
4 water water
#
_entity_poly.entity_id   1
_entity_poly.type   'polypeptide(L)'
_entity_poly.pdbx_seq_one_letter_code
;MGSSHHHHHHSSGLVPRGSHMQQKLTSPDNNLVMTFQVDSKGAPTYELTYKNKVVIKPSTLGLELKKEDNTRTDFDWVDR
RDLTKLDSKTNLYDGFEVKDTQTATFDETWQPVWGEEKEIRNHYNELAVTLYQPMNDRSIVIRFRLFNDGLGFRYEFPQQ
KSLNYFVIKEEHSQFGMNGDHIAFWIPGDYDTQEYDYTISRLSEIRGLMKEAITPNSSQTPFSQTGVQTALMMKTDDGLY
INLHEAALVDYSCMHLNLDDKNMVFESWLTPDAKGDKGYMQTPCNTPWRTIIVSDDARNILASRITLNLNEPCKIADAAS
WVKPVKYIGVWWDMITGKGSWAYTDELTSVKLGETDYSKTKPNGKHSANTANVKRYIDFAAAHGFDAVLVEGWNEGWEDW
FGNSKDYVFDFVTPYPDFDVKEIHRYAARKGIKMMMHHETSASVRNYERHMDKAYQFMADNGYNSVKSGYVGNIIPRGEH
HYGQWMNNHYLYAVKKAADYKIMVNAHEATRPTGICRTYPNLIGNESARGTEYESFGGNKVYHTTILPFTRLVGGPMDYT
PGIFETHCNKMNPANNSQVRSTIARQLALYVTMYSPLQMAADIPENYERFMDAFQFIKDVALDWDETNYLEAEPGEYITI
ARKAKDTDDWYVGCTAGENGHTSKLVFDFLTPGKQYIATVYADAKDADWKENPQAYTIKKGILTNKSKLNLHAANGGGYA
ISIKEVKDKSEAKGLKRL
;
_entity_poly.pdbx_strand_id   A,B
#
loop_
_chem_comp.id
_chem_comp.type
_chem_comp.name
_chem_comp.formula
AC1 D-saccharide 4,6-dideoxy-4-{[(1S,4R,5S,6S)-4,5,6-trihydroxy-3-(hydroxymethyl)cyclohex-2-en-1-yl]amino}-alpha-D-glucopyranose 'C13 H23 N O8'
CA non-polymer 'CALCIUM ION' 'Ca 2'
GLC D-saccharide, alpha linking alpha-D-glucopyranose 'C6 H12 O6'
#
# COMPACT_ATOMS: atom_id res chain seq x y z
N MET A 21 -45.62 -3.87 19.01
CA MET A 21 -44.43 -4.74 18.74
C MET A 21 -43.86 -4.51 17.35
N GLN A 22 -44.63 -4.83 16.32
CA GLN A 22 -44.18 -4.64 14.95
C GLN A 22 -44.20 -3.19 14.54
N GLN A 23 -43.23 -2.79 13.73
CA GLN A 23 -43.14 -1.43 13.23
C GLN A 23 -43.54 -1.51 11.76
N LYS A 24 -44.31 -0.54 11.29
CA LYS A 24 -44.74 -0.53 9.89
C LYS A 24 -44.41 0.80 9.22
N LEU A 25 -43.82 0.69 8.04
CA LEU A 25 -43.44 1.85 7.25
C LEU A 25 -44.11 1.70 5.90
N THR A 26 -44.71 2.77 5.40
CA THR A 26 -45.40 2.72 4.12
C THR A 26 -44.84 3.74 3.13
N SER A 27 -44.86 3.40 1.85
CA SER A 27 -44.36 4.31 0.83
C SER A 27 -45.33 5.48 0.71
N PRO A 28 -44.88 6.60 0.13
CA PRO A 28 -45.75 7.78 -0.02
C PRO A 28 -47.08 7.47 -0.72
N ASP A 29 -47.05 6.57 -1.70
CA ASP A 29 -48.27 6.23 -2.43
C ASP A 29 -49.03 5.05 -1.83
N ASN A 30 -48.55 4.55 -0.71
CA ASN A 30 -49.19 3.43 0.01
C ASN A 30 -49.08 2.06 -0.66
N ASN A 31 -48.39 1.99 -1.79
CA ASN A 31 -48.24 0.73 -2.51
C ASN A 31 -47.29 -0.26 -1.84
N LEU A 32 -46.26 0.25 -1.16
CA LEU A 32 -45.29 -0.61 -0.50
C LEU A 32 -45.38 -0.51 1.02
N VAL A 33 -45.19 -1.65 1.69
CA VAL A 33 -45.23 -1.68 3.15
C VAL A 33 -44.08 -2.53 3.68
N MET A 34 -43.30 -1.95 4.59
CA MET A 34 -42.17 -2.64 5.20
C MET A 34 -42.54 -2.86 6.66
N THR A 35 -42.47 -4.12 7.10
CA THR A 35 -42.79 -4.46 8.48
C THR A 35 -41.51 -4.90 9.18
N PHE A 36 -41.23 -4.31 10.34
CA PHE A 36 -40.03 -4.65 11.09
C PHE A 36 -40.35 -5.15 12.49
N GLN A 37 -39.49 -6.01 13.01
CA GLN A 37 -39.65 -6.58 14.35
C GLN A 37 -38.44 -7.43 14.67
N VAL A 38 -38.25 -7.74 15.95
CA VAL A 38 -37.15 -8.60 16.35
C VAL A 38 -37.81 -9.92 16.74
N ASP A 39 -37.18 -11.06 16.41
CA ASP A 39 -37.79 -12.33 16.76
C ASP A 39 -37.59 -12.64 18.24
N SER A 40 -37.98 -13.82 18.68
CA SER A 40 -37.87 -14.17 20.09
C SER A 40 -36.44 -14.29 20.64
N LYS A 41 -35.45 -14.21 19.76
CA LYS A 41 -34.06 -14.28 20.21
C LYS A 41 -33.42 -12.91 19.97
N GLY A 42 -34.25 -11.94 19.60
CA GLY A 42 -33.76 -10.59 19.37
C GLY A 42 -33.11 -10.33 18.03
N ALA A 43 -33.42 -11.13 17.03
CA ALA A 43 -32.84 -10.94 15.71
C ALA A 43 -33.69 -9.96 14.89
N PRO A 44 -33.06 -8.89 14.37
CA PRO A 44 -33.79 -7.90 13.57
C PRO A 44 -34.37 -8.59 12.33
N THR A 45 -35.66 -8.40 12.10
CA THR A 45 -36.34 -9.04 10.98
C THR A 45 -37.20 -8.04 10.22
N TYR A 46 -37.12 -8.07 8.89
CA TYR A 46 -37.92 -7.17 8.07
C TYR A 46 -38.57 -7.92 6.91
N GLU A 47 -39.59 -7.31 6.34
CA GLU A 47 -40.29 -7.89 5.20
C GLU A 47 -40.87 -6.76 4.38
N LEU A 48 -41.13 -7.01 3.11
CA LEU A 48 -41.64 -5.97 2.22
C LEU A 48 -42.68 -6.49 1.26
N THR A 49 -43.76 -5.73 1.10
CA THR A 49 -44.81 -6.08 0.16
C THR A 49 -44.99 -4.92 -0.82
N TYR A 50 -45.46 -5.25 -2.01
CA TYR A 50 -45.72 -4.28 -3.07
C TYR A 50 -47.09 -4.63 -3.63
N LYS A 51 -48.04 -3.69 -3.53
CA LYS A 51 -49.39 -3.91 -4.01
C LYS A 51 -49.94 -5.23 -3.45
N ASN A 52 -49.68 -5.45 -2.16
CA ASN A 52 -50.12 -6.64 -1.44
C ASN A 52 -49.47 -7.94 -1.87
N LYS A 53 -48.37 -7.82 -2.60
CA LYS A 53 -47.64 -9.01 -3.04
C LYS A 53 -46.32 -9.05 -2.27
N VAL A 54 -45.94 -10.23 -1.80
CA VAL A 54 -44.70 -10.37 -1.06
C VAL A 54 -43.51 -10.18 -2.00
N VAL A 55 -42.62 -9.27 -1.62
CA VAL A 55 -41.41 -9.00 -2.39
C VAL A 55 -40.25 -9.58 -1.59
N ILE A 56 -40.23 -9.29 -0.30
CA ILE A 56 -39.20 -9.81 0.59
C ILE A 56 -39.89 -10.51 1.76
N LYS A 57 -39.68 -11.83 1.87
CA LYS A 57 -40.26 -12.60 2.96
C LYS A 57 -39.49 -12.23 4.23
N PRO A 58 -40.02 -12.58 5.41
CA PRO A 58 -39.30 -12.24 6.64
C PRO A 58 -37.82 -12.59 6.50
N SER A 59 -36.97 -11.58 6.60
CA SER A 59 -35.53 -11.75 6.46
C SER A 59 -34.78 -11.07 7.61
N THR A 60 -33.73 -11.73 8.10
CA THR A 60 -32.97 -11.17 9.20
C THR A 60 -31.88 -10.21 8.76
N LEU A 61 -31.46 -9.36 9.69
CA LEU A 61 -30.42 -8.37 9.48
C LEU A 61 -29.46 -8.42 10.65
N GLY A 62 -28.18 -8.20 10.39
CA GLY A 62 -27.20 -8.22 11.47
C GLY A 62 -25.82 -8.53 10.93
N LEU A 63 -24.82 -8.53 11.81
CA LEU A 63 -23.45 -8.82 11.42
C LEU A 63 -22.74 -9.63 12.49
N GLU A 64 -21.68 -10.32 12.08
CA GLU A 64 -20.87 -11.07 13.02
C GLU A 64 -19.53 -10.35 12.99
N LEU A 65 -18.98 -10.09 14.16
CA LEU A 65 -17.72 -9.37 14.25
C LEU A 65 -16.56 -10.33 14.54
N LYS A 66 -15.36 -9.92 14.14
CA LYS A 66 -14.18 -10.74 14.38
C LYS A 66 -13.89 -10.71 15.88
N LYS A 67 -13.49 -11.85 16.43
CA LYS A 67 -13.19 -11.92 17.85
C LYS A 67 -11.96 -11.04 18.09
N GLU A 68 -11.99 -10.22 19.13
CA GLU A 68 -10.88 -9.34 19.43
C GLU A 68 -9.65 -10.15 19.82
N ASP A 69 -8.52 -9.84 19.21
CA ASP A 69 -7.26 -10.53 19.48
C ASP A 69 -7.07 -10.78 20.98
N ASN A 70 -6.95 -12.05 21.33
CA ASN A 70 -6.76 -12.45 22.73
C ASN A 70 -5.68 -11.63 23.40
N LYS A 85 -17.43 -12.89 27.47
CA LYS A 85 -17.56 -11.56 26.86
C LYS A 85 -16.95 -11.51 25.45
N LEU A 86 -15.69 -11.88 25.33
CA LEU A 86 -15.00 -11.87 24.04
C LEU A 86 -15.78 -12.63 22.98
N ASP A 87 -16.58 -13.61 23.42
CA ASP A 87 -17.37 -14.40 22.49
C ASP A 87 -18.70 -13.70 22.18
N SER A 88 -19.29 -13.09 23.20
CA SER A 88 -20.55 -12.38 23.01
C SER A 88 -20.37 -11.13 22.18
N LYS A 89 -19.18 -10.53 22.25
CA LYS A 89 -18.90 -9.31 21.49
C LYS A 89 -18.88 -9.53 19.98
N THR A 90 -18.69 -10.78 19.55
CA THR A 90 -18.68 -11.09 18.13
C THR A 90 -20.09 -11.09 17.57
N ASN A 91 -21.07 -11.10 18.48
CA ASN A 91 -22.48 -11.12 18.09
C ASN A 91 -23.08 -9.73 17.91
N LEU A 92 -23.40 -9.39 16.67
CA LEU A 92 -24.05 -8.11 16.39
C LEU A 92 -25.22 -8.47 15.46
N TYR A 93 -25.83 -9.62 15.72
CA TYR A 93 -26.95 -10.08 14.90
C TYR A 93 -28.25 -10.38 15.65
N ASP A 94 -28.15 -10.66 16.95
CA ASP A 94 -29.38 -10.87 17.73
C ASP A 94 -29.22 -10.44 19.18
N GLY A 95 -30.24 -10.67 19.99
CA GLY A 95 -30.17 -10.25 21.38
C GLY A 95 -30.48 -8.76 21.47
N PHE A 96 -31.16 -8.25 20.45
CA PHE A 96 -31.53 -6.85 20.37
C PHE A 96 -32.94 -6.57 20.88
N GLU A 97 -33.13 -5.37 21.44
CA GLU A 97 -34.42 -4.93 21.94
C GLU A 97 -34.66 -3.58 21.25
N VAL A 98 -35.88 -3.31 20.82
CA VAL A 98 -36.17 -2.04 20.19
C VAL A 98 -36.22 -0.99 21.31
N LYS A 99 -35.21 -0.14 21.35
CA LYS A 99 -35.12 0.90 22.38
C LYS A 99 -35.86 2.17 22.01
N ASP A 100 -35.77 2.58 20.76
CA ASP A 100 -36.42 3.80 20.31
C ASP A 100 -36.70 3.73 18.80
N THR A 101 -37.63 4.54 18.33
CA THR A 101 -37.96 4.58 16.91
C THR A 101 -38.29 6.02 16.52
N GLN A 102 -37.77 6.45 15.38
CA GLN A 102 -38.03 7.79 14.89
C GLN A 102 -38.48 7.73 13.44
N THR A 103 -39.50 8.50 13.11
CA THR A 103 -40.02 8.54 11.75
C THR A 103 -39.86 9.94 11.20
N ALA A 104 -39.87 10.05 9.87
CA ALA A 104 -39.74 11.34 9.21
C ALA A 104 -40.05 11.17 7.73
N THR A 105 -40.36 12.27 7.07
CA THR A 105 -40.64 12.27 5.64
C THR A 105 -39.72 13.28 4.99
N PHE A 106 -39.21 12.94 3.81
CA PHE A 106 -38.32 13.82 3.08
C PHE A 106 -38.87 13.97 1.67
N ASP A 107 -38.85 15.19 1.15
CA ASP A 107 -39.34 15.44 -0.19
C ASP A 107 -38.65 16.69 -0.74
N GLU A 108 -37.53 16.48 -1.41
CA GLU A 108 -36.76 17.57 -1.99
C GLU A 108 -36.27 17.16 -3.37
N THR A 109 -36.09 18.15 -4.24
CA THR A 109 -35.63 17.90 -5.59
C THR A 109 -34.23 18.48 -5.74
N TRP A 110 -33.37 17.79 -6.48
CA TRP A 110 -32.01 18.27 -6.69
C TRP A 110 -31.64 18.07 -8.15
N GLN A 111 -30.56 18.71 -8.58
CA GLN A 111 -30.11 18.61 -9.96
C GLN A 111 -28.69 18.07 -10.10
N PRO A 112 -28.52 16.97 -10.83
CA PRO A 112 -27.17 16.43 -11.01
C PRO A 112 -26.42 17.28 -12.03
N VAL A 113 -25.09 17.24 -11.99
CA VAL A 113 -24.28 18.02 -12.92
C VAL A 113 -24.55 17.49 -14.33
N TRP A 114 -24.63 16.17 -14.44
CA TRP A 114 -24.94 15.48 -15.69
C TRP A 114 -25.82 14.30 -15.32
N GLY A 115 -26.72 13.91 -16.21
CA GLY A 115 -27.60 12.80 -15.91
C GLY A 115 -28.62 12.49 -16.98
N GLU A 116 -29.59 11.64 -16.64
CA GLU A 116 -30.63 11.23 -17.58
C GLU A 116 -31.77 12.24 -17.63
N GLU A 117 -31.84 13.13 -16.64
CA GLU A 117 -32.85 14.18 -16.62
C GLU A 117 -32.33 15.37 -15.82
N LYS A 118 -32.96 16.52 -16.01
CA LYS A 118 -32.54 17.74 -15.33
C LYS A 118 -32.67 17.71 -13.81
N GLU A 119 -33.81 17.25 -13.31
CA GLU A 119 -34.05 17.20 -11.88
C GLU A 119 -34.47 15.82 -11.39
N ILE A 120 -34.09 15.52 -10.16
CA ILE A 120 -34.41 14.26 -9.52
C ILE A 120 -35.16 14.55 -8.22
N ARG A 121 -36.27 13.87 -8.01
CA ARG A 121 -37.05 14.06 -6.80
C ARG A 121 -36.67 12.98 -5.79
N ASN A 122 -36.37 13.40 -4.57
CA ASN A 122 -35.99 12.48 -3.50
C ASN A 122 -37.14 12.53 -2.49
N HIS A 123 -38.05 11.56 -2.60
CA HIS A 123 -39.24 11.52 -1.75
C HIS A 123 -39.40 10.16 -1.07
N TYR A 124 -39.29 10.14 0.26
CA TYR A 124 -39.41 8.89 0.99
C TYR A 124 -39.93 9.07 2.41
N ASN A 125 -40.44 7.97 2.97
CA ASN A 125 -40.89 7.96 4.36
C ASN A 125 -39.80 7.15 5.04
N GLU A 126 -39.32 7.63 6.18
CA GLU A 126 -38.24 6.96 6.89
C GLU A 126 -38.60 6.45 8.28
N LEU A 127 -37.95 5.36 8.65
CA LEU A 127 -38.11 4.75 9.96
C LEU A 127 -36.73 4.37 10.45
N ALA A 128 -36.32 4.95 11.57
CA ALA A 128 -35.02 4.66 12.17
C ALA A 128 -35.28 3.90 13.46
N VAL A 129 -34.71 2.70 13.56
CA VAL A 129 -34.90 1.87 14.74
C VAL A 129 -33.61 1.74 15.55
N THR A 130 -33.65 2.16 16.81
CA THR A 130 -32.48 2.05 17.67
C THR A 130 -32.60 0.71 18.38
N LEU A 131 -31.61 -0.16 18.17
CA LEU A 131 -31.59 -1.49 18.76
C LEU A 131 -30.54 -1.62 19.85
N TYR A 132 -30.98 -1.94 21.06
CA TYR A 132 -30.07 -2.10 22.18
C TYR A 132 -29.79 -3.57 22.43
N GLN A 133 -28.52 -3.89 22.66
CA GLN A 133 -28.10 -5.25 22.90
C GLN A 133 -27.59 -5.34 24.35
N PRO A 134 -28.48 -5.75 25.28
CA PRO A 134 -28.13 -5.87 26.70
C PRO A 134 -26.85 -6.62 27.04
N MET A 135 -26.65 -7.79 26.43
CA MET A 135 -25.46 -8.58 26.73
C MET A 135 -24.13 -7.89 26.46
N ASN A 136 -24.11 -6.93 25.54
CA ASN A 136 -22.87 -6.22 25.22
C ASN A 136 -22.97 -4.72 25.55
N ASP A 137 -24.09 -4.32 26.13
CA ASP A 137 -24.33 -2.93 26.50
C ASP A 137 -23.97 -1.98 25.37
N ARG A 138 -24.51 -2.24 24.18
CA ARG A 138 -24.24 -1.39 23.02
C ARG A 138 -25.46 -1.35 22.12
N SER A 139 -25.53 -0.32 21.29
CA SER A 139 -26.67 -0.18 20.40
C SER A 139 -26.26 0.16 18.98
N ILE A 140 -27.14 -0.17 18.04
CA ILE A 140 -26.92 0.14 16.64
C ILE A 140 -28.24 0.71 16.16
N VAL A 141 -28.22 1.29 14.98
CA VAL A 141 -29.43 1.85 14.40
C VAL A 141 -29.60 1.29 13.00
N ILE A 142 -30.83 0.91 12.66
CA ILE A 142 -31.09 0.44 11.31
C ILE A 142 -32.05 1.47 10.76
N ARG A 143 -31.64 2.16 9.71
CA ARG A 143 -32.47 3.19 9.10
C ARG A 143 -33.08 2.68 7.80
N PHE A 144 -34.39 2.83 7.70
CA PHE A 144 -35.16 2.39 6.54
C PHE A 144 -35.75 3.59 5.81
N ARG A 145 -35.61 3.61 4.50
CA ARG A 145 -36.19 4.67 3.69
C ARG A 145 -37.01 4.00 2.60
N LEU A 146 -38.31 4.27 2.60
CA LEU A 146 -39.21 3.65 1.66
C LEU A 146 -39.76 4.64 0.62
N PHE A 147 -39.48 4.33 -0.64
CA PHE A 147 -39.90 5.14 -1.78
C PHE A 147 -41.04 4.42 -2.50
N ASN A 148 -41.67 5.10 -3.46
CA ASN A 148 -42.75 4.47 -4.20
C ASN A 148 -42.23 3.37 -5.12
N ASP A 149 -40.91 3.35 -5.31
CA ASP A 149 -40.32 2.33 -6.17
C ASP A 149 -39.30 1.42 -5.48
N GLY A 150 -39.26 1.46 -4.15
CA GLY A 150 -38.32 0.58 -3.48
C GLY A 150 -37.94 0.95 -2.07
N LEU A 151 -37.19 0.04 -1.46
CA LEU A 151 -36.73 0.19 -0.09
C LEU A 151 -35.21 0.24 0.01
N GLY A 152 -34.73 1.10 0.90
CA GLY A 152 -33.31 1.21 1.14
C GLY A 152 -33.09 1.13 2.64
N PHE A 153 -32.07 0.40 3.06
CA PHE A 153 -31.78 0.32 4.50
C PHE A 153 -30.28 0.25 4.74
N ARG A 154 -29.85 0.67 5.92
CA ARG A 154 -28.44 0.63 6.27
C ARG A 154 -28.29 0.53 7.77
N TYR A 155 -27.14 0.06 8.21
CA TYR A 155 -26.84 -0.06 9.64
C TYR A 155 -26.00 1.14 10.02
N GLU A 156 -26.26 1.67 11.21
CA GLU A 156 -25.50 2.81 11.71
C GLU A 156 -24.93 2.42 13.06
N PHE A 157 -23.65 2.70 13.25
CA PHE A 157 -22.96 2.34 14.49
C PHE A 157 -22.52 3.61 15.22
N PRO A 158 -23.32 4.05 16.20
CA PRO A 158 -23.01 5.26 16.98
C PRO A 158 -21.76 5.14 17.84
N GLN A 159 -21.10 6.26 18.07
CA GLN A 159 -19.92 6.28 18.91
C GLN A 159 -20.44 6.07 20.32
N GLN A 160 -19.87 5.10 21.02
CA GLN A 160 -20.30 4.79 22.37
C GLN A 160 -19.19 4.13 23.15
N LYS A 161 -19.40 3.97 24.45
CA LYS A 161 -18.41 3.36 25.31
C LYS A 161 -18.02 1.94 24.94
N SER A 162 -18.99 1.14 24.49
CA SER A 162 -18.72 -0.25 24.15
C SER A 162 -18.68 -0.62 22.66
N LEU A 163 -18.55 0.37 21.79
CA LEU A 163 -18.46 0.10 20.36
C LEU A 163 -17.70 1.24 19.70
N ASN A 164 -16.40 1.02 19.50
CA ASN A 164 -15.54 2.01 18.89
C ASN A 164 -14.87 1.39 17.67
N TYR A 165 -13.79 0.64 17.90
CA TYR A 165 -13.11 -0.03 16.79
C TYR A 165 -13.58 -1.48 16.74
N PHE A 166 -13.97 -1.93 15.55
CA PHE A 166 -14.39 -3.32 15.39
C PHE A 166 -14.15 -3.79 13.96
N VAL A 167 -13.99 -5.10 13.81
CA VAL A 167 -13.74 -5.69 12.52
C VAL A 167 -14.90 -6.60 12.18
N ILE A 168 -15.41 -6.47 10.96
CA ILE A 168 -16.53 -7.28 10.51
C ILE A 168 -16.06 -8.63 9.97
N LYS A 169 -16.64 -9.71 10.48
CA LYS A 169 -16.31 -11.04 10.00
C LYS A 169 -17.17 -11.27 8.77
N GLU A 170 -18.47 -11.00 8.90
CA GLU A 170 -19.41 -11.15 7.81
C GLU A 170 -20.66 -10.31 8.06
N GLU A 171 -21.23 -9.76 7.00
CA GLU A 171 -22.48 -9.02 7.15
C GLU A 171 -23.54 -10.06 6.80
N HIS A 172 -24.64 -10.05 7.54
CA HIS A 172 -25.70 -11.02 7.32
C HIS A 172 -27.05 -10.37 6.97
N SER A 173 -27.06 -9.59 5.90
CA SER A 173 -28.29 -8.94 5.46
C SER A 173 -28.99 -9.89 4.50
N GLN A 174 -30.20 -10.30 4.85
CA GLN A 174 -30.94 -11.23 4.01
C GLN A 174 -31.97 -10.57 3.10
N PHE A 175 -32.23 -11.24 1.99
CA PHE A 175 -33.21 -10.80 1.00
C PHE A 175 -33.95 -12.09 0.62
N GLY A 176 -35.01 -12.40 1.36
CA GLY A 176 -35.76 -13.62 1.09
C GLY A 176 -36.75 -13.48 -0.04
N MET A 177 -36.56 -14.29 -1.08
CA MET A 177 -37.44 -14.25 -2.25
C MET A 177 -38.70 -15.07 -1.99
N ASN A 178 -39.78 -14.72 -2.68
CA ASN A 178 -41.06 -15.41 -2.51
C ASN A 178 -41.25 -16.52 -3.53
N GLY A 179 -40.24 -16.76 -4.36
CA GLY A 179 -40.34 -17.80 -5.37
C GLY A 179 -39.05 -18.03 -6.13
N ASP A 180 -39.08 -19.00 -7.02
CA ASP A 180 -37.93 -19.35 -7.85
C ASP A 180 -37.95 -18.44 -9.08
N HIS A 181 -37.59 -17.17 -8.87
CA HIS A 181 -37.60 -16.17 -9.93
C HIS A 181 -36.58 -16.41 -11.04
N ILE A 182 -36.75 -15.65 -12.11
CA ILE A 182 -35.82 -15.69 -13.24
C ILE A 182 -34.83 -14.58 -12.87
N ALA A 183 -33.55 -14.89 -12.95
CA ALA A 183 -32.52 -13.90 -12.63
C ALA A 183 -31.60 -13.64 -13.81
N PHE A 184 -31.08 -12.43 -13.86
CA PHE A 184 -30.14 -11.99 -14.90
C PHE A 184 -28.91 -11.74 -14.04
N TRP A 185 -27.95 -12.67 -14.09
CA TRP A 185 -26.79 -12.59 -13.22
C TRP A 185 -25.42 -12.92 -13.78
N ILE A 186 -24.39 -12.51 -13.04
CA ILE A 186 -23.00 -12.83 -13.38
C ILE A 186 -22.40 -13.40 -12.10
N PRO A 187 -21.43 -14.30 -12.23
CA PRO A 187 -20.78 -14.93 -11.07
C PRO A 187 -20.23 -13.97 -10.01
N GLY A 188 -20.48 -14.29 -8.74
CA GLY A 188 -19.97 -13.48 -7.64
C GLY A 188 -18.45 -13.59 -7.76
N ASP A 189 -17.75 -12.46 -7.68
CA ASP A 189 -16.30 -12.48 -7.86
C ASP A 189 -15.66 -11.27 -7.17
N TYR A 190 -14.53 -11.48 -6.51
CA TYR A 190 -13.85 -10.39 -5.80
C TYR A 190 -12.94 -9.56 -6.71
N ASP A 191 -12.74 -10.01 -7.93
CA ASP A 191 -11.80 -9.32 -8.82
C ASP A 191 -12.25 -8.87 -10.19
N THR A 192 -13.31 -9.45 -10.74
CA THR A 192 -13.77 -9.04 -12.06
C THR A 192 -15.29 -9.11 -12.20
N GLN A 193 -15.82 -8.31 -13.12
CA GLN A 193 -17.25 -8.31 -13.43
C GLN A 193 -17.37 -8.42 -14.95
N GLU A 194 -16.26 -8.74 -15.62
CA GLU A 194 -16.27 -8.83 -17.08
C GLU A 194 -16.81 -10.14 -17.63
N TYR A 195 -17.94 -10.57 -17.06
CA TYR A 195 -18.61 -11.81 -17.46
C TYR A 195 -19.88 -11.53 -18.25
N ASP A 196 -20.23 -12.46 -19.13
CA ASP A 196 -21.48 -12.36 -19.88
C ASP A 196 -22.55 -12.74 -18.87
N TYR A 197 -23.74 -12.17 -19.03
CA TYR A 197 -24.85 -12.48 -18.15
C TYR A 197 -25.48 -13.82 -18.50
N THR A 198 -26.12 -14.41 -17.50
CA THR A 198 -26.83 -15.67 -17.67
C THR A 198 -28.26 -15.41 -17.23
N ILE A 199 -29.22 -15.98 -17.95
CA ILE A 199 -30.62 -15.81 -17.62
C ILE A 199 -31.12 -17.18 -17.21
N SER A 200 -31.48 -17.34 -15.93
CA SER A 200 -31.95 -18.63 -15.45
C SER A 200 -32.75 -18.50 -14.17
N ARG A 201 -33.38 -19.60 -13.77
CA ARG A 201 -34.14 -19.63 -12.54
C ARG A 201 -33.11 -19.62 -11.41
N LEU A 202 -33.52 -19.17 -10.23
CA LEU A 202 -32.62 -19.16 -9.09
C LEU A 202 -32.14 -20.57 -8.80
N SER A 203 -33.03 -21.55 -8.97
CA SER A 203 -32.69 -22.94 -8.72
C SER A 203 -31.73 -23.53 -9.74
N GLU A 204 -31.48 -22.78 -10.83
CA GLU A 204 -30.59 -23.24 -11.88
C GLU A 204 -29.20 -22.63 -11.82
N ILE A 205 -29.01 -21.63 -10.97
CA ILE A 205 -27.73 -20.96 -10.85
C ILE A 205 -26.58 -21.90 -10.49
N ARG A 206 -26.80 -22.73 -9.47
CA ARG A 206 -25.77 -23.68 -9.02
C ARG A 206 -25.21 -24.52 -10.16
N GLY A 207 -26.09 -25.10 -10.95
CA GLY A 207 -25.64 -25.94 -12.06
C GLY A 207 -25.03 -25.20 -13.22
N LEU A 208 -25.26 -23.90 -13.30
CA LEU A 208 -24.75 -23.09 -14.39
C LEU A 208 -23.49 -22.28 -14.05
N MET A 209 -23.16 -22.19 -12.76
CA MET A 209 -22.01 -21.41 -12.32
C MET A 209 -20.69 -21.76 -13.00
N LYS A 210 -20.37 -23.05 -13.07
CA LYS A 210 -19.10 -23.46 -13.68
C LYS A 210 -18.89 -22.91 -15.09
N GLU A 211 -19.92 -23.03 -15.94
CA GLU A 211 -19.81 -22.53 -17.30
C GLU A 211 -19.93 -21.02 -17.39
N ALA A 212 -20.56 -20.40 -16.39
CA ALA A 212 -20.73 -18.95 -16.38
C ALA A 212 -19.42 -18.25 -16.06
N ILE A 213 -18.52 -18.94 -15.36
CA ILE A 213 -17.23 -18.36 -15.00
C ILE A 213 -16.24 -18.63 -16.13
N THR A 214 -16.04 -17.62 -16.97
CA THR A 214 -15.11 -17.72 -18.08
C THR A 214 -13.75 -17.14 -17.67
N PRO A 215 -12.68 -17.48 -18.41
CA PRO A 215 -11.33 -17.01 -18.11
C PRO A 215 -11.14 -15.49 -18.07
N ASN A 216 -10.39 -15.01 -17.09
CA ASN A 216 -10.10 -13.59 -16.95
C ASN A 216 -8.75 -13.37 -16.27
N SER A 217 -8.09 -12.27 -16.63
CA SER A 217 -6.78 -11.92 -16.08
C SER A 217 -6.69 -11.95 -14.54
N SER A 218 -7.78 -11.57 -13.89
CA SER A 218 -7.82 -11.57 -12.43
C SER A 218 -9.24 -11.86 -12.01
N GLN A 219 -9.45 -13.02 -11.38
CA GLN A 219 -10.78 -13.41 -10.95
C GLN A 219 -10.74 -14.29 -9.71
N THR A 220 -11.69 -14.07 -8.82
CA THR A 220 -11.80 -14.87 -7.61
C THR A 220 -13.26 -15.14 -7.25
N PRO A 221 -13.84 -16.19 -7.88
CA PRO A 221 -15.24 -16.55 -7.60
C PRO A 221 -15.26 -17.03 -6.15
N PHE A 222 -16.40 -16.93 -5.47
CA PHE A 222 -16.43 -17.35 -4.07
C PHE A 222 -17.47 -18.40 -3.71
N SER A 223 -18.45 -18.62 -4.58
CA SER A 223 -19.50 -19.59 -4.27
C SER A 223 -20.18 -20.13 -5.52
N GLN A 224 -20.62 -21.38 -5.44
CA GLN A 224 -21.31 -22.03 -6.54
C GLN A 224 -22.67 -21.37 -6.76
N THR A 225 -23.09 -20.55 -5.80
CA THR A 225 -24.37 -19.85 -5.89
C THR A 225 -24.22 -18.36 -5.57
N GLY A 226 -23.01 -17.84 -5.80
CA GLY A 226 -22.76 -16.44 -5.54
C GLY A 226 -22.91 -15.62 -6.81
N VAL A 227 -23.54 -14.44 -6.67
CA VAL A 227 -23.74 -13.55 -7.80
C VAL A 227 -23.39 -12.11 -7.39
N GLN A 228 -23.21 -11.25 -8.37
CA GLN A 228 -22.87 -9.86 -8.08
C GLN A 228 -24.13 -8.99 -8.11
N THR A 229 -23.99 -7.74 -7.66
CA THR A 229 -25.11 -6.80 -7.72
C THR A 229 -24.62 -5.69 -8.65
N ALA A 230 -25.54 -4.92 -9.24
CA ALA A 230 -26.98 -5.09 -9.05
C ALA A 230 -27.52 -6.35 -9.71
N LEU A 231 -28.36 -7.05 -8.97
CA LEU A 231 -28.99 -8.29 -9.44
C LEU A 231 -30.41 -7.98 -9.91
N MET A 232 -30.75 -8.42 -11.11
CA MET A 232 -32.08 -8.19 -11.68
C MET A 232 -32.88 -9.49 -11.72
N MET A 233 -34.16 -9.41 -11.38
CA MET A 233 -35.04 -10.59 -11.38
C MET A 233 -36.43 -10.27 -11.90
N LYS A 234 -37.09 -11.30 -12.41
CA LYS A 234 -38.45 -11.21 -12.92
C LYS A 234 -39.22 -12.34 -12.24
N THR A 235 -40.30 -11.99 -11.55
CA THR A 235 -41.10 -12.98 -10.84
C THR A 235 -42.27 -13.54 -11.64
N ASP A 236 -42.74 -14.71 -11.24
CA ASP A 236 -43.86 -15.34 -11.93
C ASP A 236 -45.15 -14.55 -11.74
N ASP A 237 -45.23 -13.75 -10.69
CA ASP A 237 -46.44 -12.96 -10.47
C ASP A 237 -46.35 -11.53 -10.98
N GLY A 238 -45.57 -11.34 -12.05
CA GLY A 238 -45.45 -10.04 -12.68
C GLY A 238 -44.59 -8.94 -12.09
N LEU A 239 -43.68 -9.26 -11.18
CA LEU A 239 -42.84 -8.23 -10.58
C LEU A 239 -41.41 -8.24 -11.11
N TYR A 240 -40.77 -7.09 -11.01
CA TYR A 240 -39.38 -6.92 -11.40
C TYR A 240 -38.69 -6.43 -10.14
N ILE A 241 -37.66 -7.16 -9.72
CA ILE A 241 -36.93 -6.85 -8.50
C ILE A 241 -35.44 -6.69 -8.77
N ASN A 242 -34.87 -5.61 -8.23
CA ASN A 242 -33.45 -5.34 -8.39
C ASN A 242 -32.83 -5.21 -6.99
N LEU A 243 -31.79 -6.00 -6.71
CA LEU A 243 -31.11 -5.97 -5.42
C LEU A 243 -29.71 -5.35 -5.66
N HIS A 244 -29.37 -4.34 -4.86
CA HIS A 244 -28.11 -3.64 -5.06
C HIS A 244 -27.71 -2.92 -3.77
N GLU A 245 -26.71 -2.06 -3.86
CA GLU A 245 -26.29 -1.28 -2.71
C GLU A 245 -25.99 0.14 -3.21
N ALA A 246 -25.94 1.09 -2.29
CA ALA A 246 -25.67 2.49 -2.66
C ALA A 246 -24.71 3.14 -1.67
N ALA A 247 -23.85 4.02 -2.19
CA ALA A 247 -22.87 4.75 -1.38
C ALA A 247 -21.84 3.84 -0.74
N LEU A 248 -21.18 3.02 -1.56
CA LEU A 248 -20.15 2.11 -1.09
C LEU A 248 -18.88 2.89 -0.79
N VAL A 249 -18.77 3.36 0.46
CA VAL A 249 -17.64 4.15 0.91
C VAL A 249 -17.14 3.61 2.25
N ASP A 250 -15.81 3.54 2.41
CA ASP A 250 -15.19 3.03 3.63
C ASP A 250 -15.85 1.73 4.08
N TYR A 251 -15.95 0.80 3.15
CA TYR A 251 -16.59 -0.49 3.40
C TYR A 251 -16.20 -1.42 2.26
N SER A 252 -16.39 -2.71 2.46
CA SER A 252 -16.07 -3.70 1.44
C SER A 252 -17.28 -3.92 0.52
N CYS A 253 -17.00 -4.18 -0.76
CA CYS A 253 -18.05 -4.40 -1.75
C CYS A 253 -18.94 -5.60 -1.41
N MET A 254 -20.24 -5.43 -1.57
CA MET A 254 -21.21 -6.47 -1.28
C MET A 254 -21.60 -7.28 -2.50
N HIS A 255 -21.58 -8.61 -2.34
CA HIS A 255 -22.01 -9.54 -3.38
C HIS A 255 -23.18 -10.26 -2.73
N LEU A 256 -23.80 -11.19 -3.44
CA LEU A 256 -24.92 -11.92 -2.85
C LEU A 256 -24.71 -13.41 -2.98
N ASN A 257 -24.96 -14.14 -1.89
CA ASN A 257 -24.82 -15.58 -1.91
C ASN A 257 -26.21 -16.17 -1.76
N LEU A 258 -26.57 -17.06 -2.68
CA LEU A 258 -27.89 -17.67 -2.66
C LEU A 258 -28.01 -19.00 -1.95
N ASP A 259 -29.01 -19.07 -1.07
CA ASP A 259 -29.36 -20.30 -0.37
C ASP A 259 -30.45 -20.75 -1.32
N ASP A 260 -30.13 -21.67 -2.23
CA ASP A 260 -31.11 -22.11 -3.22
C ASP A 260 -32.13 -23.14 -2.74
N LYS A 261 -32.17 -23.38 -1.44
CA LYS A 261 -33.15 -24.30 -0.87
C LYS A 261 -34.30 -23.42 -0.38
N ASN A 262 -33.96 -22.35 0.33
CA ASN A 262 -34.95 -21.43 0.87
C ASN A 262 -35.11 -20.17 0.02
N MET A 263 -34.34 -20.08 -1.05
CA MET A 263 -34.38 -18.94 -1.95
C MET A 263 -34.12 -17.63 -1.24
N VAL A 264 -33.04 -17.60 -0.46
CA VAL A 264 -32.66 -16.41 0.27
C VAL A 264 -31.30 -15.91 -0.19
N PHE A 265 -31.23 -14.65 -0.59
CA PHE A 265 -29.96 -14.05 -1.00
C PHE A 265 -29.41 -13.38 0.26
N GLU A 266 -28.11 -13.50 0.50
CA GLU A 266 -27.54 -12.88 1.68
C GLU A 266 -26.26 -12.14 1.34
N SER A 267 -26.07 -10.99 1.97
CA SER A 267 -24.88 -10.19 1.74
C SER A 267 -23.62 -11.01 1.98
N TRP A 268 -22.67 -10.90 1.06
CA TRP A 268 -21.40 -11.61 1.17
C TRP A 268 -20.35 -10.56 0.78
N LEU A 269 -19.66 -10.02 1.78
CA LEU A 269 -18.67 -8.98 1.53
C LEU A 269 -17.35 -9.52 1.02
N THR A 270 -16.53 -8.63 0.47
CA THR A 270 -15.24 -9.00 -0.09
C THR A 270 -14.16 -9.00 0.99
N PRO A 271 -13.46 -10.12 1.17
CA PRO A 271 -12.41 -10.22 2.18
C PRO A 271 -11.12 -9.52 1.82
N ASP A 272 -10.36 -9.13 2.84
CA ASP A 272 -9.07 -8.50 2.62
C ASP A 272 -8.04 -9.63 2.57
N ALA A 273 -6.75 -9.29 2.57
CA ALA A 273 -5.71 -10.31 2.47
C ALA A 273 -5.68 -11.32 3.62
N LYS A 274 -6.33 -10.98 4.74
CA LYS A 274 -6.34 -11.87 5.89
C LYS A 274 -7.70 -12.55 6.08
N GLY A 275 -8.63 -12.28 5.17
CA GLY A 275 -9.95 -12.89 5.25
C GLY A 275 -11.00 -12.06 5.97
N ASP A 276 -10.61 -10.91 6.50
CA ASP A 276 -11.54 -10.06 7.23
C ASP A 276 -12.37 -9.21 6.27
N LYS A 277 -13.53 -8.75 6.72
CA LYS A 277 -14.41 -8.01 5.83
C LYS A 277 -14.81 -6.58 6.21
N GLY A 278 -13.91 -5.85 6.84
CA GLY A 278 -14.22 -4.48 7.16
C GLY A 278 -13.68 -3.95 8.47
N TYR A 279 -12.84 -2.91 8.39
CA TYR A 279 -12.29 -2.28 9.58
C TYR A 279 -13.12 -1.03 9.84
N MET A 280 -13.87 -1.05 10.92
CA MET A 280 -14.76 0.05 11.27
C MET A 280 -14.33 0.83 12.52
N GLN A 281 -14.78 2.08 12.58
CA GLN A 281 -14.52 2.96 13.72
C GLN A 281 -15.73 3.86 13.85
N THR A 282 -16.43 3.75 14.98
CA THR A 282 -17.62 4.56 15.21
C THR A 282 -17.26 6.03 15.42
N PRO A 283 -18.16 6.94 15.00
CA PRO A 283 -19.44 6.65 14.34
C PRO A 283 -19.21 6.29 12.88
N CYS A 284 -19.92 5.28 12.40
CA CYS A 284 -19.79 4.85 11.01
C CYS A 284 -21.06 4.15 10.55
N ASN A 285 -21.23 4.06 9.24
CA ASN A 285 -22.40 3.41 8.66
C ASN A 285 -22.01 2.47 7.55
N THR A 286 -22.86 1.49 7.30
CA THR A 286 -22.63 0.57 6.21
C THR A 286 -23.26 1.28 5.02
N PRO A 287 -22.99 0.80 3.80
CA PRO A 287 -23.59 1.46 2.65
C PRO A 287 -25.07 1.06 2.71
N TRP A 288 -25.89 1.65 1.87
CA TRP A 288 -27.29 1.29 1.84
C TRP A 288 -27.47 0.01 1.04
N ARG A 289 -28.51 -0.74 1.37
CA ARG A 289 -28.86 -1.97 0.65
C ARG A 289 -30.21 -1.62 0.04
N THR A 290 -30.37 -1.87 -1.25
CA THR A 290 -31.60 -1.50 -1.93
C THR A 290 -32.39 -2.60 -2.62
N ILE A 291 -33.70 -2.43 -2.57
CA ILE A 291 -34.64 -3.34 -3.20
C ILE A 291 -35.56 -2.47 -4.03
N ILE A 292 -35.33 -2.43 -5.34
CA ILE A 292 -36.14 -1.64 -6.26
C ILE A 292 -37.14 -2.60 -6.87
N VAL A 293 -38.43 -2.25 -6.81
CA VAL A 293 -39.45 -3.14 -7.33
C VAL A 293 -40.61 -2.42 -7.99
N SER A 294 -41.17 -3.06 -9.01
CA SER A 294 -42.31 -2.52 -9.75
C SER A 294 -42.89 -3.61 -10.63
N ASP A 295 -44.13 -3.42 -11.08
CA ASP A 295 -44.74 -4.41 -11.97
C ASP A 295 -44.51 -3.98 -13.41
N ASP A 296 -43.75 -2.90 -13.58
CA ASP A 296 -43.42 -2.37 -14.90
C ASP A 296 -41.89 -2.25 -14.97
N ALA A 297 -41.27 -3.05 -15.84
CA ALA A 297 -39.82 -3.05 -15.98
C ALA A 297 -39.25 -1.65 -16.23
N ARG A 298 -39.97 -0.83 -16.97
CA ARG A 298 -39.50 0.52 -17.26
C ARG A 298 -39.25 1.34 -16.00
N ASN A 299 -40.02 1.07 -14.94
CA ASN A 299 -39.86 1.79 -13.69
C ASN A 299 -38.57 1.46 -12.97
N ILE A 300 -37.98 0.31 -13.29
CA ILE A 300 -36.72 -0.07 -12.66
C ILE A 300 -35.64 0.85 -13.23
N LEU A 301 -35.72 1.09 -14.53
CA LEU A 301 -34.77 1.98 -15.19
C LEU A 301 -34.97 3.41 -14.73
N ALA A 302 -36.21 3.78 -14.47
CA ALA A 302 -36.54 5.14 -14.04
C ALA A 302 -36.21 5.45 -12.59
N SER A 303 -35.99 4.42 -11.78
CA SER A 303 -35.71 4.64 -10.36
C SER A 303 -34.41 5.41 -10.13
N ARG A 304 -34.45 6.31 -9.16
CA ARG A 304 -33.29 7.11 -8.79
C ARG A 304 -32.97 6.88 -7.32
N ILE A 305 -33.40 5.74 -6.79
CA ILE A 305 -33.15 5.42 -5.38
C ILE A 305 -31.65 5.40 -5.08
N THR A 306 -30.88 4.77 -5.95
CA THR A 306 -29.44 4.67 -5.72
C THR A 306 -28.80 6.05 -5.58
N LEU A 307 -29.05 6.93 -6.55
CA LEU A 307 -28.48 8.28 -6.48
C LEU A 307 -29.03 9.06 -5.30
N ASN A 308 -30.33 8.91 -5.04
CA ASN A 308 -30.95 9.64 -3.93
C ASN A 308 -30.39 9.28 -2.56
N LEU A 309 -29.85 8.07 -2.43
CA LEU A 309 -29.29 7.63 -1.17
C LEU A 309 -27.84 8.05 -0.96
N ASN A 310 -27.23 8.68 -1.97
CA ASN A 310 -25.86 9.12 -1.84
C ASN A 310 -25.80 10.54 -1.28
N GLU A 311 -24.65 10.89 -0.70
CA GLU A 311 -24.45 12.22 -0.13
C GLU A 311 -24.42 13.26 -1.24
N PRO A 312 -24.93 14.47 -0.96
CA PRO A 312 -24.95 15.54 -1.96
C PRO A 312 -23.57 15.91 -2.48
N CYS A 313 -23.54 16.48 -3.68
CA CYS A 313 -22.31 16.90 -4.33
C CYS A 313 -21.36 17.64 -3.38
N LYS A 314 -20.10 17.23 -3.35
CA LYS A 314 -19.10 17.85 -2.49
C LYS A 314 -18.08 18.70 -3.25
N ILE A 315 -18.28 18.80 -4.57
CA ILE A 315 -17.40 19.61 -5.42
C ILE A 315 -18.15 20.91 -5.71
N ALA A 316 -17.91 21.91 -4.87
CA ALA A 316 -18.58 23.22 -4.99
C ALA A 316 -18.61 23.84 -6.37
N ASP A 317 -17.49 23.81 -7.08
CA ASP A 317 -17.43 24.42 -8.42
C ASP A 317 -17.55 23.42 -9.56
N ALA A 318 -18.12 22.26 -9.27
CA ALA A 318 -18.28 21.20 -10.27
C ALA A 318 -18.82 21.69 -11.61
N ALA A 319 -19.90 22.48 -11.56
CA ALA A 319 -20.51 22.97 -12.79
C ALA A 319 -19.58 23.79 -13.67
N SER A 320 -18.53 24.34 -13.10
CA SER A 320 -17.59 25.16 -13.86
C SER A 320 -16.55 24.38 -14.67
N TRP A 321 -16.30 23.12 -14.29
CA TRP A 321 -15.32 22.35 -15.03
C TRP A 321 -15.71 20.92 -15.43
N VAL A 322 -16.62 20.29 -14.69
CA VAL A 322 -17.04 18.94 -15.04
C VAL A 322 -17.97 19.02 -16.26
N LYS A 323 -17.68 18.22 -17.28
CA LYS A 323 -18.49 18.24 -18.49
C LYS A 323 -18.41 16.93 -19.28
N PRO A 324 -19.50 16.58 -19.97
CA PRO A 324 -19.55 15.35 -20.76
C PRO A 324 -18.46 15.35 -21.83
N VAL A 325 -18.08 14.15 -22.28
CA VAL A 325 -17.03 14.00 -23.26
C VAL A 325 -17.35 12.95 -24.32
N LYS A 326 -17.34 13.34 -25.59
CA LYS A 326 -17.55 12.39 -26.68
C LYS A 326 -16.14 12.25 -27.26
N TYR A 327 -15.66 11.02 -27.40
CA TYR A 327 -14.30 10.83 -27.89
C TYR A 327 -14.07 9.64 -28.81
N ILE A 328 -12.88 9.63 -29.41
CA ILE A 328 -12.42 8.54 -30.26
C ILE A 328 -11.05 8.25 -29.67
N GLY A 329 -10.32 7.28 -30.22
CA GLY A 329 -9.01 7.03 -29.66
C GLY A 329 -8.15 5.98 -30.34
N VAL A 330 -6.85 6.08 -30.11
CA VAL A 330 -5.90 5.11 -30.63
C VAL A 330 -6.10 4.06 -29.55
N TRP A 331 -6.92 3.06 -29.87
CA TRP A 331 -7.29 2.05 -28.90
C TRP A 331 -7.66 0.70 -29.51
N TRP A 332 -8.68 0.70 -30.36
CA TRP A 332 -9.17 -0.53 -31.01
C TRP A 332 -8.03 -1.27 -31.70
N ASP A 333 -7.03 -0.53 -32.19
CA ASP A 333 -5.86 -1.14 -32.83
C ASP A 333 -5.27 -2.21 -31.92
N MET A 334 -4.98 -1.82 -30.68
CA MET A 334 -4.37 -2.73 -29.72
C MET A 334 -5.33 -3.80 -29.20
N ILE A 335 -6.59 -3.42 -28.99
CA ILE A 335 -7.57 -4.36 -28.49
C ILE A 335 -7.78 -5.53 -29.46
N THR A 336 -7.75 -5.25 -30.76
CA THR A 336 -7.94 -6.28 -31.77
C THR A 336 -6.65 -7.03 -32.10
N GLY A 337 -5.51 -6.43 -31.77
CA GLY A 337 -4.23 -7.07 -32.05
C GLY A 337 -3.55 -6.52 -33.28
N LYS A 338 -4.21 -5.58 -33.96
CA LYS A 338 -3.65 -4.96 -35.16
C LYS A 338 -2.38 -4.19 -34.78
N GLY A 339 -2.46 -3.46 -33.67
CA GLY A 339 -1.33 -2.69 -33.19
C GLY A 339 -0.94 -3.12 -31.79
N SER A 340 0.09 -2.49 -31.23
CA SER A 340 0.55 -2.84 -29.90
C SER A 340 0.71 -1.61 -29.01
N TRP A 341 0.65 -1.84 -27.70
CA TRP A 341 0.83 -0.78 -26.72
C TRP A 341 2.34 -0.58 -26.58
N ALA A 342 3.08 -1.68 -26.71
CA ALA A 342 4.53 -1.67 -26.58
C ALA A 342 5.24 -1.00 -27.75
N TYR A 343 6.40 -0.41 -27.46
CA TYR A 343 7.22 0.28 -28.45
C TYR A 343 8.15 -0.72 -29.15
N THR A 344 8.66 -1.69 -28.41
CA THR A 344 9.59 -2.68 -28.96
C THR A 344 9.27 -4.11 -28.50
N ASP A 345 9.66 -5.08 -29.30
CA ASP A 345 9.43 -6.49 -28.99
C ASP A 345 10.72 -7.26 -28.77
N GLU A 346 11.86 -6.57 -28.79
CA GLU A 346 13.15 -7.23 -28.66
C GLU A 346 13.67 -7.51 -27.24
N LEU A 347 13.03 -6.94 -26.22
CA LEU A 347 13.49 -7.15 -24.85
C LEU A 347 12.65 -8.18 -24.09
N THR A 348 13.31 -8.98 -23.26
CA THR A 348 12.60 -9.99 -22.47
C THR A 348 11.84 -9.35 -21.31
N SER A 349 12.27 -8.14 -20.94
CA SER A 349 11.61 -7.36 -19.89
C SER A 349 12.24 -5.98 -19.88
N VAL A 350 11.61 -5.05 -19.16
CA VAL A 350 12.14 -3.69 -19.10
C VAL A 350 12.18 -3.19 -17.67
N LYS A 351 13.04 -2.20 -17.43
CA LYS A 351 13.16 -1.59 -16.12
C LYS A 351 13.24 -0.09 -16.31
N LEU A 352 12.22 0.61 -15.84
CA LEU A 352 12.14 2.05 -15.97
C LEU A 352 13.34 2.73 -15.34
N GLY A 353 13.95 3.66 -16.08
CA GLY A 353 15.11 4.37 -15.58
C GLY A 353 16.40 3.67 -15.95
N GLU A 354 16.29 2.49 -16.56
CA GLU A 354 17.45 1.73 -16.98
C GLU A 354 17.36 1.38 -18.47
N THR A 355 16.18 0.94 -18.90
CA THR A 355 15.96 0.61 -20.29
C THR A 355 15.96 1.88 -21.13
N ASP A 356 16.82 1.92 -22.14
CA ASP A 356 16.92 3.08 -23.02
C ASP A 356 16.17 2.75 -24.31
N TYR A 357 14.90 3.11 -24.36
CA TYR A 357 14.07 2.82 -25.52
C TYR A 357 14.58 3.42 -26.83
N SER A 358 15.32 4.52 -26.75
CA SER A 358 15.83 5.16 -27.96
C SER A 358 16.78 4.23 -28.70
N LYS A 359 17.34 3.25 -27.97
CA LYS A 359 18.27 2.30 -28.57
C LYS A 359 17.62 0.96 -28.93
N THR A 360 16.30 0.88 -28.78
CA THR A 360 15.59 -0.35 -29.10
C THR A 360 14.95 -0.27 -30.48
N LYS A 361 14.76 -1.42 -31.11
CA LYS A 361 14.15 -1.50 -32.43
C LYS A 361 12.63 -1.43 -32.36
N PRO A 362 12.02 -0.46 -33.05
CA PRO A 362 10.56 -0.34 -33.04
C PRO A 362 9.95 -1.62 -33.61
N ASN A 363 8.83 -2.07 -33.05
CA ASN A 363 8.21 -3.30 -33.54
C ASN A 363 7.37 -3.07 -34.79
N GLY A 364 7.20 -1.80 -35.17
CA GLY A 364 6.42 -1.48 -36.35
C GLY A 364 4.93 -1.64 -36.15
N LYS A 365 4.50 -1.79 -34.90
CA LYS A 365 3.09 -1.96 -34.57
C LYS A 365 2.63 -0.96 -33.53
N HIS A 366 3.52 -0.08 -33.09
CA HIS A 366 3.18 0.90 -32.06
C HIS A 366 2.29 2.03 -32.58
N SER A 367 1.00 1.92 -32.30
CA SER A 367 0.03 2.90 -32.75
C SER A 367 0.12 4.29 -32.11
N ALA A 368 0.63 4.35 -30.88
CA ALA A 368 0.75 5.64 -30.20
C ALA A 368 1.98 6.43 -30.63
N ASN A 369 2.00 6.83 -31.90
CA ASN A 369 3.09 7.64 -32.43
C ASN A 369 2.51 8.97 -32.89
N THR A 370 3.29 10.03 -32.75
CA THR A 370 2.86 11.37 -33.10
C THR A 370 2.06 11.54 -34.39
N ALA A 371 2.61 11.06 -35.51
CA ALA A 371 1.93 11.20 -36.79
C ALA A 371 0.53 10.56 -36.80
N ASN A 372 0.43 9.36 -36.25
CA ASN A 372 -0.85 8.65 -36.20
C ASN A 372 -1.83 9.37 -35.28
N VAL A 373 -1.34 9.84 -34.13
CA VAL A 373 -2.19 10.54 -33.19
C VAL A 373 -2.76 11.80 -33.83
N LYS A 374 -1.95 12.51 -34.61
CA LYS A 374 -2.41 13.72 -35.26
C LYS A 374 -3.56 13.41 -36.23
N ARG A 375 -3.50 12.25 -36.88
CA ARG A 375 -4.56 11.86 -37.81
C ARG A 375 -5.88 11.72 -37.05
N TYR A 376 -5.82 11.17 -35.84
CA TYR A 376 -7.03 11.02 -35.04
C TYR A 376 -7.53 12.39 -34.57
N ILE A 377 -6.61 13.28 -34.21
CA ILE A 377 -6.99 14.62 -33.78
C ILE A 377 -7.73 15.30 -34.93
N ASP A 378 -7.23 15.13 -36.15
CA ASP A 378 -7.86 15.72 -37.33
C ASP A 378 -9.29 15.22 -37.50
N PHE A 379 -9.46 13.91 -37.36
CA PHE A 379 -10.78 13.28 -37.51
C PHE A 379 -11.73 13.79 -36.42
N ALA A 380 -11.24 13.84 -35.18
CA ALA A 380 -12.05 14.29 -34.06
C ALA A 380 -12.54 15.72 -34.28
N ALA A 381 -11.64 16.60 -34.73
CA ALA A 381 -12.00 17.98 -34.96
C ALA A 381 -12.97 18.14 -36.13
N ALA A 382 -12.76 17.34 -37.16
CA ALA A 382 -13.60 17.40 -38.35
C ALA A 382 -15.03 16.92 -38.09
N HIS A 383 -15.21 16.05 -37.11
CA HIS A 383 -16.54 15.52 -36.84
C HIS A 383 -17.20 15.89 -35.52
N GLY A 384 -16.64 16.90 -34.84
CA GLY A 384 -17.23 17.36 -33.60
C GLY A 384 -16.99 16.60 -32.31
N PHE A 385 -15.90 15.86 -32.23
CA PHE A 385 -15.59 15.13 -31.00
C PHE A 385 -14.83 16.06 -30.05
N ASP A 386 -14.93 15.77 -28.76
CA ASP A 386 -14.27 16.58 -27.74
C ASP A 386 -12.84 16.17 -27.44
N ALA A 387 -12.59 14.88 -27.47
CA ALA A 387 -11.26 14.40 -27.11
C ALA A 387 -10.79 13.17 -27.87
N VAL A 388 -9.50 12.89 -27.71
CA VAL A 388 -8.86 11.74 -28.32
C VAL A 388 -8.05 11.02 -27.26
N LEU A 389 -8.36 9.74 -27.05
CA LEU A 389 -7.64 8.91 -26.09
C LEU A 389 -6.48 8.26 -26.83
N VAL A 390 -5.35 8.12 -26.14
CA VAL A 390 -4.18 7.44 -26.72
C VAL A 390 -3.58 6.53 -25.64
N GLU A 391 -3.50 5.24 -25.96
CA GLU A 391 -2.93 4.26 -25.03
C GLU A 391 -1.61 3.75 -25.59
N GLY A 392 -0.68 3.44 -24.69
CA GLY A 392 0.63 2.95 -25.09
C GLY A 392 1.59 4.11 -25.33
N TRP A 393 1.28 5.28 -24.78
CA TRP A 393 2.11 6.46 -24.98
C TRP A 393 3.34 6.53 -24.08
N ASN A 394 3.26 5.87 -22.93
CA ASN A 394 4.32 5.90 -21.92
C ASN A 394 5.18 4.64 -21.78
N GLU A 395 6.41 4.83 -21.30
CA GLU A 395 7.35 3.73 -21.11
C GLU A 395 6.81 2.64 -20.18
N GLY A 396 7.14 1.39 -20.50
CA GLY A 396 6.74 0.28 -19.65
C GLY A 396 5.74 -0.74 -20.18
N TRP A 397 5.05 -0.43 -21.27
CA TRP A 397 4.04 -1.35 -21.78
C TRP A 397 4.51 -2.76 -22.15
N GLU A 398 5.81 -2.92 -22.40
CA GLU A 398 6.34 -4.24 -22.72
C GLU A 398 6.00 -5.28 -21.65
N ASP A 399 5.99 -4.85 -20.39
CA ASP A 399 5.72 -5.74 -19.25
C ASP A 399 4.39 -5.50 -18.54
N TRP A 400 3.45 -4.82 -19.18
CA TRP A 400 2.18 -4.49 -18.54
C TRP A 400 1.26 -5.62 -18.13
N PHE A 401 1.37 -6.78 -18.78
CA PHE A 401 0.43 -7.85 -18.52
C PHE A 401 0.81 -9.10 -17.73
N GLY A 402 0.13 -9.26 -16.59
CA GLY A 402 0.29 -10.43 -15.75
C GLY A 402 1.60 -10.77 -15.08
N ASN A 403 2.50 -9.80 -14.92
CA ASN A 403 3.79 -10.07 -14.28
C ASN A 403 3.81 -9.73 -12.80
N SER A 404 2.71 -9.17 -12.28
CA SER A 404 2.65 -8.75 -10.89
C SER A 404 3.86 -7.87 -10.63
N LYS A 405 4.08 -6.93 -11.54
CA LYS A 405 5.21 -6.00 -11.48
C LYS A 405 4.86 -4.75 -10.70
N ASP A 406 5.68 -4.46 -9.69
CA ASP A 406 5.46 -3.29 -8.84
C ASP A 406 5.74 -1.97 -9.56
N TYR A 407 6.99 -1.72 -9.92
CA TYR A 407 7.37 -0.48 -10.60
C TYR A 407 7.15 -0.67 -12.10
N VAL A 408 5.89 -0.75 -12.50
CA VAL A 408 5.51 -1.00 -13.89
C VAL A 408 5.38 0.23 -14.80
N PHE A 409 4.94 1.35 -14.24
CA PHE A 409 4.77 2.59 -15.01
C PHE A 409 5.12 3.78 -14.12
N ASP A 410 5.47 4.91 -14.73
CA ASP A 410 5.74 6.12 -13.96
C ASP A 410 4.71 7.19 -14.34
N PHE A 411 3.89 6.87 -15.33
CA PHE A 411 2.80 7.73 -15.79
C PHE A 411 3.17 9.11 -16.32
N VAL A 412 4.45 9.33 -16.61
CA VAL A 412 4.88 10.63 -17.12
C VAL A 412 5.92 10.60 -18.23
N THR A 413 6.65 9.50 -18.36
CA THR A 413 7.68 9.41 -19.38
C THR A 413 7.19 8.79 -20.69
N PRO A 414 7.14 9.60 -21.76
CA PRO A 414 6.68 9.12 -23.07
C PRO A 414 7.71 8.30 -23.84
N TYR A 415 7.21 7.45 -24.73
CA TYR A 415 8.07 6.65 -25.58
C TYR A 415 8.74 7.60 -26.57
N PRO A 416 9.82 7.15 -27.23
CA PRO A 416 10.56 7.98 -28.20
C PRO A 416 9.71 8.53 -29.35
N ASP A 417 8.66 7.81 -29.73
CA ASP A 417 7.81 8.22 -30.83
C ASP A 417 6.53 8.95 -30.46
N PHE A 418 6.41 9.35 -29.19
CA PHE A 418 5.24 10.08 -28.74
C PHE A 418 5.69 11.45 -28.23
N ASP A 419 5.43 12.49 -29.02
CA ASP A 419 5.82 13.85 -28.65
C ASP A 419 4.71 14.53 -27.87
N VAL A 420 4.79 14.49 -26.55
CA VAL A 420 3.78 15.07 -25.68
C VAL A 420 3.46 16.52 -26.01
N LYS A 421 4.50 17.36 -26.05
CA LYS A 421 4.33 18.77 -26.33
C LYS A 421 3.77 19.09 -27.72
N GLU A 422 4.26 18.42 -28.76
CA GLU A 422 3.76 18.68 -30.10
C GLU A 422 2.32 18.20 -30.26
N ILE A 423 1.99 17.08 -29.63
CA ILE A 423 0.64 16.56 -29.70
C ILE A 423 -0.30 17.52 -28.97
N HIS A 424 0.16 18.06 -27.85
CA HIS A 424 -0.61 19.01 -27.07
C HIS A 424 -0.87 20.25 -27.92
N ARG A 425 0.20 20.79 -28.50
CA ARG A 425 0.12 21.99 -29.33
C ARG A 425 -0.90 21.82 -30.44
N TYR A 426 -0.81 20.70 -31.15
CA TYR A 426 -1.69 20.41 -32.27
C TYR A 426 -3.14 20.22 -31.84
N ALA A 427 -3.35 19.39 -30.82
CA ALA A 427 -4.70 19.14 -30.34
C ALA A 427 -5.35 20.45 -29.92
N ALA A 428 -4.64 21.25 -29.13
CA ALA A 428 -5.17 22.53 -28.66
C ALA A 428 -5.55 23.44 -29.82
N ARG A 429 -4.68 23.53 -30.83
CA ARG A 429 -4.98 24.39 -31.98
C ARG A 429 -6.23 23.90 -32.70
N LYS A 430 -6.43 22.58 -32.72
CA LYS A 430 -7.60 22.01 -33.37
C LYS A 430 -8.85 21.98 -32.49
N GLY A 431 -8.70 22.45 -31.24
CA GLY A 431 -9.83 22.48 -30.33
C GLY A 431 -10.16 21.13 -29.73
N ILE A 432 -9.16 20.26 -29.70
CA ILE A 432 -9.32 18.91 -29.17
C ILE A 432 -8.54 18.71 -27.88
N LYS A 433 -9.10 17.93 -26.96
CA LYS A 433 -8.44 17.63 -25.70
C LYS A 433 -7.92 16.21 -25.77
N MET A 434 -6.71 15.98 -25.27
CA MET A 434 -6.18 14.63 -25.26
C MET A 434 -6.60 13.99 -23.94
N MET A 435 -7.08 12.75 -24.01
CA MET A 435 -7.48 12.06 -22.79
C MET A 435 -6.29 11.24 -22.30
N MET A 436 -5.87 11.47 -21.07
CA MET A 436 -4.74 10.76 -20.49
C MET A 436 -5.11 9.31 -20.22
N HIS A 437 -4.12 8.42 -20.28
CA HIS A 437 -4.35 7.01 -20.00
C HIS A 437 -3.40 6.58 -18.90
N HIS A 438 -3.98 6.07 -17.82
CA HIS A 438 -3.23 5.59 -16.67
C HIS A 438 -3.50 4.13 -16.35
N GLU A 439 -3.05 3.21 -17.19
CA GLU A 439 -3.22 1.79 -16.86
C GLU A 439 -2.20 1.58 -15.74
N THR A 440 -2.63 0.98 -14.63
CA THR A 440 -1.74 0.76 -13.50
C THR A 440 -1.21 -0.67 -13.44
N SER A 441 -1.81 -1.55 -14.24
CA SER A 441 -1.44 -2.96 -14.24
C SER A 441 -1.63 -3.50 -12.83
N ALA A 442 -2.62 -2.94 -12.16
CA ALA A 442 -3.01 -3.30 -10.81
C ALA A 442 -1.95 -3.11 -9.74
N SER A 443 -0.94 -2.29 -10.04
CA SER A 443 0.12 -2.02 -9.06
C SER A 443 -0.30 -0.70 -8.42
N VAL A 444 -1.03 -0.83 -7.32
CA VAL A 444 -1.62 0.31 -6.63
C VAL A 444 -0.72 1.20 -5.78
N ARG A 445 0.22 0.62 -5.03
CA ARG A 445 1.11 1.48 -4.25
C ARG A 445 1.91 2.30 -5.24
N ASN A 446 2.34 1.65 -6.33
CA ASN A 446 3.11 2.33 -7.36
C ASN A 446 2.34 3.51 -7.94
N TYR A 447 1.06 3.31 -8.20
CA TYR A 447 0.25 4.39 -8.75
C TYR A 447 0.10 5.53 -7.74
N GLU A 448 -0.18 5.20 -6.48
CA GLU A 448 -0.33 6.26 -5.48
C GLU A 448 0.95 7.06 -5.30
N ARG A 449 2.10 6.37 -5.30
CA ARG A 449 3.37 7.07 -5.14
C ARG A 449 3.62 8.06 -6.27
N HIS A 450 3.13 7.72 -7.46
CA HIS A 450 3.31 8.57 -8.65
C HIS A 450 2.12 9.48 -8.97
N MET A 451 1.03 9.34 -8.22
CA MET A 451 -0.18 10.10 -8.52
C MET A 451 -0.13 11.62 -8.58
N ASP A 452 0.48 12.27 -7.59
CA ASP A 452 0.53 13.73 -7.67
C ASP A 452 1.35 14.19 -8.85
N LYS A 453 2.50 13.55 -9.08
CA LYS A 453 3.34 13.92 -10.22
C LYS A 453 2.60 13.64 -11.52
N ALA A 454 1.83 12.55 -11.54
CA ALA A 454 1.07 12.17 -12.73
C ALA A 454 -0.03 13.18 -13.03
N TYR A 455 -0.78 13.58 -12.01
CA TYR A 455 -1.84 14.57 -12.21
C TYR A 455 -1.24 15.93 -12.57
N GLN A 456 -0.09 16.25 -11.98
CA GLN A 456 0.56 17.53 -12.28
C GLN A 456 1.01 17.51 -13.74
N PHE A 457 1.50 16.36 -14.19
CA PHE A 457 1.95 16.21 -15.57
C PHE A 457 0.76 16.46 -16.49
N MET A 458 -0.41 15.94 -16.12
CA MET A 458 -1.61 16.15 -16.91
C MET A 458 -1.91 17.64 -16.98
N ALA A 459 -1.91 18.31 -15.83
CA ALA A 459 -2.20 19.74 -15.78
C ALA A 459 -1.20 20.55 -16.61
N ASP A 460 0.07 20.20 -16.52
CA ASP A 460 1.11 20.92 -17.26
C ASP A 460 1.09 20.68 -18.77
N ASN A 461 0.41 19.63 -19.21
CA ASN A 461 0.37 19.30 -20.63
C ASN A 461 -1.01 19.28 -21.27
N GLY A 462 -1.96 19.98 -20.68
CA GLY A 462 -3.30 20.08 -21.24
C GLY A 462 -4.27 18.91 -21.15
N TYR A 463 -4.05 17.98 -20.22
CA TYR A 463 -4.95 16.84 -20.05
C TYR A 463 -5.87 17.12 -18.86
N ASN A 464 -7.18 17.05 -19.06
CA ASN A 464 -8.09 17.27 -17.93
C ASN A 464 -9.01 16.09 -17.65
N SER A 465 -8.78 14.99 -18.35
CA SER A 465 -9.57 13.78 -18.12
C SER A 465 -8.61 12.59 -18.24
N VAL A 466 -8.84 11.58 -17.43
CA VAL A 466 -7.98 10.40 -17.46
C VAL A 466 -8.75 9.10 -17.38
N LYS A 467 -8.32 8.16 -18.21
CA LYS A 467 -8.87 6.81 -18.23
C LYS A 467 -7.84 5.99 -17.46
N SER A 468 -8.25 5.44 -16.31
CA SER A 468 -7.33 4.61 -15.53
C SER A 468 -7.72 3.15 -15.69
N GLY A 469 -6.85 2.25 -15.26
CA GLY A 469 -7.13 0.84 -15.37
C GLY A 469 -6.41 0.06 -14.29
N TYR A 470 -6.92 -1.12 -13.96
CA TYR A 470 -6.32 -1.95 -12.91
C TYR A 470 -6.30 -3.42 -13.36
N VAL A 471 -5.60 -3.68 -14.46
CA VAL A 471 -5.52 -5.03 -15.01
C VAL A 471 -4.44 -5.88 -14.34
N GLY A 472 -4.87 -7.02 -13.81
CA GLY A 472 -3.97 -7.93 -13.13
C GLY A 472 -4.37 -8.07 -11.67
N ASN A 473 -3.75 -9.00 -10.97
CA ASN A 473 -4.05 -9.19 -9.55
C ASN A 473 -3.47 -8.00 -8.78
N ILE A 474 -4.24 -7.50 -7.82
CA ILE A 474 -3.82 -6.34 -7.06
C ILE A 474 -2.49 -6.46 -6.30
N ILE A 475 -1.76 -5.35 -6.27
CA ILE A 475 -0.51 -5.21 -5.52
C ILE A 475 -0.85 -3.96 -4.70
N PRO A 476 -0.81 -4.04 -3.36
CA PRO A 476 -0.42 -5.13 -2.46
C PRO A 476 -1.07 -6.48 -2.71
N ARG A 477 -0.20 -7.48 -2.82
CA ARG A 477 -0.61 -8.84 -3.12
C ARG A 477 -1.37 -9.48 -1.96
N GLY A 478 -2.55 -9.99 -2.27
CA GLY A 478 -3.41 -10.60 -1.27
C GLY A 478 -4.74 -9.88 -1.26
N GLU A 479 -4.75 -8.64 -1.73
CA GLU A 479 -5.98 -7.86 -1.79
C GLU A 479 -6.71 -8.14 -3.09
N HIS A 480 -8.03 -7.90 -3.05
CA HIS A 480 -8.89 -8.08 -4.22
C HIS A 480 -9.32 -6.73 -4.74
N HIS A 481 -9.80 -6.70 -5.98
CA HIS A 481 -10.22 -5.43 -6.59
C HIS A 481 -11.33 -4.71 -5.85
N TYR A 482 -12.22 -5.46 -5.21
CA TYR A 482 -13.36 -4.83 -4.57
C TYR A 482 -13.38 -4.78 -3.04
N GLY A 483 -12.23 -5.02 -2.42
CA GLY A 483 -12.17 -4.97 -0.97
C GLY A 483 -12.20 -3.53 -0.45
N GLN A 484 -12.36 -3.37 0.86
CA GLN A 484 -12.40 -2.05 1.46
C GLN A 484 -11.13 -1.26 1.14
N TRP A 485 -9.99 -1.96 1.12
CA TRP A 485 -8.71 -1.33 0.83
C TRP A 485 -8.71 -0.65 -0.54
N MET A 486 -9.11 -1.40 -1.57
CA MET A 486 -9.14 -0.84 -2.91
C MET A 486 -10.28 0.17 -3.10
N ASN A 487 -11.40 -0.02 -2.42
CA ASN A 487 -12.49 0.94 -2.56
C ASN A 487 -11.98 2.29 -2.08
N ASN A 488 -11.14 2.26 -1.05
CA ASN A 488 -10.56 3.48 -0.51
C ASN A 488 -9.67 4.10 -1.60
N HIS A 489 -8.84 3.26 -2.24
CA HIS A 489 -7.97 3.76 -3.29
C HIS A 489 -8.72 4.43 -4.44
N TYR A 490 -9.74 3.76 -4.98
CA TYR A 490 -10.48 4.32 -6.09
C TYR A 490 -11.04 5.69 -5.75
N LEU A 491 -11.55 5.85 -4.54
CA LEU A 491 -12.12 7.13 -4.15
C LEU A 491 -11.02 8.16 -3.92
N TYR A 492 -9.91 7.70 -3.34
CA TYR A 492 -8.77 8.58 -3.09
C TYR A 492 -8.31 9.17 -4.43
N ALA A 493 -8.27 8.33 -5.46
CA ALA A 493 -7.86 8.77 -6.79
C ALA A 493 -8.81 9.83 -7.35
N VAL A 494 -10.10 9.64 -7.11
CA VAL A 494 -11.13 10.56 -7.58
C VAL A 494 -11.11 11.88 -6.81
N LYS A 495 -10.96 11.81 -5.50
CA LYS A 495 -10.93 13.02 -4.69
C LYS A 495 -9.69 13.85 -5.02
N LYS A 496 -8.54 13.20 -5.19
CA LYS A 496 -7.32 13.93 -5.52
C LYS A 496 -7.49 14.54 -6.91
N ALA A 497 -8.07 13.77 -7.83
CA ALA A 497 -8.28 14.27 -9.18
C ALA A 497 -9.14 15.54 -9.14
N ALA A 498 -10.12 15.57 -8.25
CA ALA A 498 -11.00 16.73 -8.14
C ALA A 498 -10.21 17.97 -7.76
N ASP A 499 -9.18 17.80 -6.94
CA ASP A 499 -8.35 18.92 -6.51
C ASP A 499 -7.59 19.51 -7.69
N TYR A 500 -7.35 18.70 -8.71
CA TYR A 500 -6.65 19.12 -9.92
C TYR A 500 -7.64 19.45 -11.03
N LYS A 501 -8.93 19.39 -10.72
CA LYS A 501 -10.00 19.65 -11.69
C LYS A 501 -9.88 18.68 -12.87
N ILE A 502 -9.67 17.42 -12.53
CA ILE A 502 -9.53 16.34 -13.49
C ILE A 502 -10.69 15.36 -13.38
N MET A 503 -11.19 14.91 -14.52
CA MET A 503 -12.29 13.94 -14.56
C MET A 503 -11.68 12.54 -14.68
N VAL A 504 -12.32 11.57 -14.05
CA VAL A 504 -11.83 10.20 -14.04
C VAL A 504 -12.79 9.16 -14.63
N ASN A 505 -12.21 8.24 -15.40
CA ASN A 505 -12.93 7.12 -16.05
C ASN A 505 -12.10 5.90 -15.67
N ALA A 506 -12.53 5.18 -14.63
CA ALA A 506 -11.78 4.03 -14.13
C ALA A 506 -12.23 2.64 -14.54
N HIS A 507 -11.38 1.95 -15.29
CA HIS A 507 -11.69 0.59 -15.69
C HIS A 507 -11.19 -0.37 -14.60
N GLU A 508 -11.85 -1.52 -14.49
CA GLU A 508 -11.57 -2.56 -13.51
C GLU A 508 -11.80 -2.18 -12.06
N ALA A 509 -12.32 -0.99 -11.83
CA ALA A 509 -12.59 -0.55 -10.46
C ALA A 509 -13.92 -1.17 -10.00
N THR A 510 -14.19 -1.05 -8.71
CA THR A 510 -15.44 -1.56 -8.15
C THR A 510 -16.62 -0.92 -8.88
N ARG A 511 -17.65 -1.69 -9.19
CA ARG A 511 -18.80 -1.16 -9.91
C ARG A 511 -19.47 -0.04 -9.11
N PRO A 512 -19.97 1.00 -9.80
CA PRO A 512 -20.62 2.15 -9.17
C PRO A 512 -21.87 1.92 -8.36
N THR A 513 -22.03 2.77 -7.34
CA THR A 513 -23.15 2.70 -6.42
C THR A 513 -23.71 4.11 -6.17
N GLY A 514 -23.57 4.98 -7.17
CA GLY A 514 -24.10 6.33 -7.08
C GLY A 514 -23.20 7.41 -6.50
N ILE A 515 -21.92 7.09 -6.26
CA ILE A 515 -21.01 8.07 -5.69
C ILE A 515 -20.78 9.28 -6.60
N CYS A 516 -21.17 9.15 -7.88
CA CYS A 516 -21.02 10.26 -8.82
C CYS A 516 -21.84 11.47 -8.37
N ARG A 517 -22.88 11.26 -7.56
CA ARG A 517 -23.65 12.39 -7.06
C ARG A 517 -22.76 13.25 -6.18
N THR A 518 -21.97 12.58 -5.34
CA THR A 518 -21.06 13.23 -4.40
C THR A 518 -19.83 13.81 -5.09
N TYR A 519 -19.27 13.04 -6.02
CA TYR A 519 -18.09 13.43 -6.78
C TYR A 519 -18.38 13.29 -8.27
N PRO A 520 -19.00 14.31 -8.87
CA PRO A 520 -19.37 14.36 -10.28
C PRO A 520 -18.23 14.22 -11.28
N ASN A 521 -16.99 14.30 -10.81
CA ASN A 521 -15.87 14.16 -11.74
C ASN A 521 -15.59 12.71 -12.08
N LEU A 522 -16.29 11.78 -11.42
CA LEU A 522 -16.15 10.36 -11.75
C LEU A 522 -17.18 10.17 -12.85
N ILE A 523 -16.77 10.47 -14.08
CA ILE A 523 -17.67 10.38 -15.23
C ILE A 523 -17.79 8.99 -15.85
N GLY A 524 -17.03 8.04 -15.32
CA GLY A 524 -17.13 6.70 -15.87
C GLY A 524 -16.35 5.61 -15.18
N ASN A 525 -16.78 4.39 -15.47
CA ASN A 525 -16.16 3.17 -14.99
C ASN A 525 -16.53 2.17 -16.08
N GLU A 526 -15.78 1.09 -16.17
CA GLU A 526 -16.15 0.04 -17.09
C GLU A 526 -16.85 -0.84 -16.07
N SER A 527 -16.07 -1.62 -15.32
CA SER A 527 -16.61 -2.45 -14.25
C SER A 527 -17.77 -3.35 -14.64
N ALA A 528 -17.63 -3.94 -15.83
CA ALA A 528 -18.61 -4.85 -16.42
C ALA A 528 -18.00 -5.26 -17.75
N ARG A 529 -18.63 -6.20 -18.44
CA ARG A 529 -18.12 -6.67 -19.73
C ARG A 529 -18.47 -5.64 -20.80
N GLY A 530 -17.45 -5.01 -21.38
CA GLY A 530 -17.69 -3.99 -22.38
C GLY A 530 -17.47 -4.42 -23.83
N THR A 531 -17.47 -3.45 -24.73
CA THR A 531 -17.29 -3.72 -26.15
C THR A 531 -15.96 -4.40 -26.45
N GLU A 532 -14.95 -4.17 -25.62
CA GLU A 532 -13.66 -4.80 -25.83
C GLU A 532 -13.80 -6.32 -25.97
N TYR A 533 -14.72 -6.91 -25.22
CA TYR A 533 -14.91 -8.37 -25.29
C TYR A 533 -15.56 -8.84 -26.58
N GLU A 534 -16.06 -7.91 -27.39
CA GLU A 534 -16.64 -8.28 -28.67
C GLU A 534 -15.47 -8.65 -29.58
N SER A 535 -14.26 -8.33 -29.11
CA SER A 535 -13.03 -8.64 -29.83
C SER A 535 -12.36 -9.85 -29.18
N PHE A 536 -12.86 -10.24 -28.01
CA PHE A 536 -12.32 -11.37 -27.26
C PHE A 536 -13.25 -12.58 -27.33
N GLY A 537 -13.98 -12.70 -28.44
CA GLY A 537 -14.89 -13.83 -28.59
C GLY A 537 -16.32 -13.38 -28.77
N GLY A 538 -16.62 -12.17 -28.29
CA GLY A 538 -17.95 -11.61 -28.41
C GLY A 538 -18.73 -11.57 -27.11
N ASN A 539 -19.74 -10.70 -27.06
CA ASN A 539 -20.63 -10.59 -25.90
C ASN A 539 -21.95 -11.20 -26.34
N LYS A 540 -22.73 -11.71 -25.41
CA LYS A 540 -24.01 -12.31 -25.77
C LYS A 540 -24.87 -11.28 -26.49
N VAL A 541 -25.66 -11.74 -27.46
CA VAL A 541 -26.51 -10.85 -28.22
C VAL A 541 -27.41 -9.96 -27.37
N TYR A 542 -27.88 -10.49 -26.24
CA TYR A 542 -28.76 -9.73 -25.35
C TYR A 542 -28.06 -8.87 -24.30
N HIS A 543 -26.74 -8.84 -24.33
CA HIS A 543 -25.97 -8.10 -23.34
C HIS A 543 -26.44 -6.68 -23.04
N THR A 544 -26.61 -5.85 -24.07
CA THR A 544 -27.03 -4.47 -23.86
C THR A 544 -28.50 -4.30 -23.47
N THR A 545 -29.25 -5.40 -23.43
CA THR A 545 -30.66 -5.33 -23.04
C THR A 545 -30.73 -5.67 -21.55
N ILE A 546 -29.57 -5.96 -20.96
CA ILE A 546 -29.48 -6.29 -19.55
C ILE A 546 -28.68 -5.24 -18.76
N LEU A 547 -27.58 -4.77 -19.32
CA LEU A 547 -26.75 -3.80 -18.62
C LEU A 547 -27.50 -2.60 -17.99
N PRO A 548 -28.46 -2.00 -18.70
CA PRO A 548 -29.18 -0.87 -18.10
C PRO A 548 -29.96 -1.22 -16.83
N PHE A 549 -30.36 -2.49 -16.71
CA PHE A 549 -31.12 -2.96 -15.54
C PHE A 549 -30.20 -3.41 -14.42
N THR A 550 -28.92 -3.59 -14.72
CA THR A 550 -27.97 -4.06 -13.74
C THR A 550 -26.80 -3.12 -13.51
N ARG A 551 -25.77 -3.27 -14.33
CA ARG A 551 -24.58 -2.45 -14.24
C ARG A 551 -24.81 -0.94 -14.18
N LEU A 552 -25.69 -0.41 -15.03
CA LEU A 552 -25.92 1.03 -15.03
C LEU A 552 -26.57 1.61 -13.78
N VAL A 553 -27.17 0.76 -12.95
CA VAL A 553 -27.78 1.26 -11.73
C VAL A 553 -26.63 1.59 -10.77
N GLY A 554 -26.41 2.89 -10.56
CA GLY A 554 -25.34 3.33 -9.69
C GLY A 554 -24.35 4.22 -10.43
N GLY A 555 -24.38 4.18 -11.75
CA GLY A 555 -23.45 5.02 -12.49
C GLY A 555 -23.27 4.62 -13.95
N PRO A 556 -22.87 5.58 -14.80
CA PRO A 556 -22.68 5.31 -16.23
C PRO A 556 -21.51 4.36 -16.50
N MET A 557 -21.53 3.78 -17.71
CA MET A 557 -20.47 2.87 -18.12
C MET A 557 -19.81 3.35 -19.40
N ASP A 558 -18.48 3.22 -19.44
CA ASP A 558 -17.69 3.57 -20.62
C ASP A 558 -17.71 2.26 -21.41
N TYR A 559 -18.80 2.04 -22.13
CA TYR A 559 -18.99 0.82 -22.90
C TYR A 559 -18.26 0.77 -24.24
N THR A 560 -17.82 1.94 -24.71
CA THR A 560 -17.12 2.14 -25.99
C THR A 560 -17.83 1.51 -27.19
N PRO A 561 -19.07 1.96 -27.47
CA PRO A 561 -19.87 1.46 -28.58
C PRO A 561 -19.38 2.07 -29.90
N GLY A 562 -20.11 1.79 -30.98
CA GLY A 562 -19.76 2.35 -32.27
C GLY A 562 -18.90 1.55 -33.22
N ILE A 563 -18.90 0.23 -33.11
CA ILE A 563 -18.10 -0.58 -34.02
C ILE A 563 -18.90 -0.84 -35.30
N PHE A 564 -18.40 -0.34 -36.43
CA PHE A 564 -19.08 -0.53 -37.71
C PHE A 564 -18.59 -1.76 -38.44
N GLU A 565 -17.29 -2.03 -38.38
CA GLU A 565 -16.76 -3.23 -39.00
C GLU A 565 -16.73 -4.28 -37.89
N THR A 566 -17.83 -5.02 -37.79
CA THR A 566 -18.00 -6.03 -36.76
C THR A 566 -17.13 -7.28 -36.88
N HIS A 567 -16.43 -7.42 -38.00
CA HIS A 567 -15.55 -8.56 -38.19
C HIS A 567 -14.14 -8.12 -37.81
N CYS A 568 -13.67 -8.60 -36.65
CA CYS A 568 -12.35 -8.23 -36.16
C CYS A 568 -11.19 -8.71 -37.04
N ASN A 569 -11.44 -9.69 -37.89
CA ASN A 569 -10.37 -10.20 -38.75
C ASN A 569 -9.93 -9.15 -39.78
N LYS A 570 -10.74 -8.11 -39.96
CA LYS A 570 -10.40 -7.06 -40.91
C LYS A 570 -9.37 -6.14 -40.27
N MET A 571 -9.29 -6.16 -38.95
CA MET A 571 -8.32 -5.37 -38.20
C MET A 571 -7.07 -6.22 -38.04
N ASN A 572 -7.29 -7.47 -37.64
CA ASN A 572 -6.22 -8.43 -37.41
C ASN A 572 -6.64 -9.79 -37.94
N PRO A 573 -6.03 -10.25 -39.05
CA PRO A 573 -6.33 -11.53 -39.68
C PRO A 573 -6.40 -12.72 -38.73
N ALA A 574 -5.64 -12.66 -37.64
CA ALA A 574 -5.61 -13.76 -36.67
C ALA A 574 -6.75 -13.70 -35.66
N ASN A 575 -7.50 -12.60 -35.69
CA ASN A 575 -8.62 -12.43 -34.75
C ASN A 575 -9.94 -12.68 -35.49
N ASN A 576 -10.56 -13.83 -35.20
CA ASN A 576 -11.82 -14.19 -35.84
C ASN A 576 -13.05 -13.88 -35.00
N SER A 577 -12.89 -12.98 -34.02
CA SER A 577 -14.02 -12.62 -33.17
C SER A 577 -14.97 -11.73 -33.96
N GLN A 578 -16.27 -11.86 -33.68
CA GLN A 578 -17.27 -11.05 -34.37
C GLN A 578 -18.18 -10.35 -33.37
N VAL A 579 -18.33 -9.04 -33.54
CA VAL A 579 -19.19 -8.25 -32.66
C VAL A 579 -20.63 -8.69 -32.87
N ARG A 580 -21.32 -9.04 -31.79
CA ARG A 580 -22.70 -9.49 -31.91
C ARG A 580 -23.67 -8.30 -31.96
N SER A 581 -23.67 -7.61 -33.10
CA SER A 581 -24.52 -6.45 -33.27
C SER A 581 -24.62 -6.05 -34.73
N THR A 582 -25.66 -5.28 -35.06
CA THR A 582 -25.83 -4.76 -36.41
C THR A 582 -25.33 -3.33 -36.26
N ILE A 583 -25.05 -2.65 -37.36
CA ILE A 583 -24.58 -1.28 -37.28
C ILE A 583 -25.65 -0.40 -36.62
N ALA A 584 -26.91 -0.61 -36.98
CA ALA A 584 -27.99 0.18 -36.41
C ALA A 584 -28.07 0.06 -34.89
N ARG A 585 -27.82 -1.13 -34.35
CA ARG A 585 -27.87 -1.30 -32.91
C ARG A 585 -26.72 -0.56 -32.25
N GLN A 586 -25.58 -0.49 -32.92
CA GLN A 586 -24.43 0.24 -32.37
C GLN A 586 -24.81 1.70 -32.21
N LEU A 587 -25.54 2.23 -33.18
CA LEU A 587 -25.97 3.61 -33.12
C LEU A 587 -26.94 3.80 -31.94
N ALA A 588 -27.82 2.83 -31.77
CA ALA A 588 -28.80 2.88 -30.69
C ALA A 588 -28.17 2.96 -29.30
N LEU A 589 -27.00 2.35 -29.15
CA LEU A 589 -26.34 2.34 -27.85
C LEU A 589 -25.98 3.72 -27.31
N TYR A 590 -25.87 4.72 -28.18
CA TYR A 590 -25.57 6.06 -27.70
C TYR A 590 -26.74 6.63 -26.93
N VAL A 591 -27.89 5.97 -27.04
CA VAL A 591 -29.09 6.37 -26.33
C VAL A 591 -29.46 5.33 -25.27
N THR A 592 -29.30 4.04 -25.60
CA THR A 592 -29.68 2.98 -24.66
C THR A 592 -28.60 2.59 -23.63
N MET A 593 -27.38 3.07 -23.82
CA MET A 593 -26.31 2.83 -22.84
C MET A 593 -25.89 4.21 -22.37
N TYR A 594 -26.67 4.74 -21.43
CA TYR A 594 -26.43 6.08 -20.91
C TYR A 594 -25.05 6.32 -20.33
N SER A 595 -24.48 7.48 -20.66
CA SER A 595 -23.18 7.87 -20.15
C SER A 595 -22.81 9.26 -20.63
N PRO A 596 -22.21 10.07 -19.74
CA PRO A 596 -21.81 11.43 -20.12
C PRO A 596 -20.48 11.31 -20.87
N LEU A 597 -19.96 10.09 -20.91
CA LEU A 597 -18.70 9.76 -21.58
C LEU A 597 -19.00 8.72 -22.66
N GLN A 598 -18.94 9.14 -23.92
CA GLN A 598 -19.24 8.25 -25.03
C GLN A 598 -18.12 8.17 -26.05
N MET A 599 -17.65 6.95 -26.30
CA MET A 599 -16.59 6.74 -27.28
C MET A 599 -17.16 6.20 -28.58
N ALA A 600 -16.52 6.58 -29.69
CA ALA A 600 -16.85 6.05 -31.00
C ALA A 600 -15.56 5.24 -31.13
N ALA A 601 -15.67 3.95 -30.80
CA ALA A 601 -14.53 3.04 -30.75
C ALA A 601 -13.84 2.54 -32.00
N ASP A 602 -14.51 2.58 -33.15
CA ASP A 602 -13.88 2.06 -34.37
C ASP A 602 -12.78 2.99 -34.88
N ILE A 603 -12.00 2.53 -35.84
CA ILE A 603 -10.95 3.35 -36.41
C ILE A 603 -11.55 4.30 -37.44
N PRO A 604 -10.95 5.48 -37.62
CA PRO A 604 -11.45 6.47 -38.59
C PRO A 604 -11.79 5.90 -39.96
N GLU A 605 -10.91 5.07 -40.50
CA GLU A 605 -11.13 4.48 -41.81
C GLU A 605 -12.47 3.75 -41.93
N ASN A 606 -12.88 3.08 -40.86
CA ASN A 606 -14.14 2.35 -40.91
C ASN A 606 -15.36 3.27 -40.84
N TYR A 607 -15.24 4.39 -40.16
CA TYR A 607 -16.35 5.34 -40.09
C TYR A 607 -16.47 6.04 -41.44
N GLU A 608 -15.34 6.22 -42.11
CA GLU A 608 -15.34 6.86 -43.41
C GLU A 608 -16.00 5.98 -44.47
N ARG A 609 -16.07 4.68 -44.19
CA ARG A 609 -16.70 3.72 -45.11
C ARG A 609 -18.23 3.75 -44.97
N PHE A 610 -18.71 4.25 -43.83
CA PHE A 610 -20.14 4.33 -43.57
C PHE A 610 -20.44 5.70 -42.95
N MET A 611 -19.98 6.75 -43.62
CA MET A 611 -20.17 8.11 -43.13
C MET A 611 -21.62 8.54 -42.97
N ASP A 612 -22.53 7.95 -43.73
CA ASP A 612 -23.93 8.33 -43.60
C ASP A 612 -24.50 7.85 -42.26
N ALA A 613 -24.10 6.66 -41.84
CA ALA A 613 -24.57 6.13 -40.56
C ALA A 613 -23.83 6.83 -39.43
N PHE A 614 -22.59 7.22 -39.68
CA PHE A 614 -21.77 7.88 -38.68
C PHE A 614 -22.39 9.21 -38.24
N GLN A 615 -23.26 9.77 -39.08
CA GLN A 615 -23.92 11.03 -38.76
C GLN A 615 -24.67 10.98 -37.44
N PHE A 616 -25.24 9.84 -37.08
CA PHE A 616 -25.97 9.78 -35.82
C PHE A 616 -25.03 9.93 -34.65
N ILE A 617 -23.87 9.29 -34.72
CA ILE A 617 -22.89 9.38 -33.65
C ILE A 617 -22.42 10.83 -33.51
N LYS A 618 -22.29 11.52 -34.64
CA LYS A 618 -21.87 12.91 -34.63
C LYS A 618 -22.94 13.81 -34.01
N ASP A 619 -24.20 13.53 -34.33
CA ASP A 619 -25.33 14.32 -33.85
C ASP A 619 -25.79 14.09 -32.41
N VAL A 620 -25.78 12.83 -31.98
CA VAL A 620 -26.27 12.49 -30.64
C VAL A 620 -25.66 13.28 -29.49
N ALA A 621 -26.51 13.67 -28.54
CA ALA A 621 -26.08 14.44 -27.38
C ALA A 621 -25.52 13.49 -26.32
N LEU A 622 -25.01 14.07 -25.23
CA LEU A 622 -24.39 13.30 -24.15
C LEU A 622 -25.03 13.56 -22.79
N ASP A 623 -25.82 14.62 -22.70
CA ASP A 623 -26.46 15.00 -21.43
C ASP A 623 -27.93 15.29 -21.73
N TRP A 624 -28.79 15.02 -20.75
CA TRP A 624 -30.22 15.15 -20.98
C TRP A 624 -31.06 15.90 -19.96
N ASP A 625 -32.12 16.55 -20.46
CA ASP A 625 -33.06 17.29 -19.62
C ASP A 625 -34.22 16.37 -19.26
N GLU A 626 -34.50 15.40 -20.14
CA GLU A 626 -35.57 14.44 -19.93
C GLU A 626 -35.25 13.08 -20.56
N THR A 627 -35.80 12.03 -19.96
CA THR A 627 -35.64 10.67 -20.47
C THR A 627 -36.96 9.93 -20.30
N ASN A 628 -37.42 9.34 -21.40
CA ASN A 628 -38.65 8.56 -21.40
C ASN A 628 -38.33 7.13 -21.79
N TYR A 629 -38.61 6.20 -20.88
CA TYR A 629 -38.37 4.79 -21.14
C TYR A 629 -39.63 4.29 -21.84
N LEU A 630 -39.55 4.16 -23.15
CA LEU A 630 -40.69 3.74 -23.96
C LEU A 630 -41.01 2.25 -23.86
N GLU A 631 -39.99 1.41 -23.99
CA GLU A 631 -40.17 -0.04 -23.89
C GLU A 631 -38.99 -0.64 -23.15
N ALA A 632 -39.26 -1.65 -22.33
CA ALA A 632 -38.19 -2.30 -21.58
C ALA A 632 -38.56 -3.69 -21.05
N GLU A 633 -37.72 -4.66 -21.37
CA GLU A 633 -37.88 -6.04 -20.92
C GLU A 633 -36.46 -6.59 -20.88
N PRO A 634 -35.94 -6.85 -19.67
CA PRO A 634 -34.57 -7.36 -19.55
C PRO A 634 -34.32 -8.61 -20.39
N GLY A 635 -33.21 -8.60 -21.12
CA GLY A 635 -32.84 -9.73 -21.95
C GLY A 635 -33.50 -9.76 -23.33
N GLU A 636 -34.44 -8.86 -23.56
CA GLU A 636 -35.16 -8.83 -24.83
C GLU A 636 -35.09 -7.53 -25.61
N TYR A 637 -35.41 -6.41 -24.97
CA TYR A 637 -35.38 -5.12 -25.66
C TYR A 637 -35.47 -3.93 -24.73
N ILE A 638 -34.88 -2.82 -25.19
CA ILE A 638 -34.89 -1.57 -24.45
C ILE A 638 -35.00 -0.44 -25.46
N THR A 639 -36.02 0.41 -25.29
CA THR A 639 -36.24 1.54 -26.17
C THR A 639 -36.36 2.78 -25.32
N ILE A 640 -35.49 3.76 -25.58
CA ILE A 640 -35.48 4.98 -24.80
C ILE A 640 -35.43 6.24 -25.67
N ALA A 641 -36.12 7.28 -25.22
CA ALA A 641 -36.14 8.56 -25.90
C ALA A 641 -35.64 9.58 -24.89
N ARG A 642 -34.69 10.42 -25.29
CA ARG A 642 -34.13 11.42 -24.40
C ARG A 642 -34.10 12.79 -25.06
N LYS A 643 -34.31 13.83 -24.27
CA LYS A 643 -34.29 15.20 -24.77
C LYS A 643 -32.95 15.83 -24.42
N ALA A 644 -32.19 16.20 -25.44
CA ALA A 644 -30.87 16.80 -25.23
C ALA A 644 -30.95 18.04 -24.35
N LYS A 645 -30.07 18.11 -23.36
CA LYS A 645 -30.06 19.23 -22.42
C LYS A 645 -29.93 20.59 -23.12
N ASP A 646 -30.78 21.52 -22.70
CA ASP A 646 -30.78 22.88 -23.24
C ASP A 646 -31.15 22.97 -24.72
N THR A 647 -31.89 21.98 -25.21
CA THR A 647 -32.32 21.98 -26.60
C THR A 647 -33.75 21.47 -26.68
N ASP A 648 -34.32 21.49 -27.88
CA ASP A 648 -35.68 21.01 -28.08
C ASP A 648 -35.60 19.78 -28.97
N ASP A 649 -34.43 19.16 -28.98
CA ASP A 649 -34.20 17.97 -29.79
C ASP A 649 -34.26 16.68 -28.99
N TRP A 650 -34.77 15.62 -29.61
CA TRP A 650 -34.88 14.32 -28.96
C TRP A 650 -34.10 13.27 -29.73
N TYR A 651 -33.61 12.27 -29.00
CA TYR A 651 -32.86 11.17 -29.60
C TYR A 651 -33.46 9.87 -29.08
N VAL A 652 -33.67 8.92 -29.99
CA VAL A 652 -34.26 7.65 -29.64
C VAL A 652 -33.37 6.49 -30.03
N GLY A 653 -33.38 5.44 -29.20
CA GLY A 653 -32.58 4.28 -29.49
C GLY A 653 -33.27 3.02 -29.01
N CYS A 654 -33.11 1.94 -29.78
CA CYS A 654 -33.68 0.66 -29.41
C CYS A 654 -32.63 -0.42 -29.63
N THR A 655 -32.46 -1.28 -28.64
CA THR A 655 -31.51 -2.38 -28.73
C THR A 655 -32.30 -3.64 -28.42
N ALA A 656 -32.10 -4.69 -29.21
CA ALA A 656 -32.84 -5.93 -29.01
C ALA A 656 -31.98 -7.19 -28.98
N GLY A 657 -32.56 -8.26 -28.44
CA GLY A 657 -31.87 -9.53 -28.33
C GLY A 657 -31.98 -10.41 -29.57
N GLU A 658 -31.85 -11.72 -29.38
CA GLU A 658 -31.90 -12.67 -30.49
C GLU A 658 -33.23 -12.78 -31.22
N ASN A 659 -34.32 -12.36 -30.58
CA ASN A 659 -35.63 -12.43 -31.20
C ASN A 659 -36.00 -11.13 -31.91
N GLY A 660 -35.08 -10.17 -31.90
CA GLY A 660 -35.36 -8.89 -32.52
C GLY A 660 -36.49 -8.24 -31.75
N HIS A 661 -37.10 -7.21 -32.32
CA HIS A 661 -38.21 -6.53 -31.65
C HIS A 661 -38.94 -5.57 -32.56
N THR A 662 -40.27 -5.59 -32.49
CA THR A 662 -41.09 -4.70 -33.29
C THR A 662 -41.65 -3.62 -32.37
N SER A 663 -41.37 -2.36 -32.70
CA SER A 663 -41.84 -1.23 -31.91
C SER A 663 -42.95 -0.45 -32.59
N LYS A 664 -43.90 0.00 -31.79
CA LYS A 664 -45.01 0.81 -32.28
C LYS A 664 -44.81 2.13 -31.56
N LEU A 665 -43.92 2.95 -32.10
CA LEU A 665 -43.59 4.24 -31.49
C LEU A 665 -44.66 5.30 -31.61
N VAL A 666 -44.91 6.00 -30.49
CA VAL A 666 -45.87 7.08 -30.42
C VAL A 666 -45.11 8.29 -29.91
N PHE A 667 -44.93 9.28 -30.77
CA PHE A 667 -44.17 10.47 -30.43
C PHE A 667 -44.96 11.56 -29.72
N ASP A 668 -45.86 11.18 -28.83
CA ASP A 668 -46.66 12.16 -28.12
C ASP A 668 -45.86 12.90 -27.05
N PHE A 669 -44.57 12.60 -26.94
CA PHE A 669 -43.73 13.27 -25.97
C PHE A 669 -43.10 14.52 -26.58
N LEU A 670 -43.31 14.70 -27.88
CA LEU A 670 -42.79 15.86 -28.58
C LEU A 670 -43.71 17.04 -28.26
N THR A 671 -43.22 18.26 -28.48
CA THR A 671 -43.99 19.46 -28.20
C THR A 671 -45.14 19.67 -29.17
N PRO A 672 -46.34 19.97 -28.64
CA PRO A 672 -47.51 20.20 -29.49
C PRO A 672 -47.32 21.40 -30.41
N GLY A 673 -47.74 21.27 -31.66
CA GLY A 673 -47.62 22.35 -32.61
C GLY A 673 -46.24 22.58 -33.21
N LYS A 674 -45.27 21.74 -32.86
CA LYS A 674 -43.93 21.88 -33.39
C LYS A 674 -43.63 20.87 -34.49
N GLN A 675 -42.76 21.26 -35.41
CA GLN A 675 -42.34 20.40 -36.51
C GLN A 675 -40.92 19.92 -36.23
N TYR A 676 -40.66 18.65 -36.52
CA TYR A 676 -39.34 18.08 -36.27
C TYR A 676 -38.75 17.38 -37.49
N ILE A 677 -37.44 17.53 -37.67
CA ILE A 677 -36.75 16.87 -38.75
C ILE A 677 -36.22 15.58 -38.14
N ALA A 678 -36.79 14.46 -38.55
CA ALA A 678 -36.39 13.16 -38.02
C ALA A 678 -35.58 12.34 -39.01
N THR A 679 -34.51 11.74 -38.52
CA THR A 679 -33.67 10.89 -39.35
C THR A 679 -33.65 9.53 -38.67
N VAL A 680 -34.18 8.53 -39.35
CA VAL A 680 -34.26 7.18 -38.82
C VAL A 680 -33.18 6.26 -39.37
N TYR A 681 -32.34 5.75 -38.47
CA TYR A 681 -31.26 4.84 -38.83
C TYR A 681 -31.76 3.48 -38.35
N ALA A 682 -32.14 2.61 -39.27
CA ALA A 682 -32.66 1.31 -38.89
C ALA A 682 -32.07 0.12 -39.62
N ASP A 683 -32.35 -1.08 -39.10
CA ASP A 683 -31.87 -2.31 -39.70
C ASP A 683 -32.61 -2.46 -41.02
N ALA A 684 -31.90 -2.85 -42.05
CA ALA A 684 -32.54 -3.07 -43.34
C ALA A 684 -33.29 -4.38 -43.21
N LYS A 685 -34.16 -4.68 -44.15
CA LYS A 685 -34.89 -5.94 -44.12
C LYS A 685 -33.86 -7.06 -44.17
N ASP A 686 -34.06 -8.10 -43.36
CA ASP A 686 -33.14 -9.24 -43.32
C ASP A 686 -31.76 -8.95 -42.73
N ALA A 687 -31.65 -7.85 -42.00
CA ALA A 687 -30.38 -7.54 -41.35
C ALA A 687 -30.27 -8.60 -40.26
N ASP A 688 -29.05 -8.91 -39.84
CA ASP A 688 -28.81 -9.91 -38.81
C ASP A 688 -27.43 -9.66 -38.25
N TRP A 689 -27.26 -9.75 -36.93
CA TRP A 689 -25.95 -9.48 -36.35
C TRP A 689 -24.87 -10.42 -36.88
N LYS A 690 -25.24 -11.65 -37.17
CA LYS A 690 -24.26 -12.61 -37.65
C LYS A 690 -24.11 -12.70 -39.16
N GLU A 691 -25.21 -12.87 -39.88
CA GLU A 691 -25.17 -13.00 -41.33
C GLU A 691 -25.19 -11.72 -42.16
N ASN A 692 -25.73 -10.64 -41.61
CA ASN A 692 -25.83 -9.39 -42.37
C ASN A 692 -25.92 -8.18 -41.43
N PRO A 693 -24.84 -7.93 -40.67
CA PRO A 693 -24.75 -6.82 -39.71
C PRO A 693 -24.61 -5.40 -40.25
N GLN A 694 -24.11 -5.24 -41.46
CA GLN A 694 -23.91 -3.90 -42.02
C GLN A 694 -25.03 -3.39 -42.92
N ALA A 695 -26.17 -4.08 -42.91
CA ALA A 695 -27.31 -3.68 -43.73
C ALA A 695 -28.21 -2.74 -42.93
N TYR A 696 -28.22 -1.47 -43.33
CA TYR A 696 -29.03 -0.46 -42.66
C TYR A 696 -29.65 0.51 -43.65
N THR A 697 -30.70 1.20 -43.21
CA THR A 697 -31.35 2.19 -44.05
C THR A 697 -31.42 3.50 -43.28
N ILE A 698 -31.47 4.60 -44.01
CA ILE A 698 -31.56 5.92 -43.41
C ILE A 698 -32.68 6.67 -44.10
N LYS A 699 -33.68 7.07 -43.33
CA LYS A 699 -34.82 7.80 -43.89
C LYS A 699 -34.99 9.11 -43.14
N LYS A 700 -35.23 10.18 -43.88
CA LYS A 700 -35.40 11.50 -43.28
C LYS A 700 -36.77 12.05 -43.61
N GLY A 701 -37.46 12.57 -42.59
CA GLY A 701 -38.78 13.12 -42.80
C GLY A 701 -39.21 14.04 -41.68
N ILE A 702 -40.51 14.35 -41.65
CA ILE A 702 -41.06 15.23 -40.63
C ILE A 702 -41.85 14.46 -39.57
N LEU A 703 -41.70 14.89 -38.31
CA LEU A 703 -42.41 14.27 -37.21
C LEU A 703 -43.06 15.35 -36.34
N THR A 704 -44.21 15.01 -35.76
CA THR A 704 -44.92 15.90 -34.87
C THR A 704 -45.38 15.00 -33.73
N ASN A 705 -45.99 15.58 -32.70
CA ASN A 705 -46.44 14.79 -31.56
C ASN A 705 -47.64 13.92 -31.93
N LYS A 706 -48.03 13.95 -33.19
CA LYS A 706 -49.16 13.14 -33.68
C LYS A 706 -48.64 11.98 -34.50
N SER A 707 -47.32 11.96 -34.74
CA SER A 707 -46.71 10.91 -35.53
C SER A 707 -46.62 9.57 -34.82
N LYS A 708 -46.72 8.51 -35.61
CA LYS A 708 -46.64 7.13 -35.12
C LYS A 708 -45.77 6.40 -36.12
N LEU A 709 -44.86 5.56 -35.63
CA LEU A 709 -43.98 4.84 -36.54
C LEU A 709 -43.77 3.40 -36.11
N ASN A 710 -43.75 2.50 -37.09
CA ASN A 710 -43.53 1.08 -36.82
C ASN A 710 -42.13 0.72 -37.29
N LEU A 711 -41.29 0.28 -36.36
CA LEU A 711 -39.92 -0.09 -36.68
C LEU A 711 -39.60 -1.48 -36.15
N HIS A 712 -38.77 -2.21 -36.90
CA HIS A 712 -38.40 -3.55 -36.49
C HIS A 712 -36.89 -3.68 -36.28
N ALA A 713 -36.51 -4.12 -35.09
CA ALA A 713 -35.11 -4.34 -34.75
C ALA A 713 -34.83 -5.80 -35.06
N ALA A 714 -33.76 -6.05 -35.82
CA ALA A 714 -33.40 -7.41 -36.19
C ALA A 714 -32.77 -8.16 -35.02
N ASN A 715 -32.35 -9.39 -35.30
CA ASN A 715 -31.69 -10.24 -34.31
C ASN A 715 -30.36 -9.57 -33.99
N GLY A 716 -30.22 -9.09 -32.75
CA GLY A 716 -29.00 -8.42 -32.37
C GLY A 716 -28.95 -7.05 -33.03
N GLY A 717 -30.12 -6.55 -33.40
CA GLY A 717 -30.20 -5.25 -34.05
C GLY A 717 -30.88 -4.19 -33.20
N GLY A 718 -31.30 -3.12 -33.87
CA GLY A 718 -31.96 -2.02 -33.19
C GLY A 718 -32.10 -0.86 -34.15
N TYR A 719 -32.31 0.34 -33.62
CA TYR A 719 -32.45 1.52 -34.45
C TYR A 719 -32.17 2.78 -33.66
N ALA A 720 -31.90 3.87 -34.37
CA ALA A 720 -31.61 5.15 -33.73
C ALA A 720 -32.34 6.24 -34.49
N ILE A 721 -32.83 7.24 -33.77
CA ILE A 721 -33.54 8.34 -34.39
C ILE A 721 -33.14 9.68 -33.82
N SER A 722 -32.82 10.63 -34.69
CA SER A 722 -32.50 11.97 -34.24
C SER A 722 -33.74 12.77 -34.60
N ILE A 723 -34.24 13.54 -33.65
CA ILE A 723 -35.45 14.34 -33.87
C ILE A 723 -35.16 15.79 -33.50
N LYS A 724 -34.82 16.59 -34.50
CA LYS A 724 -34.48 17.99 -34.25
C LYS A 724 -35.60 18.95 -34.61
N GLU A 725 -35.90 19.85 -33.68
CA GLU A 725 -36.95 20.83 -33.89
C GLU A 725 -36.59 21.71 -35.07
N VAL A 726 -37.55 21.94 -35.96
CA VAL A 726 -37.31 22.79 -37.13
C VAL A 726 -37.09 24.22 -36.66
N LYS A 727 -36.01 24.84 -37.14
CA LYS A 727 -35.70 26.21 -36.77
C LYS A 727 -35.73 27.13 -38.00
N ASP A 728 -36.02 26.55 -39.16
CA ASP A 728 -36.08 27.30 -40.40
C ASP A 728 -36.83 26.51 -41.46
N LYS A 729 -37.75 27.17 -42.14
CA LYS A 729 -38.55 26.54 -43.19
C LYS A 729 -37.65 25.80 -44.18
N SER A 730 -36.51 26.40 -44.51
CA SER A 730 -35.56 25.82 -45.44
C SER A 730 -34.89 24.55 -44.91
N GLU A 731 -35.65 23.74 -44.18
CA GLU A 731 -35.14 22.50 -43.62
C GLU A 731 -36.10 21.36 -43.94
N ALA A 732 -37.39 21.68 -43.99
CA ALA A 732 -38.42 20.70 -44.28
C ALA A 732 -38.64 20.58 -45.78
N LYS A 733 -37.99 21.46 -46.54
CA LYS A 733 -38.12 21.45 -47.99
C LYS A 733 -37.85 20.07 -48.58
N GLY A 734 -38.82 19.56 -49.33
CA GLY A 734 -38.68 18.25 -49.95
C GLY A 734 -38.93 17.10 -49.01
N LEU A 735 -39.09 17.39 -47.72
CA LEU A 735 -39.34 16.35 -46.73
C LEU A 735 -40.84 16.11 -46.52
N LYS A 736 -41.20 14.86 -46.27
CA LYS A 736 -42.60 14.49 -46.06
C LYS A 736 -42.75 13.85 -44.68
N ARG A 737 -43.98 13.85 -44.16
CA ARG A 737 -44.24 13.26 -42.85
C ARG A 737 -43.95 11.77 -42.86
N LEU A 738 -43.37 11.28 -41.78
CA LEU A 738 -43.05 9.85 -41.66
C LEU A 738 -44.22 9.12 -41.03
N SER B 19 31.84 -31.58 -13.00
CA SER B 19 32.91 -30.95 -13.83
C SER B 19 33.62 -29.85 -13.04
N HIS B 20 34.71 -29.35 -13.61
CA HIS B 20 35.51 -28.29 -12.97
C HIS B 20 35.90 -28.66 -11.54
N MET B 21 37.11 -29.17 -11.38
CA MET B 21 37.62 -29.56 -10.07
C MET B 21 37.30 -28.45 -9.07
N GLN B 22 37.02 -28.84 -7.82
CA GLN B 22 36.70 -27.87 -6.78
C GLN B 22 37.60 -26.64 -6.86
N GLN B 23 37.02 -25.47 -6.59
CA GLN B 23 37.77 -24.22 -6.62
C GLN B 23 38.17 -23.82 -5.21
N LYS B 24 39.32 -23.15 -5.11
CA LYS B 24 39.84 -22.70 -3.82
C LYS B 24 40.02 -21.18 -3.84
N LEU B 25 39.44 -20.51 -2.84
CA LEU B 25 39.57 -19.06 -2.72
C LEU B 25 40.22 -18.80 -1.38
N THR B 26 41.27 -17.97 -1.37
CA THR B 26 41.99 -17.68 -0.14
C THR B 26 41.99 -16.19 0.20
N SER B 27 41.95 -15.88 1.49
CA SER B 27 41.96 -14.49 1.94
C SER B 27 43.35 -13.92 1.66
N PRO B 28 43.47 -12.60 1.60
CA PRO B 28 44.78 -11.98 1.33
C PRO B 28 45.89 -12.47 2.25
N ASP B 29 45.58 -12.68 3.53
CA ASP B 29 46.60 -13.13 4.47
C ASP B 29 46.75 -14.66 4.57
N ASN B 30 46.04 -15.38 3.70
CA ASN B 30 46.11 -16.84 3.66
C ASN B 30 45.50 -17.59 4.84
N ASN B 31 44.94 -16.87 5.81
CA ASN B 31 44.34 -17.54 6.96
C ASN B 31 43.01 -18.22 6.68
N LEU B 32 42.23 -17.66 5.76
CA LEU B 32 40.93 -18.25 5.42
C LEU B 32 40.94 -18.88 4.05
N VAL B 33 40.26 -20.02 3.93
CA VAL B 33 40.16 -20.72 2.65
C VAL B 33 38.73 -21.19 2.42
N MET B 34 38.16 -20.80 1.29
CA MET B 34 36.81 -21.20 0.93
C MET B 34 36.92 -22.17 -0.23
N THR B 35 36.36 -23.36 -0.06
CA THR B 35 36.39 -24.35 -1.11
C THR B 35 35.00 -24.50 -1.68
N PHE B 36 34.89 -24.39 -3.01
CA PHE B 36 33.60 -24.50 -3.69
C PHE B 36 33.61 -25.66 -4.66
N GLN B 37 32.45 -26.30 -4.81
CA GLN B 37 32.30 -27.41 -5.74
C GLN B 37 30.84 -27.78 -5.84
N VAL B 38 30.42 -28.24 -7.01
CA VAL B 38 29.05 -28.68 -7.20
C VAL B 38 29.10 -30.17 -6.84
N ASP B 39 28.16 -30.65 -6.04
CA ASP B 39 28.18 -32.06 -5.68
C ASP B 39 27.63 -32.99 -6.76
N SER B 40 27.55 -34.28 -6.45
CA SER B 40 27.07 -35.27 -7.41
C SER B 40 25.67 -35.06 -7.95
N LYS B 41 24.83 -34.32 -7.22
CA LYS B 41 23.47 -34.07 -7.68
C LYS B 41 23.33 -32.67 -8.25
N GLY B 42 24.46 -32.00 -8.44
CA GLY B 42 24.46 -30.66 -9.01
C GLY B 42 24.14 -29.52 -8.07
N ALA B 43 24.32 -29.75 -6.77
CA ALA B 43 24.05 -28.70 -5.78
C ALA B 43 25.30 -27.91 -5.44
N PRO B 44 25.27 -26.59 -5.60
CA PRO B 44 26.44 -25.76 -5.28
C PRO B 44 26.76 -25.93 -3.80
N THR B 45 28.03 -26.25 -3.51
CA THR B 45 28.44 -26.47 -2.14
C THR B 45 29.70 -25.71 -1.78
N TYR B 46 29.74 -25.14 -0.58
CA TYR B 46 30.91 -24.39 -0.14
C TYR B 46 31.27 -24.77 1.30
N GLU B 47 32.52 -24.50 1.66
CA GLU B 47 33.02 -24.76 3.00
C GLU B 47 34.05 -23.68 3.29
N LEU B 48 34.32 -23.43 4.57
CA LEU B 48 35.25 -22.39 4.96
C LEU B 48 36.09 -22.78 6.15
N THR B 49 37.39 -22.50 6.08
CA THR B 49 38.30 -22.78 7.18
C THR B 49 39.03 -21.51 7.57
N TYR B 50 39.40 -21.45 8.84
CA TYR B 50 40.12 -20.31 9.41
C TYR B 50 41.30 -20.89 10.20
N LYS B 51 42.51 -20.57 9.77
CA LYS B 51 43.72 -21.08 10.42
C LYS B 51 43.63 -22.59 10.56
N ASN B 52 43.19 -23.23 9.47
CA ASN B 52 43.05 -24.68 9.39
C ASN B 52 41.98 -25.29 10.29
N LYS B 53 41.09 -24.45 10.80
CA LYS B 53 39.99 -24.92 11.64
C LYS B 53 38.71 -24.76 10.83
N VAL B 54 37.84 -25.75 10.88
CA VAL B 54 36.58 -25.67 10.13
C VAL B 54 35.66 -24.63 10.75
N VAL B 55 35.17 -23.72 9.91
CA VAL B 55 34.26 -22.67 10.34
C VAL B 55 32.88 -23.04 9.78
N ILE B 56 32.85 -23.37 8.50
CA ILE B 56 31.62 -23.77 7.83
C ILE B 56 31.86 -25.13 7.17
N LYS B 57 31.10 -26.14 7.59
CA LYS B 57 31.23 -27.47 7.01
C LYS B 57 30.57 -27.42 5.63
N PRO B 58 30.77 -28.46 4.81
CA PRO B 58 30.14 -28.45 3.48
C PRO B 58 28.67 -28.04 3.59
N SER B 59 28.33 -26.93 2.93
CA SER B 59 26.97 -26.39 2.96
C SER B 59 26.50 -26.05 1.57
N THR B 60 25.24 -26.38 1.26
CA THR B 60 24.70 -26.09 -0.06
C THR B 60 24.09 -24.70 -0.19
N LEU B 61 24.00 -24.25 -1.44
CA LEU B 61 23.45 -22.94 -1.77
C LEU B 61 22.45 -23.09 -2.91
N GLY B 62 21.36 -22.35 -2.84
CA GLY B 62 20.35 -22.41 -3.87
C GLY B 62 19.03 -21.85 -3.39
N LEU B 63 18.05 -21.84 -4.28
CA LEU B 63 16.71 -21.34 -3.93
C LEU B 63 15.62 -22.18 -4.58
N GLU B 64 14.44 -22.15 -3.98
CA GLU B 64 13.28 -22.85 -4.51
C GLU B 64 12.33 -21.73 -4.92
N LEU B 65 11.80 -21.83 -6.13
CA LEU B 65 10.91 -20.81 -6.65
C LEU B 65 9.46 -21.24 -6.60
N LYS B 66 8.57 -20.26 -6.59
CA LYS B 66 7.13 -20.52 -6.57
C LYS B 66 6.72 -21.05 -7.95
N LYS B 67 5.80 -22.01 -7.97
CA LYS B 67 5.34 -22.57 -9.23
C LYS B 67 4.54 -21.50 -9.97
N GLU B 68 4.81 -21.35 -11.27
CA GLU B 68 4.12 -20.36 -12.08
C GLU B 68 2.64 -20.70 -12.26
N THR B 84 -0.36 -32.24 -11.82
CA THR B 84 -0.24 -33.66 -11.52
C THR B 84 1.22 -34.08 -11.41
N LYS B 85 2.13 -33.15 -11.64
CA LYS B 85 3.55 -33.45 -11.55
C LYS B 85 4.41 -32.21 -11.25
N LEU B 86 5.59 -32.47 -10.70
CA LEU B 86 6.53 -31.40 -10.33
C LEU B 86 7.01 -30.57 -11.51
N ASP B 87 7.18 -29.27 -11.26
CA ASP B 87 7.66 -28.33 -12.28
C ASP B 87 9.13 -28.07 -11.99
N SER B 88 10.00 -28.48 -12.92
CA SER B 88 11.44 -28.29 -12.73
C SER B 88 11.84 -26.84 -12.57
N LYS B 89 11.02 -25.92 -13.07
CA LYS B 89 11.34 -24.50 -12.97
C LYS B 89 11.34 -23.99 -11.53
N THR B 90 10.73 -24.75 -10.61
CA THR B 90 10.72 -24.34 -9.21
C THR B 90 12.07 -24.64 -8.57
N ASN B 91 12.85 -25.48 -9.23
CA ASN B 91 14.15 -25.89 -8.74
C ASN B 91 15.30 -24.99 -9.17
N LEU B 92 15.85 -24.23 -8.22
CA LEU B 92 17.01 -23.39 -8.51
C LEU B 92 18.04 -23.72 -7.43
N TYR B 93 18.12 -24.99 -7.06
CA TYR B 93 19.06 -25.45 -6.04
C TYR B 93 20.00 -26.59 -6.46
N ASP B 94 19.63 -27.37 -7.46
CA ASP B 94 20.53 -28.42 -7.91
C ASP B 94 20.44 -28.69 -9.41
N GLY B 95 21.19 -29.67 -9.89
CA GLY B 95 21.17 -29.94 -11.31
C GLY B 95 22.02 -28.90 -12.03
N PHE B 96 22.92 -28.26 -11.30
CA PHE B 96 23.81 -27.24 -11.88
C PHE B 96 25.15 -27.84 -12.30
N GLU B 97 25.84 -27.11 -13.18
CA GLU B 97 27.16 -27.50 -13.64
C GLU B 97 27.92 -26.20 -13.82
N VAL B 98 29.19 -26.18 -13.46
CA VAL B 98 30.00 -24.98 -13.60
C VAL B 98 30.29 -24.70 -15.07
N LYS B 99 29.85 -23.55 -15.55
CA LYS B 99 30.06 -23.17 -16.94
C LYS B 99 31.27 -22.26 -17.09
N ASP B 100 31.51 -21.43 -16.09
CA ASP B 100 32.64 -20.51 -16.13
C ASP B 100 32.97 -20.00 -14.73
N THR B 101 34.20 -19.53 -14.55
CA THR B 101 34.64 -18.99 -13.27
C THR B 101 35.59 -17.83 -13.52
N GLN B 102 35.46 -16.78 -12.71
CA GLN B 102 36.33 -15.61 -12.83
C GLN B 102 36.84 -15.25 -11.46
N THR B 103 38.12 -14.89 -11.39
CA THR B 103 38.72 -14.49 -10.14
C THR B 103 39.18 -13.05 -10.30
N ALA B 104 39.30 -12.35 -9.18
CA ALA B 104 39.73 -10.96 -9.20
C ALA B 104 40.10 -10.54 -7.78
N THR B 105 40.88 -9.46 -7.68
CA THR B 105 41.27 -8.94 -6.39
C THR B 105 40.92 -7.47 -6.37
N PHE B 106 40.41 -7.01 -5.24
CA PHE B 106 40.02 -5.61 -5.09
C PHE B 106 40.69 -5.07 -3.85
N ASP B 107 41.23 -3.86 -3.94
CA ASP B 107 41.91 -3.24 -2.81
C ASP B 107 41.83 -1.73 -2.96
N GLU B 108 40.82 -1.14 -2.33
CA GLU B 108 40.62 0.31 -2.39
C GLU B 108 40.15 0.80 -1.03
N THR B 109 40.47 2.05 -0.72
CA THR B 109 40.07 2.65 0.55
C THR B 109 39.06 3.75 0.29
N TRP B 110 38.05 3.84 1.14
CA TRP B 110 37.04 4.88 1.00
C TRP B 110 36.76 5.52 2.35
N GLN B 111 36.07 6.66 2.34
CA GLN B 111 35.77 7.36 3.57
C GLN B 111 34.28 7.56 3.78
N PRO B 112 33.75 7.06 4.90
CA PRO B 112 32.32 7.25 5.14
C PRO B 112 32.08 8.68 5.60
N VAL B 113 30.86 9.18 5.41
CA VAL B 113 30.51 10.54 5.83
C VAL B 113 30.68 10.64 7.34
N TRP B 114 30.25 9.58 8.03
CA TRP B 114 30.37 9.49 9.48
C TRP B 114 30.65 8.02 9.79
N GLY B 115 31.41 7.76 10.85
CA GLY B 115 31.74 6.38 11.18
C GLY B 115 32.66 6.22 12.37
N GLU B 116 33.15 4.99 12.56
CA GLU B 116 34.05 4.67 13.66
C GLU B 116 35.51 5.04 13.36
N GLU B 117 35.81 5.31 12.09
CA GLU B 117 37.15 5.73 11.69
C GLU B 117 37.08 6.52 10.39
N LYS B 118 38.12 7.28 10.11
CA LYS B 118 38.17 8.12 8.91
C LYS B 118 38.14 7.36 7.60
N GLU B 119 38.94 6.31 7.51
CA GLU B 119 39.01 5.51 6.29
C GLU B 119 38.82 4.02 6.50
N ILE B 120 38.19 3.39 5.50
CA ILE B 120 37.93 1.97 5.53
C ILE B 120 38.58 1.31 4.32
N ARG B 121 39.32 0.23 4.55
CA ARG B 121 39.97 -0.49 3.46
C ARG B 121 39.07 -1.64 3.01
N ASN B 122 38.85 -1.71 1.71
CA ASN B 122 38.01 -2.76 1.10
C ASN B 122 38.98 -3.63 0.32
N HIS B 123 39.45 -4.71 0.95
CA HIS B 123 40.43 -5.61 0.34
C HIS B 123 39.97 -7.07 0.38
N TYR B 124 39.69 -7.63 -0.79
CA TYR B 124 39.24 -9.02 -0.85
C TYR B 124 39.66 -9.72 -2.13
N ASN B 125 39.63 -11.05 -2.10
CA ASN B 125 39.92 -11.87 -3.27
C ASN B 125 38.55 -12.40 -3.64
N GLU B 126 38.23 -12.36 -4.93
CA GLU B 126 36.92 -12.78 -5.40
C GLU B 126 36.89 -13.98 -6.35
N LEU B 127 35.81 -14.75 -6.23
CA LEU B 127 35.58 -15.90 -7.10
C LEU B 127 34.11 -15.82 -7.51
N ALA B 128 33.87 -15.75 -8.81
CA ALA B 128 32.51 -15.70 -9.33
C ALA B 128 32.33 -16.98 -10.14
N VAL B 129 31.29 -17.73 -9.80
CA VAL B 129 31.02 -18.98 -10.49
C VAL B 129 29.71 -18.91 -11.27
N THR B 130 29.78 -19.19 -12.57
CA THR B 130 28.58 -19.18 -13.39
C THR B 130 28.07 -20.61 -13.40
N LEU B 131 26.85 -20.80 -12.96
CA LEU B 131 26.24 -22.13 -12.88
C LEU B 131 25.10 -22.29 -13.86
N TYR B 132 25.25 -23.26 -14.76
CA TYR B 132 24.23 -23.53 -15.78
C TYR B 132 23.38 -24.72 -15.34
N GLN B 133 22.07 -24.60 -15.55
CA GLN B 133 21.14 -25.65 -15.17
C GLN B 133 20.50 -26.21 -16.45
N PRO B 134 21.06 -27.29 -16.99
CA PRO B 134 20.55 -27.92 -18.21
C PRO B 134 19.05 -28.16 -18.29
N MET B 135 18.46 -28.71 -17.24
CA MET B 135 17.04 -29.02 -17.26
C MET B 135 16.12 -27.82 -17.44
N ASN B 136 16.60 -26.63 -17.08
CA ASN B 136 15.79 -25.43 -17.23
C ASN B 136 16.41 -24.43 -18.20
N ASP B 137 17.55 -24.79 -18.79
CA ASP B 137 18.26 -23.94 -19.73
C ASP B 137 18.39 -22.51 -19.21
N ARG B 138 18.92 -22.39 -18.00
CA ARG B 138 19.11 -21.08 -17.38
C ARG B 138 20.35 -21.11 -16.49
N SER B 139 20.89 -19.94 -16.20
CA SER B 139 22.09 -19.84 -15.38
C SER B 139 21.98 -18.78 -14.30
N ILE B 140 22.78 -18.97 -13.25
CA ILE B 140 22.85 -18.00 -12.16
C ILE B 140 24.33 -17.87 -11.86
N VAL B 141 24.68 -16.87 -11.06
CA VAL B 141 26.06 -16.66 -10.68
C VAL B 141 26.12 -16.55 -9.17
N ILE B 142 27.13 -17.18 -8.57
CA ILE B 142 27.31 -17.06 -7.14
C ILE B 142 28.67 -16.39 -7.00
N ARG B 143 28.67 -15.21 -6.39
CA ARG B 143 29.91 -14.45 -6.22
C ARG B 143 30.38 -14.51 -4.78
N PHE B 144 31.64 -14.89 -4.59
CA PHE B 144 32.24 -15.00 -3.27
C PHE B 144 33.34 -13.96 -3.10
N ARG B 145 33.34 -13.29 -1.96
CA ARG B 145 34.37 -12.29 -1.65
C ARG B 145 34.96 -12.67 -0.31
N LEU B 146 36.25 -13.00 -0.30
CA LEU B 146 36.92 -13.42 0.91
C LEU B 146 37.90 -12.38 1.42
N PHE B 147 37.66 -11.93 2.65
CA PHE B 147 38.49 -10.93 3.33
C PHE B 147 39.28 -11.63 4.42
N ASN B 148 40.23 -10.91 5.01
CA ASN B 148 41.03 -11.48 6.08
C ASN B 148 40.19 -11.77 7.31
N ASP B 149 39.02 -11.15 7.39
CA ASP B 149 38.15 -11.36 8.54
C ASP B 149 36.81 -12.01 8.22
N GLY B 150 36.65 -12.51 7.02
CA GLY B 150 35.38 -13.15 6.71
C GLY B 150 35.05 -13.38 5.25
N LEU B 151 33.94 -14.08 5.05
CA LEU B 151 33.46 -14.41 3.72
C LEU B 151 32.08 -13.83 3.45
N GLY B 152 31.89 -13.34 2.24
CA GLY B 152 30.60 -12.81 1.84
C GLY B 152 30.25 -13.46 0.51
N PHE B 153 28.97 -13.78 0.33
CA PHE B 153 28.54 -14.37 -0.93
C PHE B 153 27.12 -13.94 -1.26
N ARG B 154 26.80 -13.94 -2.55
CA ARG B 154 25.45 -13.59 -2.98
C ARG B 154 25.14 -14.30 -4.28
N TYR B 155 23.86 -14.37 -4.62
CA TYR B 155 23.44 -15.00 -5.87
C TYR B 155 23.10 -13.87 -6.83
N GLU B 156 23.39 -14.07 -8.10
CA GLU B 156 23.10 -13.08 -9.11
C GLU B 156 22.30 -13.78 -10.20
N PHE B 157 21.25 -13.11 -10.67
CA PHE B 157 20.39 -13.69 -11.70
C PHE B 157 20.41 -12.82 -12.95
N PRO B 158 21.26 -13.18 -13.93
CA PRO B 158 21.37 -12.42 -15.18
C PRO B 158 20.10 -12.42 -16.03
N GLN B 159 19.89 -11.36 -16.79
CA GLN B 159 18.73 -11.29 -17.67
C GLN B 159 19.02 -12.34 -18.74
N GLN B 160 18.03 -13.17 -19.03
CA GLN B 160 18.19 -14.22 -20.02
C GLN B 160 16.85 -14.69 -20.54
N LYS B 161 16.88 -15.49 -21.61
CA LYS B 161 15.67 -15.99 -22.22
C LYS B 161 14.75 -16.76 -21.27
N SER B 162 15.33 -17.60 -20.42
CA SER B 162 14.55 -18.42 -19.50
C SER B 162 14.49 -18.03 -18.03
N LEU B 163 14.86 -16.80 -17.71
CA LEU B 163 14.78 -16.34 -16.31
C LEU B 163 14.59 -14.85 -16.33
N ASN B 164 13.36 -14.42 -16.09
CA ASN B 164 13.03 -13.00 -16.08
C ASN B 164 12.27 -12.68 -14.80
N TYR B 165 10.96 -12.93 -14.79
CA TYR B 165 10.19 -12.69 -13.58
C TYR B 165 10.06 -14.01 -12.83
N PHE B 166 10.32 -13.98 -11.54
CA PHE B 166 10.17 -15.18 -10.73
C PHE B 166 9.92 -14.80 -9.29
N VAL B 167 9.30 -15.72 -8.56
CA VAL B 167 8.99 -15.51 -7.15
C VAL B 167 9.71 -16.55 -6.32
N ILE B 168 10.34 -16.11 -5.24
CA ILE B 168 11.08 -17.01 -4.37
C ILE B 168 10.15 -17.65 -3.34
N LYS B 169 10.19 -18.98 -3.25
CA LYS B 169 9.38 -19.69 -2.27
C LYS B 169 10.20 -19.76 -0.98
N GLU B 170 11.47 -20.14 -1.11
CA GLU B 170 12.38 -20.21 0.02
C GLU B 170 13.81 -20.09 -0.49
N GLU B 171 14.67 -19.44 0.28
CA GLU B 171 16.07 -19.36 -0.09
C GLU B 171 16.69 -20.49 0.73
N HIS B 172 17.58 -21.27 0.12
CA HIS B 172 18.22 -22.38 0.82
C HIS B 172 19.73 -22.20 0.97
N SER B 173 20.13 -21.12 1.64
CA SER B 173 21.54 -20.86 1.90
C SER B 173 21.89 -21.51 3.23
N GLN B 174 22.78 -22.50 3.21
CA GLN B 174 23.17 -23.18 4.44
C GLN B 174 24.44 -22.67 5.07
N PHE B 175 24.53 -22.82 6.39
CA PHE B 175 25.69 -22.43 7.18
C PHE B 175 25.89 -23.58 8.17
N GLY B 176 26.64 -24.60 7.77
CA GLY B 176 26.86 -25.74 8.64
C GLY B 176 27.92 -25.49 9.70
N MET B 177 27.52 -25.61 10.96
CA MET B 177 28.43 -25.39 12.08
C MET B 177 29.23 -26.65 12.40
N ASN B 178 30.45 -26.47 12.91
CA ASN B 178 31.31 -27.59 13.23
C ASN B 178 31.11 -28.10 14.65
N GLY B 179 30.16 -27.51 15.38
CA GLY B 179 29.92 -27.94 16.74
C GLY B 179 28.75 -27.26 17.40
N ASP B 180 28.45 -27.68 18.63
CA ASP B 180 27.35 -27.13 19.41
C ASP B 180 27.86 -25.88 20.11
N HIS B 181 28.02 -24.82 19.32
CA HIS B 181 28.54 -23.54 19.80
C HIS B 181 27.64 -22.81 20.78
N ILE B 182 28.23 -21.81 21.44
CA ILE B 182 27.50 -20.97 22.36
C ILE B 182 27.01 -19.85 21.44
N ALA B 183 25.74 -19.48 21.58
CA ALA B 183 25.18 -18.43 20.74
C ALA B 183 24.57 -17.31 21.58
N PHE B 184 24.59 -16.11 21.01
CA PHE B 184 24.03 -14.91 21.64
C PHE B 184 22.93 -14.59 20.63
N TRP B 185 21.70 -14.94 20.99
CA TRP B 185 20.57 -14.81 20.08
C TRP B 185 19.25 -14.26 20.60
N ILE B 186 18.40 -13.88 19.65
CA ILE B 186 17.04 -13.42 19.94
C ILE B 186 16.13 -14.20 18.99
N PRO B 187 14.89 -14.45 19.41
CA PRO B 187 13.91 -15.20 18.60
C PRO B 187 13.71 -14.71 17.17
N GLY B 188 13.72 -15.64 16.22
CA GLY B 188 13.47 -15.27 14.83
C GLY B 188 12.07 -14.69 14.83
N ASP B 189 11.87 -13.55 14.19
CA ASP B 189 10.56 -12.92 14.23
C ASP B 189 10.40 -11.99 13.02
N TYR B 190 9.22 -12.01 12.39
CA TYR B 190 8.97 -11.17 11.21
C TYR B 190 8.55 -9.75 11.57
N ASP B 191 8.29 -9.49 12.84
CA ASP B 191 7.80 -8.17 13.22
C ASP B 191 8.53 -7.36 14.28
N THR B 192 9.31 -8.02 15.13
CA THR B 192 10.02 -7.27 16.17
C THR B 192 11.39 -7.85 16.48
N GLN B 193 12.29 -7.00 16.98
CA GLN B 193 13.62 -7.44 17.39
C GLN B 193 13.83 -6.91 18.80
N GLU B 194 12.77 -6.42 19.43
CA GLU B 194 12.87 -5.83 20.78
C GLU B 194 12.92 -6.85 21.91
N TYR B 195 13.72 -7.90 21.71
CA TYR B 195 13.89 -8.96 22.68
C TYR B 195 15.23 -8.90 23.38
N ASP B 196 15.27 -9.39 24.62
CA ASP B 196 16.52 -9.47 25.36
C ASP B 196 17.24 -10.66 24.74
N TYR B 197 18.57 -10.64 24.78
CA TYR B 197 19.35 -11.73 24.23
C TYR B 197 19.40 -12.90 25.19
N THR B 198 19.66 -14.08 24.63
CA THR B 198 19.80 -15.30 25.42
C THR B 198 21.16 -15.87 25.04
N ILE B 199 21.89 -16.36 26.04
CA ILE B 199 23.21 -16.94 25.81
C ILE B 199 23.06 -18.43 26.10
N SER B 200 23.18 -19.26 25.08
CA SER B 200 23.03 -20.69 25.27
C SER B 200 23.70 -21.47 24.15
N ARG B 201 23.78 -22.79 24.34
CA ARG B 201 24.35 -23.67 23.33
C ARG B 201 23.30 -23.74 22.23
N LEU B 202 23.73 -24.09 21.02
CA LEU B 202 22.79 -24.20 19.90
C LEU B 202 21.75 -25.26 20.22
N SER B 203 22.18 -26.31 20.91
CA SER B 203 21.28 -27.40 21.29
C SER B 203 20.27 -27.03 22.36
N GLU B 204 20.44 -25.87 22.99
CA GLU B 204 19.53 -25.42 24.05
C GLU B 204 18.52 -24.38 23.58
N ILE B 205 18.66 -23.91 22.35
CA ILE B 205 17.75 -22.90 21.81
C ILE B 205 16.30 -23.37 21.80
N ARG B 206 16.05 -24.59 21.32
CA ARG B 206 14.71 -25.14 21.25
C ARG B 206 13.97 -25.09 22.59
N GLY B 207 14.65 -25.49 23.66
CA GLY B 207 14.01 -25.51 24.97
C GLY B 207 13.89 -24.15 25.63
N LEU B 208 14.59 -23.15 25.10
CA LEU B 208 14.55 -21.81 25.67
C LEU B 208 13.70 -20.83 24.85
N MET B 209 13.34 -21.21 23.63
CA MET B 209 12.58 -20.33 22.76
C MET B 209 11.30 -19.77 23.38
N LYS B 210 10.49 -20.64 23.98
CA LYS B 210 9.24 -20.19 24.59
C LYS B 210 9.43 -19.02 25.55
N GLU B 211 10.38 -19.15 26.47
CA GLU B 211 10.63 -18.09 27.45
C GLU B 211 11.38 -16.89 26.88
N ALA B 212 12.06 -17.09 25.76
CA ALA B 212 12.81 -15.99 25.14
C ALA B 212 11.86 -15.05 24.40
N ILE B 213 10.69 -15.56 24.01
CA ILE B 213 9.71 -14.75 23.31
C ILE B 213 8.79 -14.06 24.33
N THR B 214 9.13 -12.80 24.62
CA THR B 214 8.34 -12.01 25.55
C THR B 214 7.30 -11.19 24.81
N PRO B 215 6.27 -10.68 25.51
CA PRO B 215 5.20 -9.88 24.92
C PRO B 215 5.63 -8.62 24.18
N ASN B 216 5.07 -8.41 22.99
CA ASN B 216 5.38 -7.22 22.19
C ASN B 216 4.15 -6.83 21.37
N SER B 217 4.04 -5.53 21.10
CA SER B 217 2.93 -4.97 20.33
C SER B 217 2.71 -5.65 18.97
N SER B 218 3.78 -6.07 18.32
CA SER B 218 3.67 -6.73 17.02
C SER B 218 4.81 -7.73 16.91
N GLN B 219 4.46 -9.02 16.91
CA GLN B 219 5.48 -10.07 16.84
C GLN B 219 4.95 -11.30 16.13
N THR B 220 5.82 -11.91 15.33
CA THR B 220 5.47 -13.13 14.62
C THR B 220 6.65 -14.09 14.58
N PRO B 221 6.84 -14.89 15.65
CA PRO B 221 7.93 -15.87 15.71
C PRO B 221 7.61 -16.93 14.67
N PHE B 222 8.62 -17.58 14.11
CA PHE B 222 8.34 -18.57 13.07
C PHE B 222 8.84 -19.99 13.31
N SER B 223 9.72 -20.17 14.29
CA SER B 223 10.26 -21.50 14.56
C SER B 223 10.80 -21.66 15.97
N GLN B 224 10.71 -22.89 16.49
CA GLN B 224 11.22 -23.18 17.82
C GLN B 224 12.74 -23.06 17.83
N THR B 225 13.34 -23.05 16.65
CA THR B 225 14.79 -22.92 16.53
C THR B 225 15.19 -21.81 15.57
N GLY B 226 14.31 -20.83 15.42
CA GLY B 226 14.59 -19.70 14.55
C GLY B 226 15.20 -18.54 15.32
N VAL B 227 16.22 -17.92 14.75
CA VAL B 227 16.89 -16.79 15.39
C VAL B 227 17.10 -15.68 14.36
N GLN B 228 17.34 -14.46 14.84
CA GLN B 228 17.55 -13.36 13.91
C GLN B 228 19.01 -13.25 13.52
N THR B 229 19.28 -12.70 12.35
CA THR B 229 20.66 -12.63 11.88
C THR B 229 21.35 -11.49 12.51
N ALA B 230 22.67 -11.63 12.49
CA ALA B 230 23.58 -10.74 13.15
C ALA B 230 23.54 -11.63 14.36
N LEU B 231 23.86 -12.90 14.10
CA LEU B 231 23.93 -13.93 15.12
C LEU B 231 25.38 -14.06 15.50
N MET B 232 25.66 -14.01 16.80
CA MET B 232 27.02 -14.11 17.31
C MET B 232 27.20 -15.46 18.00
N MET B 233 28.35 -16.09 17.77
CA MET B 233 28.65 -17.38 18.37
C MET B 233 30.10 -17.46 18.82
N LYS B 234 30.35 -18.34 19.79
CA LYS B 234 31.68 -18.58 20.33
C LYS B 234 31.85 -20.10 20.32
N THR B 235 32.90 -20.59 19.67
CA THR B 235 33.13 -22.03 19.58
C THR B 235 34.07 -22.55 20.66
N ASP B 236 33.99 -23.85 20.92
CA ASP B 236 34.82 -24.47 21.93
C ASP B 236 36.30 -24.44 21.56
N ASP B 237 36.59 -24.33 20.26
CA ASP B 237 37.99 -24.28 19.85
C ASP B 237 38.52 -22.87 19.66
N GLY B 238 37.95 -21.94 20.42
CA GLY B 238 38.39 -20.55 20.42
C GLY B 238 38.03 -19.60 19.29
N LEU B 239 37.00 -19.90 18.52
CA LEU B 239 36.62 -19.01 17.43
C LEU B 239 35.36 -18.21 17.73
N TYR B 240 35.26 -17.05 17.11
CA TYR B 240 34.10 -16.17 17.25
C TYR B 240 33.54 -16.07 15.83
N ILE B 241 32.27 -16.43 15.68
CA ILE B 241 31.62 -16.43 14.37
C ILE B 241 30.36 -15.57 14.39
N ASN B 242 30.21 -14.74 13.36
CA ASN B 242 29.06 -13.86 13.21
C ASN B 242 28.42 -14.15 11.85
N LEU B 243 27.13 -14.46 11.87
CA LEU B 243 26.38 -14.75 10.63
C LEU B 243 25.41 -13.59 10.42
N HIS B 244 25.43 -13.00 9.23
CA HIS B 244 24.57 -11.84 8.97
C HIS B 244 24.37 -11.67 7.46
N GLU B 245 23.81 -10.54 7.07
CA GLU B 245 23.62 -10.24 5.65
C GLU B 245 23.97 -8.77 5.42
N ALA B 246 24.22 -8.41 4.17
CA ALA B 246 24.58 -7.04 3.82
C ALA B 246 23.85 -6.56 2.58
N ALA B 247 23.47 -5.29 2.56
CA ALA B 247 22.79 -4.69 1.42
C ALA B 247 21.42 -5.29 1.17
N LEU B 248 20.58 -5.31 2.20
CA LEU B 248 19.23 -5.84 2.08
C LEU B 248 18.36 -4.84 1.32
N VAL B 249 18.32 -4.99 0.01
CA VAL B 249 17.57 -4.10 -0.87
C VAL B 249 16.75 -4.91 -1.87
N ASP B 250 15.51 -4.50 -2.09
CA ASP B 250 14.59 -5.17 -3.02
C ASP B 250 14.61 -6.68 -2.77
N TYR B 251 14.43 -7.05 -1.51
CA TYR B 251 14.46 -8.44 -1.11
C TYR B 251 13.88 -8.53 0.29
N SER B 252 13.51 -9.75 0.70
CA SER B 252 12.95 -9.97 2.02
C SER B 252 14.06 -10.20 3.06
N CYS B 253 13.82 -9.75 4.28
CA CYS B 253 14.79 -9.90 5.36
C CYS B 253 15.07 -11.37 5.67
N MET B 254 16.36 -11.69 5.84
CA MET B 254 16.77 -13.05 6.15
C MET B 254 16.93 -13.32 7.63
N HIS B 255 16.38 -14.43 8.10
CA HIS B 255 16.52 -14.87 9.47
C HIS B 255 17.21 -16.21 9.31
N LEU B 256 17.50 -16.88 10.42
CA LEU B 256 18.16 -18.18 10.35
C LEU B 256 17.37 -19.23 11.10
N ASN B 257 17.20 -20.39 10.47
CA ASN B 257 16.49 -21.48 11.12
C ASN B 257 17.51 -22.58 11.36
N LEU B 258 17.60 -23.02 12.61
CA LEU B 258 18.55 -24.04 12.99
C LEU B 258 18.02 -25.47 13.00
N ASP B 259 18.78 -26.36 12.36
CA ASP B 259 18.46 -27.78 12.36
C ASP B 259 19.36 -28.18 13.53
N ASP B 260 18.78 -28.36 14.71
CA ASP B 260 19.58 -28.70 15.89
C ASP B 260 19.96 -30.17 16.04
N LYS B 261 19.78 -30.94 14.97
CA LYS B 261 20.15 -32.35 14.98
C LYS B 261 21.49 -32.47 14.26
N ASN B 262 21.73 -31.56 13.32
CA ASN B 262 22.96 -31.57 12.55
C ASN B 262 23.71 -30.25 12.64
N MET B 263 23.16 -29.33 13.42
CA MET B 263 23.75 -28.02 13.62
C MET B 263 23.96 -27.23 12.33
N VAL B 264 22.93 -27.19 11.50
CA VAL B 264 23.00 -26.46 10.24
C VAL B 264 21.99 -25.32 10.26
N PHE B 265 22.47 -24.11 10.03
CA PHE B 265 21.60 -22.94 9.97
C PHE B 265 21.21 -22.77 8.52
N GLU B 266 19.98 -22.33 8.27
CA GLU B 266 19.56 -22.10 6.91
C GLU B 266 18.79 -20.79 6.81
N SER B 267 19.02 -20.08 5.73
CA SER B 267 18.34 -18.82 5.47
C SER B 267 16.83 -19.05 5.50
N TRP B 268 16.12 -18.20 6.23
CA TRP B 268 14.66 -18.29 6.33
C TRP B 268 14.17 -16.87 6.09
N LEU B 269 13.67 -16.61 4.89
CA LEU B 269 13.20 -15.26 4.55
C LEU B 269 11.82 -14.93 5.12
N THR B 270 11.49 -13.65 5.13
CA THR B 270 10.22 -13.19 5.66
C THR B 270 9.13 -13.24 4.59
N PRO B 271 8.01 -13.92 4.88
CA PRO B 271 6.92 -14.03 3.90
C PRO B 271 6.04 -12.80 3.77
N ASP B 272 5.40 -12.66 2.61
CA ASP B 272 4.49 -11.54 2.40
C ASP B 272 3.11 -12.04 2.84
N ALA B 273 2.07 -11.24 2.58
CA ALA B 273 0.72 -11.59 3.01
C ALA B 273 0.19 -12.91 2.44
N LYS B 274 0.78 -13.39 1.36
CA LYS B 274 0.34 -14.64 0.75
C LYS B 274 1.30 -15.78 1.03
N GLY B 275 2.35 -15.50 1.80
CA GLY B 275 3.33 -16.53 2.13
C GLY B 275 4.54 -16.60 1.23
N ASP B 276 4.59 -15.77 0.20
CA ASP B 276 5.70 -15.78 -0.73
C ASP B 276 6.90 -15.01 -0.18
N LYS B 277 8.09 -15.31 -0.69
CA LYS B 277 9.28 -14.66 -0.14
C LYS B 277 10.17 -13.87 -1.07
N GLY B 278 9.56 -13.14 -2.01
CA GLY B 278 10.35 -12.31 -2.89
C GLY B 278 9.97 -12.30 -4.35
N TYR B 279 9.58 -11.13 -4.84
CA TYR B 279 9.23 -10.96 -6.24
C TYR B 279 10.47 -10.40 -6.93
N MET B 280 11.04 -11.19 -7.83
CA MET B 280 12.27 -10.83 -8.53
C MET B 280 12.09 -10.62 -10.03
N GLN B 281 12.99 -9.83 -10.60
CA GLN B 281 13.00 -9.55 -12.03
C GLN B 281 14.46 -9.37 -12.46
N THR B 282 14.92 -10.24 -13.35
CA THR B 282 16.30 -10.15 -13.81
C THR B 282 16.52 -8.92 -14.70
N PRO B 283 17.73 -8.34 -14.63
CA PRO B 283 18.84 -8.79 -13.79
C PRO B 283 18.63 -8.34 -12.36
N CYS B 284 18.94 -9.21 -11.41
CA CYS B 284 18.79 -8.89 -9.99
C CYS B 284 19.72 -9.73 -9.14
N ASN B 285 19.96 -9.28 -7.91
CA ASN B 285 20.85 -9.97 -6.99
C ASN B 285 20.21 -10.12 -5.62
N THR B 286 20.66 -11.13 -4.88
CA THR B 286 20.18 -11.30 -3.52
C THR B 286 21.15 -10.44 -2.72
N PRO B 287 20.83 -10.19 -1.45
CA PRO B 287 21.75 -9.39 -0.63
C PRO B 287 22.92 -10.33 -0.34
N TRP B 288 24.00 -9.80 0.21
CA TRP B 288 25.13 -10.64 0.54
C TRP B 288 24.86 -11.38 1.85
N ARG B 289 25.48 -12.55 2.00
CA ARG B 289 25.37 -13.34 3.22
C ARG B 289 26.81 -13.33 3.74
N THR B 290 26.97 -13.02 5.02
CA THR B 290 28.31 -12.91 5.58
C THR B 290 28.63 -13.80 6.78
N ILE B 291 29.89 -14.25 6.80
CA ILE B 291 30.41 -15.08 7.87
C ILE B 291 31.69 -14.37 8.30
N ILE B 292 31.61 -13.70 9.44
CA ILE B 292 32.76 -12.97 9.99
C ILE B 292 33.35 -13.87 11.08
N VAL B 293 34.65 -14.13 10.99
CA VAL B 293 35.29 -15.02 11.95
C VAL B 293 36.69 -14.61 12.33
N SER B 294 37.04 -14.88 13.58
CA SER B 294 38.37 -14.58 14.11
C SER B 294 38.54 -15.26 15.46
N ASP B 295 39.78 -15.42 15.91
CA ASP B 295 40.04 -16.03 17.20
C ASP B 295 40.17 -14.93 18.25
N ASP B 296 39.88 -13.71 17.83
CA ASP B 296 39.94 -12.54 18.71
C ASP B 296 38.60 -11.81 18.57
N ALA B 297 37.81 -11.82 19.63
CA ALA B 297 36.49 -11.18 19.62
C ALA B 297 36.55 -9.73 19.17
N ARG B 298 37.62 -9.03 19.49
CA ARG B 298 37.77 -7.63 19.11
C ARG B 298 37.75 -7.45 17.60
N ASN B 299 38.24 -8.43 16.86
CA ASN B 299 38.27 -8.33 15.41
C ASN B 299 36.89 -8.44 14.78
N ILE B 300 35.93 -8.96 15.53
CA ILE B 300 34.57 -9.06 15.01
C ILE B 300 34.04 -7.62 14.97
N LEU B 301 34.32 -6.87 16.04
CA LEU B 301 33.89 -5.48 16.12
C LEU B 301 34.62 -4.61 15.09
N ALA B 302 35.88 -4.96 14.81
CA ALA B 302 36.67 -4.19 13.86
C ALA B 302 36.35 -4.45 12.39
N SER B 303 35.63 -5.54 12.12
CA SER B 303 35.30 -5.88 10.74
C SER B 303 34.41 -4.86 10.05
N ARG B 304 34.71 -4.59 8.78
CA ARG B 304 33.92 -3.66 7.99
C ARG B 304 33.39 -4.37 6.74
N ILE B 305 33.30 -5.69 6.81
CA ILE B 305 32.81 -6.46 5.68
C ILE B 305 31.40 -6.02 5.26
N THR B 306 30.52 -5.83 6.24
CA THR B 306 29.15 -5.42 5.93
C THR B 306 29.12 -4.13 5.13
N LEU B 307 29.79 -3.09 5.63
CA LEU B 307 29.81 -1.82 4.93
C LEU B 307 30.50 -1.94 3.57
N ASN B 308 31.60 -2.69 3.51
CA ASN B 308 32.34 -2.86 2.26
C ASN B 308 31.54 -3.52 1.16
N LEU B 309 30.56 -4.34 1.53
CA LEU B 309 29.75 -5.03 0.53
C LEU B 309 28.57 -4.19 0.03
N ASN B 310 28.38 -3.01 0.59
CA ASN B 310 27.29 -2.15 0.15
C ASN B 310 27.75 -1.24 -0.98
N GLU B 311 26.78 -0.76 -1.77
CA GLU B 311 27.08 0.12 -2.89
C GLU B 311 27.60 1.45 -2.38
N PRO B 312 28.51 2.08 -3.14
CA PRO B 312 29.06 3.37 -2.72
C PRO B 312 28.00 4.45 -2.56
N CYS B 313 28.33 5.47 -1.78
CA CYS B 313 27.45 6.59 -1.51
C CYS B 313 26.79 7.12 -2.78
N LYS B 314 25.48 7.33 -2.72
CA LYS B 314 24.71 7.84 -3.86
C LYS B 314 24.21 9.26 -3.65
N ILE B 315 24.55 9.84 -2.49
CA ILE B 315 24.14 11.22 -2.19
C ILE B 315 25.37 12.10 -2.42
N ALA B 316 25.49 12.59 -3.65
CA ALA B 316 26.62 13.43 -4.04
C ALA B 316 27.02 14.55 -3.10
N ASP B 317 26.04 15.31 -2.60
CA ASP B 317 26.34 16.43 -1.71
C ASP B 317 26.17 16.10 -0.24
N ALA B 318 26.21 14.83 0.10
CA ALA B 318 26.04 14.38 1.49
C ALA B 318 26.86 15.18 2.50
N ALA B 319 28.14 15.36 2.22
CA ALA B 319 29.02 16.08 3.13
C ALA B 319 28.54 17.50 3.48
N SER B 320 27.73 18.09 2.62
CA SER B 320 27.25 19.45 2.88
C SER B 320 26.05 19.57 3.82
N TRP B 321 25.34 18.47 4.09
CA TRP B 321 24.20 18.55 4.98
C TRP B 321 24.04 17.41 5.98
N VAL B 322 24.56 16.24 5.65
CA VAL B 322 24.47 15.11 6.59
C VAL B 322 25.48 15.35 7.70
N LYS B 323 25.02 15.31 8.94
CA LYS B 323 25.92 15.53 10.08
C LYS B 323 25.40 14.87 11.35
N PRO B 324 26.32 14.48 12.26
CA PRO B 324 25.95 13.84 13.53
C PRO B 324 25.05 14.75 14.35
N VAL B 325 24.28 14.14 15.24
CA VAL B 325 23.36 14.89 16.09
C VAL B 325 23.33 14.39 17.53
N LYS B 326 23.59 15.28 18.48
CA LYS B 326 23.51 14.95 19.90
C LYS B 326 22.22 15.65 20.33
N TYR B 327 21.31 14.90 20.95
CA TYR B 327 20.03 15.51 21.33
C TYR B 327 19.43 15.08 22.65
N ILE B 328 18.41 15.81 23.06
CA ILE B 328 17.63 15.51 24.26
C ILE B 328 16.21 15.58 23.73
N GLY B 329 15.23 15.28 24.56
CA GLY B 329 13.88 15.38 24.05
C GLY B 329 12.75 15.21 25.05
N VAL B 330 11.58 15.71 24.67
CA VAL B 330 10.39 15.56 25.47
C VAL B 330 10.04 14.15 25.03
N TRP B 331 10.43 13.17 25.84
CA TRP B 331 10.26 11.78 25.47
C TRP B 331 10.12 10.82 26.66
N TRP B 332 11.12 10.81 27.53
CA TRP B 332 11.12 9.93 28.71
C TRP B 332 9.84 10.09 29.53
N ASP B 333 9.28 11.29 29.53
CA ASP B 333 8.03 11.59 30.25
C ASP B 333 6.96 10.57 29.89
N MET B 334 6.71 10.43 28.59
CA MET B 334 5.70 9.51 28.10
C MET B 334 6.08 8.04 28.20
N ILE B 335 7.35 7.74 27.97
CA ILE B 335 7.84 6.36 28.04
C ILE B 335 7.64 5.79 29.44
N THR B 336 7.86 6.62 30.45
CA THR B 336 7.72 6.17 31.84
C THR B 336 6.28 6.25 32.34
N GLY B 337 5.46 7.03 31.65
CA GLY B 337 4.06 7.18 32.06
C GLY B 337 3.80 8.44 32.84
N LYS B 338 4.84 9.22 33.07
CA LYS B 338 4.72 10.48 33.81
C LYS B 338 3.84 11.43 33.02
N GLY B 339 4.08 11.48 31.70
CA GLY B 339 3.31 12.34 30.83
C GLY B 339 2.65 11.53 29.73
N SER B 340 1.90 12.20 28.86
CA SER B 340 1.21 11.52 27.77
C SER B 340 1.48 12.16 26.42
N TRP B 341 1.33 11.36 25.36
CA TRP B 341 1.50 11.85 23.99
C TRP B 341 0.20 12.56 23.62
N ALA B 342 -0.91 12.05 24.17
CA ALA B 342 -2.23 12.60 23.88
C ALA B 342 -2.51 13.94 24.55
N TYR B 343 -3.36 14.73 23.90
CA TYR B 343 -3.73 16.05 24.38
C TYR B 343 -4.89 15.97 25.37
N THR B 344 -5.82 15.06 25.12
CA THR B 344 -7.01 14.89 25.97
C THR B 344 -7.33 13.43 26.28
N ASP B 345 -8.08 13.21 27.35
CA ASP B 345 -8.47 11.86 27.78
C ASP B 345 -9.98 11.65 27.75
N GLU B 346 -10.73 12.66 27.31
CA GLU B 346 -12.19 12.55 27.30
C GLU B 346 -12.86 11.96 26.06
N LEU B 347 -12.09 11.47 25.10
CA LEU B 347 -12.68 10.92 23.90
C LEU B 347 -12.46 9.41 23.75
N THR B 348 -13.50 8.71 23.26
CA THR B 348 -13.41 7.27 23.06
C THR B 348 -12.51 6.98 21.86
N SER B 349 -12.48 7.92 20.91
CA SER B 349 -11.65 7.79 19.72
C SER B 349 -11.67 9.13 19.00
N VAL B 350 -10.80 9.31 18.03
CA VAL B 350 -10.76 10.56 17.30
C VAL B 350 -10.74 10.35 15.80
N LYS B 351 -11.22 11.35 15.08
CA LYS B 351 -11.23 11.31 13.62
C LYS B 351 -10.65 12.60 13.11
N LEU B 352 -9.45 12.51 12.54
CA LEU B 352 -8.77 13.68 12.03
C LEU B 352 -9.62 14.45 11.03
N GLY B 353 -9.72 15.76 11.23
CA GLY B 353 -10.50 16.59 10.34
C GLY B 353 -11.93 16.76 10.84
N GLU B 354 -12.27 16.02 11.89
CA GLU B 354 -13.61 16.10 12.46
C GLU B 354 -13.52 16.45 13.95
N THR B 355 -12.63 15.78 14.66
CA THR B 355 -12.45 16.04 16.08
C THR B 355 -11.84 17.43 16.25
N ASP B 356 -12.53 18.29 16.99
CA ASP B 356 -12.04 19.65 17.23
C ASP B 356 -11.37 19.67 18.61
N TYR B 357 -10.05 19.50 18.61
CA TYR B 357 -9.29 19.48 19.86
C TYR B 357 -9.38 20.76 20.67
N SER B 358 -9.65 21.89 20.02
CA SER B 358 -9.74 23.16 20.73
C SER B 358 -10.89 23.12 21.73
N LYS B 359 -11.88 22.26 21.47
CA LYS B 359 -13.03 22.13 22.34
C LYS B 359 -12.91 20.97 23.33
N THR B 360 -11.75 20.34 23.37
CA THR B 360 -11.54 19.22 24.28
C THR B 360 -10.78 19.69 25.52
N LYS B 361 -10.94 18.94 26.60
CA LYS B 361 -10.30 19.26 27.87
C LYS B 361 -8.90 18.67 27.98
N PRO B 362 -7.88 19.51 28.19
CA PRO B 362 -6.50 19.02 28.31
C PRO B 362 -6.44 18.03 29.48
N ASN B 363 -5.69 16.93 29.31
CA ASN B 363 -5.60 15.94 30.37
C ASN B 363 -4.62 16.34 31.47
N GLY B 364 -3.92 17.46 31.27
CA GLY B 364 -2.97 17.94 32.26
C GLY B 364 -1.68 17.13 32.30
N LYS B 365 -1.47 16.28 31.31
CA LYS B 365 -0.28 15.44 31.26
C LYS B 365 0.46 15.56 29.92
N HIS B 366 -0.05 16.39 29.03
CA HIS B 366 0.54 16.56 27.71
C HIS B 366 1.86 17.32 27.75
N SER B 367 2.95 16.58 27.70
CA SER B 367 4.29 17.16 27.75
C SER B 367 4.69 18.01 26.54
N ALA B 368 4.13 17.69 25.38
CA ALA B 368 4.45 18.43 24.17
C ALA B 368 3.73 19.77 24.06
N ASN B 369 3.97 20.66 25.02
CA ASN B 369 3.36 21.98 24.99
C ASN B 369 4.49 23.00 24.87
N THR B 370 4.20 24.10 24.17
CA THR B 370 5.18 25.15 23.92
C THR B 370 6.10 25.54 25.07
N ALA B 371 5.53 25.90 26.22
CA ALA B 371 6.33 26.31 27.37
C ALA B 371 7.31 25.22 27.82
N ASN B 372 6.84 23.98 27.89
CA ASN B 372 7.69 22.89 28.32
C ASN B 372 8.78 22.63 27.29
N VAL B 373 8.41 22.68 26.01
CA VAL B 373 9.38 22.47 24.94
C VAL B 373 10.47 23.53 25.03
N LYS B 374 10.09 24.76 25.35
CA LYS B 374 11.08 25.82 25.48
C LYS B 374 12.07 25.53 26.60
N ARG B 375 11.60 24.90 27.68
CA ARG B 375 12.49 24.56 28.78
C ARG B 375 13.57 23.62 28.27
N TYR B 376 13.19 22.66 27.43
CA TYR B 376 14.15 21.72 26.89
C TYR B 376 15.10 22.40 25.92
N ILE B 377 14.59 23.31 25.11
CA ILE B 377 15.44 24.04 24.18
C ILE B 377 16.47 24.83 24.97
N ASP B 378 16.03 25.46 26.06
CA ASP B 378 16.95 26.22 26.91
C ASP B 378 18.07 25.34 27.43
N PHE B 379 17.70 24.15 27.91
CA PHE B 379 18.67 23.21 28.45
C PHE B 379 19.63 22.72 27.37
N ALA B 380 19.10 22.41 26.20
CA ALA B 380 19.92 21.93 25.09
C ALA B 380 20.98 22.97 24.73
N ALA B 381 20.57 24.23 24.64
CA ALA B 381 21.48 25.31 24.29
C ALA B 381 22.52 25.57 25.39
N ALA B 382 22.09 25.48 26.64
CA ALA B 382 22.97 25.72 27.77
C ALA B 382 24.07 24.68 27.89
N HIS B 383 23.84 23.49 27.34
CA HIS B 383 24.82 22.43 27.46
C HIS B 383 25.44 21.89 26.16
N GLY B 384 25.26 22.63 25.08
CA GLY B 384 25.85 22.26 23.81
C GLY B 384 25.23 21.16 22.96
N PHE B 385 23.95 20.89 23.13
CA PHE B 385 23.29 19.88 22.32
C PHE B 385 22.89 20.48 20.98
N ASP B 386 22.69 19.64 19.98
CA ASP B 386 22.32 20.11 18.65
C ASP B 386 20.83 20.21 18.41
N ALA B 387 20.09 19.27 18.98
CA ALA B 387 18.66 19.23 18.75
C ALA B 387 17.81 18.77 19.91
N VAL B 388 16.52 19.01 19.77
CA VAL B 388 15.51 18.62 20.75
C VAL B 388 14.38 17.89 20.05
N LEU B 389 14.14 16.66 20.47
CA LEU B 389 13.05 15.85 19.92
C LEU B 389 11.78 16.11 20.73
N VAL B 390 10.65 16.15 20.05
CA VAL B 390 9.37 16.33 20.75
C VAL B 390 8.36 15.35 20.18
N GLU B 391 7.78 14.52 21.04
CA GLU B 391 6.78 13.56 20.61
C GLU B 391 5.44 13.94 21.20
N GLY B 392 4.37 13.67 20.45
CA GLY B 392 3.03 14.00 20.90
C GLY B 392 2.64 15.41 20.50
N TRP B 393 3.34 15.97 19.50
CA TRP B 393 3.08 17.33 19.04
C TRP B 393 1.90 17.47 18.09
N ASN B 394 1.59 16.39 17.37
CA ASN B 394 0.53 16.39 16.36
C ASN B 394 -0.77 15.68 16.74
N GLU B 395 -1.86 16.08 16.09
CA GLU B 395 -3.18 15.50 16.35
C GLU B 395 -3.21 14.00 16.07
N GLY B 396 -3.97 13.27 16.89
CA GLY B 396 -4.12 11.83 16.66
C GLY B 396 -3.62 10.86 17.70
N TRP B 397 -2.74 11.30 18.59
CA TRP B 397 -2.17 10.40 19.58
C TRP B 397 -3.13 9.63 20.48
N GLU B 398 -4.35 10.13 20.62
CA GLU B 398 -5.34 9.46 21.44
C GLU B 398 -5.59 8.01 20.98
N ASP B 399 -5.46 7.77 19.68
CA ASP B 399 -5.70 6.44 19.10
C ASP B 399 -4.46 5.76 18.50
N TRP B 400 -3.28 6.24 18.85
CA TRP B 400 -2.05 5.69 18.27
C TRP B 400 -1.71 4.23 18.53
N PHE B 401 -2.21 3.66 19.62
CA PHE B 401 -1.81 2.31 19.97
C PHE B 401 -2.72 1.10 19.78
N GLY B 402 -2.26 0.18 18.92
CA GLY B 402 -2.95 -1.07 18.68
C GLY B 402 -4.36 -1.15 18.12
N ASN B 403 -4.82 -0.11 17.44
CA ASN B 403 -6.17 -0.12 16.87
C ASN B 403 -6.20 -0.50 15.38
N SER B 404 -5.02 -0.70 14.79
CA SER B 404 -4.93 -1.02 13.36
C SER B 404 -5.72 0.06 12.62
N LYS B 405 -5.45 1.31 13.00
CA LYS B 405 -6.11 2.47 12.42
C LYS B 405 -5.38 2.98 11.18
N ASP B 406 -6.11 3.10 10.08
CA ASP B 406 -5.52 3.55 8.83
C ASP B 406 -5.16 5.04 8.84
N TYR B 407 -6.18 5.90 8.92
CA TYR B 407 -5.94 7.35 8.94
C TYR B 407 -5.68 7.79 10.37
N VAL B 408 -4.53 7.39 10.88
CA VAL B 408 -4.15 7.66 12.27
C VAL B 408 -3.44 8.99 12.52
N PHE B 409 -2.67 9.47 11.54
CA PHE B 409 -1.93 10.73 11.68
C PHE B 409 -1.86 11.44 10.34
N ASP B 410 -1.66 12.75 10.35
CA ASP B 410 -1.49 13.48 9.09
C ASP B 410 -0.08 14.09 9.05
N PHE B 411 0.64 13.94 10.16
CA PHE B 411 2.03 14.39 10.27
C PHE B 411 2.28 15.89 10.10
N VAL B 412 1.23 16.70 10.12
CA VAL B 412 1.41 18.14 9.92
C VAL B 412 0.58 19.04 10.83
N THR B 413 -0.53 18.54 11.35
CA THR B 413 -1.39 19.36 12.19
C THR B 413 -1.05 19.28 13.68
N PRO B 414 -0.56 20.40 14.26
CA PRO B 414 -0.20 20.45 15.67
C PRO B 414 -1.39 20.55 16.62
N TYR B 415 -1.19 20.07 17.85
CA TYR B 415 -2.23 20.15 18.87
C TYR B 415 -2.36 21.62 19.23
N PRO B 416 -3.48 21.99 19.88
CA PRO B 416 -3.74 23.38 20.30
C PRO B 416 -2.63 24.02 21.15
N ASP B 417 -1.92 23.20 21.92
CA ASP B 417 -0.87 23.71 22.80
C ASP B 417 0.56 23.62 22.27
N PHE B 418 0.71 23.32 20.98
CA PHE B 418 2.04 23.23 20.38
C PHE B 418 2.13 24.26 19.25
N ASP B 419 2.85 25.35 19.52
CA ASP B 419 3.04 26.44 18.56
C ASP B 419 4.27 26.18 17.69
N VAL B 420 4.05 25.56 16.54
CA VAL B 420 5.13 25.22 15.62
C VAL B 420 6.04 26.38 15.25
N LYS B 421 5.46 27.51 14.84
CA LYS B 421 6.26 28.66 14.44
C LYS B 421 7.04 29.30 15.58
N GLU B 422 6.42 29.44 16.75
CA GLU B 422 7.10 30.04 17.89
C GLU B 422 8.26 29.15 18.32
N ILE B 423 8.05 27.84 18.33
CA ILE B 423 9.10 26.91 18.72
C ILE B 423 10.25 26.97 17.72
N HIS B 424 9.92 27.10 16.44
CA HIS B 424 10.93 27.20 15.38
C HIS B 424 11.74 28.48 15.59
N ARG B 425 11.06 29.61 15.77
CA ARG B 425 11.77 30.87 15.98
C ARG B 425 12.67 30.80 17.22
N TYR B 426 12.13 30.27 18.31
CA TYR B 426 12.84 30.15 19.57
C TYR B 426 14.04 29.23 19.49
N ALA B 427 13.87 28.07 18.87
CA ALA B 427 14.97 27.12 18.72
C ALA B 427 16.08 27.76 17.90
N ALA B 428 15.70 28.41 16.79
CA ALA B 428 16.67 29.05 15.92
C ALA B 428 17.46 30.11 16.69
N ARG B 429 16.75 30.88 17.51
CA ARG B 429 17.36 31.94 18.32
C ARG B 429 18.40 31.35 19.28
N LYS B 430 18.16 30.14 19.73
CA LYS B 430 19.06 29.46 20.67
C LYS B 430 20.10 28.58 19.97
N GLY B 431 20.08 28.57 18.64
CA GLY B 431 21.02 27.77 17.88
C GLY B 431 20.70 26.28 17.95
N ILE B 432 19.44 25.97 18.19
CA ILE B 432 18.96 24.60 18.30
C ILE B 432 18.08 24.22 17.13
N LYS B 433 18.08 22.93 16.80
CA LYS B 433 17.24 22.40 15.72
C LYS B 433 16.23 21.45 16.35
N MET B 434 15.00 21.47 15.87
CA MET B 434 13.99 20.57 16.40
C MET B 434 14.00 19.29 15.58
N MET B 435 13.90 18.15 16.24
CA MET B 435 13.86 16.86 15.55
C MET B 435 12.39 16.50 15.39
N MET B 436 11.96 16.30 14.15
CA MET B 436 10.58 15.94 13.86
C MET B 436 10.31 14.51 14.31
N HIS B 437 9.06 14.24 14.68
CA HIS B 437 8.67 12.90 15.08
C HIS B 437 7.53 12.44 14.19
N HIS B 438 7.74 11.30 13.54
CA HIS B 438 6.75 10.70 12.65
C HIS B 438 6.37 9.27 13.04
N GLU B 439 5.68 9.11 14.16
CA GLU B 439 5.23 7.77 14.52
C GLU B 439 4.11 7.50 13.52
N THR B 440 4.15 6.36 12.85
CA THR B 440 3.14 6.01 11.85
C THR B 440 2.09 5.05 12.41
N SER B 441 2.36 4.48 13.57
CA SER B 441 1.46 3.50 14.17
C SER B 441 1.28 2.36 13.16
N ALA B 442 2.35 2.11 12.41
CA ALA B 442 2.41 1.04 11.41
C ALA B 442 1.40 1.16 10.26
N SER B 443 0.84 2.34 10.06
CA SER B 443 -0.11 2.54 8.97
C SER B 443 0.73 3.12 7.84
N VAL B 444 1.24 2.23 7.00
CA VAL B 444 2.16 2.59 5.93
C VAL B 444 1.61 3.29 4.70
N ARG B 445 0.46 2.86 4.18
CA ARG B 445 -0.10 3.56 3.03
C ARG B 445 -0.40 4.98 3.48
N ASN B 446 -0.94 5.12 4.70
CA ASN B 446 -1.27 6.43 5.22
C ASN B 446 -0.04 7.34 5.29
N TYR B 447 1.09 6.79 5.75
CA TYR B 447 2.31 7.59 5.83
C TYR B 447 2.79 7.99 4.43
N GLU B 448 2.79 7.03 3.51
CA GLU B 448 3.24 7.35 2.15
C GLU B 448 2.37 8.42 1.49
N ARG B 449 1.06 8.34 1.68
CA ARG B 449 0.16 9.33 1.09
C ARG B 449 0.46 10.74 1.62
N HIS B 450 0.87 10.81 2.89
CA HIS B 450 1.17 12.10 3.53
C HIS B 450 2.64 12.49 3.50
N MET B 451 3.50 11.61 2.99
CA MET B 451 4.94 11.86 3.04
C MET B 451 5.51 13.13 2.42
N ASP B 452 5.13 13.45 1.19
CA ASP B 452 5.68 14.66 0.59
C ASP B 452 5.24 15.89 1.36
N LYS B 453 3.96 15.94 1.76
CA LYS B 453 3.47 17.09 2.51
C LYS B 453 4.16 17.13 3.88
N ALA B 454 4.43 15.96 4.45
CA ALA B 454 5.08 15.88 5.75
C ALA B 454 6.52 16.37 5.68
N TYR B 455 7.25 15.96 4.65
CA TYR B 455 8.64 16.39 4.50
C TYR B 455 8.68 17.88 4.13
N GLN B 456 7.70 18.33 3.36
CA GLN B 456 7.66 19.75 2.98
C GLN B 456 7.38 20.58 4.23
N PHE B 457 6.55 20.05 5.12
CA PHE B 457 6.22 20.75 6.36
C PHE B 457 7.49 20.87 7.21
N MET B 458 8.31 19.83 7.19
CA MET B 458 9.56 19.85 7.94
C MET B 458 10.46 20.94 7.37
N ALA B 459 10.60 20.96 6.05
CA ALA B 459 11.44 21.95 5.39
C ALA B 459 10.95 23.37 5.65
N ASP B 460 9.64 23.58 5.58
CA ASP B 460 9.06 24.90 5.81
C ASP B 460 9.18 25.36 7.26
N ASN B 461 9.38 24.44 8.18
CA ASN B 461 9.47 24.80 9.59
C ASN B 461 10.80 24.47 10.27
N GLY B 462 11.86 24.39 9.46
CA GLY B 462 13.19 24.15 9.99
C GLY B 462 13.57 22.83 10.62
N TYR B 463 12.86 21.76 10.26
CA TYR B 463 13.17 20.43 10.79
C TYR B 463 14.06 19.76 9.76
N ASN B 464 15.28 19.38 10.15
CA ASN B 464 16.22 18.73 9.23
C ASN B 464 16.41 17.25 9.51
N SER B 465 15.83 16.76 10.59
CA SER B 465 15.95 15.34 10.93
C SER B 465 14.61 14.86 11.45
N VAL B 466 14.31 13.58 11.21
CA VAL B 466 13.05 13.02 11.67
C VAL B 466 13.22 11.63 12.27
N LYS B 467 12.53 11.41 13.38
CA LYS B 467 12.52 10.12 14.03
C LYS B 467 11.19 9.51 13.63
N SER B 468 11.22 8.42 12.89
CA SER B 468 9.98 7.78 12.47
C SER B 468 9.76 6.54 13.34
N GLY B 469 8.57 5.96 13.24
CA GLY B 469 8.24 4.79 14.02
C GLY B 469 7.18 3.97 13.33
N TYR B 470 7.13 2.67 13.64
CA TYR B 470 6.15 1.77 13.02
C TYR B 470 5.59 0.81 14.06
N VAL B 471 4.98 1.37 15.09
CA VAL B 471 4.42 0.57 16.18
C VAL B 471 3.03 0.03 15.87
N GLY B 472 2.92 -1.31 15.90
CA GLY B 472 1.67 -1.98 15.62
C GLY B 472 1.84 -2.92 14.44
N ASN B 473 0.82 -3.73 14.18
CA ASN B 473 0.88 -4.64 13.05
C ASN B 473 0.74 -3.81 11.78
N ILE B 474 1.55 -4.14 10.78
CA ILE B 474 1.56 -3.40 9.52
C ILE B 474 0.22 -3.31 8.77
N ILE B 475 -0.01 -2.14 8.18
CA ILE B 475 -1.17 -1.85 7.34
C ILE B 475 -0.45 -1.35 6.08
N PRO B 476 -0.67 -2.00 4.91
CA PRO B 476 -1.52 -3.14 4.56
C PRO B 476 -1.44 -4.36 5.46
N ARG B 477 -2.61 -4.76 5.94
CA ARG B 477 -2.75 -5.89 6.85
C ARG B 477 -2.43 -7.22 6.17
N GLY B 478 -1.54 -7.96 6.80
CA GLY B 478 -1.11 -9.24 6.26
C GLY B 478 0.39 -9.18 6.07
N GLU B 479 0.93 -7.98 5.89
CA GLU B 479 2.38 -7.82 5.73
C GLU B 479 3.07 -7.76 7.08
N HIS B 480 4.36 -8.10 7.08
CA HIS B 480 5.18 -8.07 8.29
C HIS B 480 6.18 -6.92 8.18
N HIS B 481 6.75 -6.53 9.31
CA HIS B 481 7.69 -5.42 9.33
C HIS B 481 8.93 -5.62 8.47
N TYR B 482 9.37 -6.88 8.32
CA TYR B 482 10.60 -7.13 7.58
C TYR B 482 10.49 -7.79 6.20
N GLY B 483 9.29 -7.81 5.64
CA GLY B 483 9.12 -8.40 4.31
C GLY B 483 9.66 -7.48 3.22
N GLN B 484 9.76 -8.00 2.01
CA GLN B 484 10.25 -7.22 0.87
C GLN B 484 9.45 -5.93 0.70
N TRP B 485 8.14 -6.02 0.92
CA TRP B 485 7.24 -4.88 0.79
C TRP B 485 7.66 -3.73 1.71
N MET B 486 7.81 -4.01 2.99
CA MET B 486 8.20 -2.96 3.93
C MET B 486 9.64 -2.51 3.75
N ASN B 487 10.53 -3.42 3.37
CA ASN B 487 11.92 -3.02 3.16
C ASN B 487 11.94 -1.95 2.07
N ASN B 488 11.08 -2.12 1.08
CA ASN B 488 10.98 -1.15 -0.01
C ASN B 488 10.50 0.17 0.59
N HIS B 489 9.47 0.12 1.43
CA HIS B 489 8.98 1.34 2.05
C HIS B 489 10.05 2.08 2.85
N TYR B 490 10.76 1.38 3.72
CA TYR B 490 11.78 2.04 4.54
C TYR B 490 12.81 2.76 3.70
N LEU B 491 13.23 2.14 2.60
CA LEU B 491 14.22 2.76 1.73
C LEU B 491 13.59 3.91 0.95
N TYR B 492 12.34 3.74 0.55
CA TYR B 492 11.61 4.77 -0.17
C TYR B 492 11.58 6.03 0.69
N ALA B 493 11.29 5.85 1.98
CA ALA B 493 11.23 6.97 2.90
C ALA B 493 12.58 7.68 3.04
N VAL B 494 13.66 6.90 3.04
CA VAL B 494 15.00 7.44 3.15
C VAL B 494 15.45 8.14 1.88
N LYS B 495 15.15 7.55 0.72
CA LYS B 495 15.52 8.16 -0.54
C LYS B 495 14.78 9.47 -0.77
N LYS B 496 13.48 9.49 -0.43
CA LYS B 496 12.70 10.71 -0.60
C LYS B 496 13.23 11.76 0.38
N ALA B 497 13.56 11.33 1.59
CA ALA B 497 14.08 12.26 2.59
C ALA B 497 15.36 12.91 2.07
N ALA B 498 16.20 12.13 1.40
CA ALA B 498 17.44 12.67 0.86
C ALA B 498 17.18 13.81 -0.12
N ASP B 499 16.08 13.71 -0.87
CA ASP B 499 15.74 14.76 -1.83
C ASP B 499 15.42 16.06 -1.13
N TYR B 500 14.93 15.95 0.11
CA TYR B 500 14.57 17.11 0.94
C TYR B 500 15.72 17.48 1.87
N LYS B 501 16.86 16.79 1.74
CA LYS B 501 18.02 17.02 2.58
C LYS B 501 17.64 16.79 4.04
N ILE B 502 16.93 15.69 4.28
CA ILE B 502 16.47 15.31 5.61
C ILE B 502 17.13 14.01 6.07
N MET B 503 17.52 13.97 7.34
CA MET B 503 18.14 12.78 7.93
C MET B 503 17.04 11.98 8.61
N VAL B 504 17.17 10.65 8.57
CA VAL B 504 16.17 9.75 9.13
C VAL B 504 16.69 8.82 10.23
N ASN B 505 15.87 8.65 11.26
CA ASN B 505 16.14 7.78 12.39
C ASN B 505 14.85 6.98 12.53
N ALA B 506 14.84 5.77 11.95
CA ALA B 506 13.63 4.96 11.96
C ALA B 506 13.54 3.84 12.99
N HIS B 507 12.57 3.95 13.89
CA HIS B 507 12.36 2.90 14.87
C HIS B 507 11.41 1.86 14.28
N GLU B 508 11.55 0.62 14.77
CA GLU B 508 10.76 -0.55 14.34
C GLU B 508 10.99 -0.99 12.90
N ALA B 509 11.92 -0.34 12.21
CA ALA B 509 12.20 -0.71 10.82
C ALA B 509 13.10 -1.95 10.83
N THR B 510 13.29 -2.54 9.65
CA THR B 510 14.16 -3.70 9.52
C THR B 510 15.56 -3.33 10.00
N ARG B 511 16.20 -4.22 10.74
CA ARG B 511 17.55 -3.93 11.26
C ARG B 511 18.52 -3.67 10.11
N PRO B 512 19.46 -2.73 10.30
CA PRO B 512 20.44 -2.36 9.28
C PRO B 512 21.42 -3.40 8.78
N THR B 513 21.81 -3.21 7.52
CA THR B 513 22.72 -4.12 6.84
C THR B 513 23.78 -3.36 6.02
N GLY B 514 24.11 -2.15 6.48
CA GLY B 514 25.13 -1.35 5.82
C GLY B 514 24.69 -0.38 4.74
N ILE B 515 23.38 -0.22 4.56
CA ILE B 515 22.85 0.67 3.54
C ILE B 515 23.22 2.14 3.80
N CYS B 516 23.64 2.44 5.02
CA CYS B 516 24.04 3.81 5.36
C CYS B 516 25.22 4.24 4.50
N ARG B 517 25.99 3.30 3.98
CA ARG B 517 27.11 3.67 3.12
C ARG B 517 26.56 4.31 1.85
N THR B 518 25.48 3.72 1.34
CA THR B 518 24.83 4.17 0.12
C THR B 518 23.97 5.42 0.36
N TYR B 519 23.28 5.45 1.49
CA TYR B 519 22.42 6.57 1.86
C TYR B 519 22.78 7.01 3.27
N PRO B 520 23.82 7.85 3.39
CA PRO B 520 24.32 8.38 4.66
C PRO B 520 23.33 9.19 5.50
N ASN B 521 22.17 9.51 4.93
CA ASN B 521 21.19 10.28 5.69
C ASN B 521 20.41 9.38 6.63
N LEU B 522 20.59 8.06 6.51
CA LEU B 522 19.94 7.13 7.42
C LEU B 522 20.91 7.07 8.61
N ILE B 523 20.79 8.04 9.51
CA ILE B 523 21.69 8.12 10.66
C ILE B 523 21.31 7.24 11.82
N GLY B 524 20.18 6.53 11.70
CA GLY B 524 19.81 5.66 12.79
C GLY B 524 18.58 4.81 12.62
N ASN B 525 18.51 3.78 13.46
CA ASN B 525 17.40 2.84 13.55
C ASN B 525 17.45 2.40 15.01
N GLU B 526 16.33 1.88 15.50
CA GLU B 526 16.33 1.32 16.84
C GLU B 526 16.53 -0.13 16.39
N SER B 527 15.42 -0.77 16.02
CA SER B 527 15.46 -2.13 15.48
C SER B 527 16.19 -3.15 16.34
N ALA B 528 15.95 -3.06 17.64
CA ALA B 528 16.53 -3.93 18.65
C ALA B 528 15.95 -3.41 19.96
N ARG B 529 16.23 -4.10 21.06
CA ARG B 529 15.71 -3.68 22.37
C ARG B 529 16.55 -2.50 22.87
N GLY B 530 15.93 -1.34 22.99
CA GLY B 530 16.65 -0.15 23.43
C GLY B 530 16.42 0.22 24.88
N THR B 531 16.91 1.40 25.26
CA THR B 531 16.77 1.88 26.63
C THR B 531 15.31 1.99 27.07
N GLU B 532 14.40 2.19 26.12
CA GLU B 532 13.00 2.30 26.48
C GLU B 532 12.53 1.10 27.30
N TYR B 533 13.06 -0.08 27.01
CA TYR B 533 12.64 -1.26 27.75
C TYR B 533 13.15 -1.31 29.18
N GLU B 534 14.08 -0.41 29.51
CA GLU B 534 14.61 -0.35 30.87
C GLU B 534 13.48 0.23 31.73
N SER B 535 12.48 0.78 31.05
CA SER B 535 11.30 1.36 31.70
C SER B 535 10.14 0.36 31.61
N PHE B 536 10.31 -0.66 30.79
CA PHE B 536 9.29 -1.68 30.58
C PHE B 536 9.65 -2.98 31.29
N GLY B 537 10.39 -2.88 32.39
CA GLY B 537 10.78 -4.08 33.12
C GLY B 537 12.29 -4.23 33.20
N GLY B 538 12.99 -3.58 32.28
CA GLY B 538 14.44 -3.63 32.26
C GLY B 538 15.04 -4.50 31.16
N ASN B 539 16.29 -4.23 30.83
CA ASN B 539 17.03 -5.02 29.84
C ASN B 539 18.01 -5.84 30.66
N LYS B 540 18.45 -6.98 30.13
CA LYS B 540 19.41 -7.79 30.87
C LYS B 540 20.67 -6.98 31.13
N VAL B 541 21.31 -7.24 32.27
CA VAL B 541 22.51 -6.53 32.64
C VAL B 541 23.61 -6.57 31.57
N TYR B 542 23.71 -7.68 30.85
CA TYR B 542 24.74 -7.82 29.81
C TYR B 542 24.34 -7.34 28.42
N HIS B 543 23.14 -6.80 28.29
CA HIS B 543 22.63 -6.35 26.99
C HIS B 543 23.61 -5.51 26.15
N THR B 544 24.18 -4.47 26.73
CA THR B 544 25.10 -3.63 25.97
C THR B 544 26.47 -4.25 25.68
N THR B 545 26.73 -5.45 26.22
CA THR B 545 27.98 -6.12 25.94
C THR B 545 27.75 -7.10 24.78
N ILE B 546 26.53 -7.13 24.28
CA ILE B 546 26.18 -8.00 23.15
C ILE B 546 25.79 -7.20 21.91
N LEU B 547 25.02 -6.13 22.08
CA LEU B 547 24.58 -5.33 20.94
C LEU B 547 25.67 -4.96 19.92
N PRO B 548 26.86 -4.56 20.38
CA PRO B 548 27.91 -4.19 19.43
C PRO B 548 28.36 -5.36 18.53
N PHE B 549 28.20 -6.58 19.04
CA PHE B 549 28.58 -7.80 18.31
C PHE B 549 27.46 -8.30 17.42
N THR B 550 26.27 -7.76 17.60
CA THR B 550 25.12 -8.22 16.84
C THR B 550 24.41 -7.09 16.10
N ARG B 551 23.50 -6.42 16.80
CA ARG B 551 22.73 -5.34 16.23
C ARG B 551 23.54 -4.25 15.52
N LEU B 552 24.64 -3.80 16.12
CA LEU B 552 25.42 -2.73 15.51
C LEU B 552 26.13 -3.09 14.20
N VAL B 553 26.27 -4.38 13.91
CA VAL B 553 26.91 -4.78 12.66
C VAL B 553 25.90 -4.47 11.56
N GLY B 554 26.21 -3.46 10.75
CA GLY B 554 25.30 -3.06 9.68
C GLY B 554 24.82 -1.63 9.84
N GLY B 555 25.00 -1.05 11.02
CA GLY B 555 24.57 0.33 11.21
C GLY B 555 24.37 0.70 12.67
N PRO B 556 24.44 2.00 12.97
CA PRO B 556 24.28 2.48 14.34
C PRO B 556 22.87 2.33 14.90
N MET B 557 22.76 2.39 16.21
CA MET B 557 21.48 2.28 16.88
C MET B 557 21.22 3.52 17.73
N ASP B 558 19.96 3.95 17.72
CA ASP B 558 19.50 5.08 18.51
C ASP B 558 19.05 4.39 19.81
N TYR B 559 20.03 4.10 20.66
CA TYR B 559 19.80 3.38 21.92
C TYR B 559 19.26 4.26 23.06
N THR B 560 19.37 5.57 22.88
CA THR B 560 18.94 6.58 23.85
C THR B 560 19.47 6.34 25.27
N PRO B 561 20.80 6.33 25.42
CA PRO B 561 21.42 6.12 26.74
C PRO B 561 21.34 7.40 27.57
N GLY B 562 21.99 7.38 28.72
CA GLY B 562 22.02 8.56 29.57
C GLY B 562 21.01 8.67 30.70
N ILE B 563 20.48 7.57 31.20
CA ILE B 563 19.52 7.64 32.29
C ILE B 563 20.29 7.67 33.61
N PHE B 564 20.17 8.78 34.34
CA PHE B 564 20.85 8.92 35.62
C PHE B 564 19.98 8.47 36.79
N GLU B 565 18.68 8.76 36.73
CA GLU B 565 17.78 8.32 37.78
C GLU B 565 17.22 7.00 37.27
N THR B 566 17.89 5.91 37.63
CA THR B 566 17.52 4.57 37.19
C THR B 566 16.22 4.00 37.74
N HIS B 567 15.64 4.66 38.74
CA HIS B 567 14.38 4.19 39.31
C HIS B 567 13.24 4.93 38.63
N CYS B 568 12.54 4.23 37.74
CA CYS B 568 11.43 4.84 37.02
C CYS B 568 10.28 5.29 37.92
N ASN B 569 10.21 4.74 39.13
CA ASN B 569 9.13 5.11 40.05
C ASN B 569 9.21 6.58 40.45
N LYS B 570 10.34 7.22 40.18
CA LYS B 570 10.50 8.63 40.52
C LYS B 570 9.87 9.49 39.44
N MET B 571 9.68 8.91 38.26
CA MET B 571 9.04 9.62 37.15
C MET B 571 7.55 9.34 37.26
N ASN B 572 7.22 8.09 37.56
CA ASN B 572 5.84 7.64 37.69
C ASN B 572 5.78 6.58 38.79
N PRO B 573 5.11 6.89 39.91
CA PRO B 573 4.97 5.96 41.04
C PRO B 573 4.41 4.58 40.69
N ALA B 574 3.63 4.50 39.62
CA ALA B 574 3.04 3.23 39.21
C ALA B 574 4.03 2.39 38.40
N ASN B 575 5.18 2.98 38.06
CA ASN B 575 6.20 2.29 37.28
C ASN B 575 7.35 1.86 38.18
N ASN B 576 7.43 0.56 38.50
CA ASN B 576 8.49 0.06 39.36
C ASN B 576 9.71 -0.50 38.61
N SER B 577 9.80 -0.22 37.32
CA SER B 577 10.93 -0.71 36.53
C SER B 577 12.23 -0.02 36.95
N GLN B 578 13.34 -0.74 36.87
CA GLN B 578 14.64 -0.20 37.23
C GLN B 578 15.65 -0.46 36.12
N VAL B 579 16.34 0.60 35.70
CA VAL B 579 17.35 0.47 34.65
C VAL B 579 18.50 -0.36 35.18
N ARG B 580 18.87 -1.40 34.45
CA ARG B 580 19.97 -2.27 34.88
C ARG B 580 21.32 -1.68 34.50
N SER B 581 21.70 -0.63 35.22
CA SER B 581 22.96 0.04 34.94
C SER B 581 23.36 0.98 36.07
N THR B 582 24.64 1.32 36.13
CA THR B 582 25.14 2.28 37.11
C THR B 582 25.22 3.55 36.27
N ILE B 583 25.38 4.70 36.91
CA ILE B 583 25.49 5.95 36.17
C ILE B 583 26.73 5.94 35.28
N ALA B 584 27.86 5.46 35.80
CA ALA B 584 29.09 5.43 35.03
C ALA B 584 28.96 4.60 33.75
N ARG B 585 28.19 3.52 33.80
CA ARG B 585 28.02 2.69 32.61
C ARG B 585 27.19 3.44 31.57
N GLN B 586 26.26 4.27 32.01
CA GLN B 586 25.46 5.05 31.07
C GLN B 586 26.37 5.99 30.32
N LEU B 587 27.37 6.54 31.01
CA LEU B 587 28.31 7.44 30.37
C LEU B 587 29.12 6.67 29.34
N ALA B 588 29.52 5.45 29.71
CA ALA B 588 30.32 4.60 28.84
C ALA B 588 29.65 4.30 27.51
N LEU B 589 28.33 4.19 27.51
CA LEU B 589 27.59 3.88 26.28
C LEU B 589 27.77 4.89 25.16
N TYR B 590 28.14 6.12 25.48
CA TYR B 590 28.35 7.12 24.44
C TYR B 590 29.58 6.76 23.62
N VAL B 591 30.36 5.82 24.13
CA VAL B 591 31.55 5.35 23.41
C VAL B 591 31.39 3.89 22.99
N THR B 592 30.75 3.07 23.84
CA THR B 592 30.60 1.64 23.53
C THR B 592 29.38 1.29 22.68
N MET B 593 28.45 2.23 22.53
CA MET B 593 27.28 2.02 21.67
C MET B 593 27.42 3.09 20.58
N TYR B 594 28.26 2.79 19.60
CA TYR B 594 28.52 3.70 18.49
C TYR B 594 27.28 4.20 17.77
N SER B 595 27.27 5.51 17.49
CA SER B 595 26.18 6.13 16.74
C SER B 595 26.45 7.60 16.49
N PRO B 596 26.13 8.08 15.28
CA PRO B 596 26.35 9.49 14.95
C PRO B 596 25.18 10.28 15.51
N LEU B 597 24.22 9.54 16.07
CA LEU B 597 23.00 10.08 16.67
C LEU B 597 22.97 9.62 18.12
N GLN B 598 23.18 10.54 19.04
CA GLN B 598 23.23 10.20 20.46
C GLN B 598 22.26 11.04 21.28
N MET B 599 21.39 10.37 22.03
CA MET B 599 20.45 11.07 22.89
C MET B 599 20.89 10.99 24.35
N ALA B 600 20.53 12.02 25.10
CA ALA B 600 20.75 12.08 26.54
C ALA B 600 19.26 12.00 26.89
N ALA B 601 18.80 10.78 27.16
CA ALA B 601 17.40 10.49 27.41
C ALA B 601 16.68 10.93 28.68
N ASP B 602 17.41 11.19 29.75
CA ASP B 602 16.77 11.59 31.00
C ASP B 602 16.18 13.00 30.92
N ILE B 603 15.42 13.37 31.93
CA ILE B 603 14.83 14.71 31.96
C ILE B 603 15.85 15.70 32.52
N PRO B 604 15.78 16.96 32.08
CA PRO B 604 16.71 18.00 32.52
C PRO B 604 16.95 18.04 34.02
N GLU B 605 15.87 17.93 34.81
CA GLU B 605 16.00 17.97 36.26
C GLU B 605 16.91 16.89 36.83
N ASN B 606 16.94 15.72 36.21
CA ASN B 606 17.80 14.67 36.71
C ASN B 606 19.26 14.92 36.35
N TYR B 607 19.51 15.56 35.21
CA TYR B 607 20.87 15.87 34.84
C TYR B 607 21.39 16.98 35.74
N GLU B 608 20.48 17.87 36.17
CA GLU B 608 20.83 18.96 37.06
C GLU B 608 21.34 18.40 38.38
N ARG B 609 20.76 17.27 38.80
CA ARG B 609 21.12 16.62 40.05
C ARG B 609 22.54 16.05 40.00
N PHE B 610 22.98 15.66 38.80
CA PHE B 610 24.32 15.09 38.65
C PHE B 610 25.10 15.79 37.54
N MET B 611 25.15 17.12 37.60
CA MET B 611 25.85 17.89 36.60
C MET B 611 27.32 17.54 36.41
N ASP B 612 28.00 17.12 37.46
CA ASP B 612 29.41 16.77 37.31
C ASP B 612 29.57 15.56 36.40
N ALA B 613 28.71 14.56 36.57
CA ALA B 613 28.76 13.36 35.73
C ALA B 613 28.28 13.70 34.32
N PHE B 614 27.31 14.61 34.24
CA PHE B 614 26.75 15.03 32.95
C PHE B 614 27.81 15.62 32.03
N GLN B 615 28.91 16.11 32.62
CA GLN B 615 29.97 16.71 31.83
C GLN B 615 30.51 15.80 30.74
N PHE B 616 30.55 14.49 31.00
CA PHE B 616 31.07 13.58 29.98
C PHE B 616 30.14 13.55 28.77
N ILE B 617 28.83 13.54 29.02
CA ILE B 617 27.86 13.51 27.93
C ILE B 617 28.01 14.80 27.13
N LYS B 618 28.27 15.90 27.83
CA LYS B 618 28.45 17.19 27.16
C LYS B 618 29.71 17.20 26.29
N ASP B 619 30.80 16.63 26.80
CA ASP B 619 32.07 16.61 26.09
C ASP B 619 32.26 15.58 24.98
N VAL B 620 31.72 14.39 25.17
CA VAL B 620 31.91 13.31 24.20
C VAL B 620 31.55 13.67 22.76
N ALA B 621 32.39 13.21 21.84
CA ALA B 621 32.19 13.45 20.41
C ALA B 621 31.19 12.45 19.85
N LEU B 622 30.82 12.64 18.58
CA LEU B 622 29.85 11.77 17.91
C LEU B 622 30.40 11.10 16.65
N ASP B 623 31.54 11.58 16.18
CA ASP B 623 32.16 11.06 14.96
C ASP B 623 33.65 10.86 15.21
N TRP B 624 34.23 9.83 14.59
CA TRP B 624 35.62 9.49 14.86
C TRP B 624 36.59 9.29 13.71
N ASP B 625 37.86 9.61 13.97
CA ASP B 625 38.91 9.43 12.97
C ASP B 625 39.55 8.07 13.16
N GLU B 626 39.46 7.56 14.38
CA GLU B 626 40.03 6.26 14.71
C GLU B 626 39.33 5.59 15.89
N THR B 627 39.30 4.26 15.86
CA THR B 627 38.69 3.49 16.93
C THR B 627 39.58 2.31 17.27
N ASN B 628 39.88 2.16 18.56
CA ASN B 628 40.69 1.06 19.04
C ASN B 628 39.86 0.21 19.99
N TYR B 629 39.68 -1.06 19.64
CA TYR B 629 38.91 -1.97 20.47
C TYR B 629 39.91 -2.55 21.46
N LEU B 630 39.91 -2.04 22.68
CA LEU B 630 40.84 -2.47 23.71
C LEU B 630 40.52 -3.83 24.34
N GLU B 631 39.26 -4.02 24.73
CA GLU B 631 38.83 -5.28 25.34
C GLU B 631 37.46 -5.64 24.82
N ALA B 632 37.21 -6.93 24.62
CA ALA B 632 35.91 -7.37 24.14
C ALA B 632 35.65 -8.86 24.31
N GLU B 633 34.52 -9.17 24.94
CA GLU B 633 34.07 -10.53 25.15
C GLU B 633 32.55 -10.42 25.19
N PRO B 634 31.87 -10.97 24.17
CA PRO B 634 30.41 -10.89 24.15
C PRO B 634 29.76 -11.39 25.43
N GLY B 635 28.83 -10.59 25.95
CA GLY B 635 28.11 -10.96 27.16
C GLY B 635 28.84 -10.63 28.46
N GLU B 636 30.10 -10.24 28.38
CA GLU B 636 30.89 -9.94 29.57
C GLU B 636 31.41 -8.51 29.68
N TYR B 637 32.07 -8.02 28.64
CA TYR B 637 32.62 -6.67 28.67
C TYR B 637 33.08 -6.15 27.31
N ILE B 638 33.04 -4.84 27.16
CA ILE B 638 33.50 -4.19 25.94
C ILE B 638 34.15 -2.87 26.35
N THR B 639 35.39 -2.67 25.93
CA THR B 639 36.14 -1.46 26.24
C THR B 639 36.66 -0.89 24.93
N ILE B 640 36.28 0.35 24.64
CA ILE B 640 36.68 0.98 23.38
C ILE B 640 37.23 2.38 23.56
N ALA B 641 38.23 2.71 22.75
CA ALA B 641 38.84 4.04 22.76
C ALA B 641 38.69 4.63 21.37
N ARG B 642 38.19 5.87 21.28
CA ARG B 642 37.99 6.50 19.98
C ARG B 642 38.58 7.90 19.95
N LYS B 643 39.11 8.28 18.80
CA LYS B 643 39.70 9.61 18.61
C LYS B 643 38.71 10.48 17.85
N ALA B 644 38.24 11.55 18.49
CA ALA B 644 37.27 12.46 17.89
C ALA B 644 37.77 13.01 16.56
N LYS B 645 36.90 12.98 15.55
CA LYS B 645 37.25 13.46 14.22
C LYS B 645 37.79 14.88 14.19
N ASP B 646 38.89 15.06 13.46
CA ASP B 646 39.55 16.36 13.31
C ASP B 646 40.07 16.93 14.62
N THR B 647 40.41 16.06 15.56
CA THR B 647 40.94 16.49 16.85
C THR B 647 42.02 15.53 17.30
N ASP B 648 42.67 15.88 18.41
CA ASP B 648 43.71 15.05 18.98
C ASP B 648 43.20 14.56 20.32
N ASP B 649 41.88 14.53 20.46
CA ASP B 649 41.24 14.11 21.70
C ASP B 649 40.69 12.69 21.60
N TRP B 650 40.79 11.93 22.69
CA TRP B 650 40.30 10.57 22.74
C TRP B 650 39.23 10.39 23.82
N TYR B 651 38.33 9.44 23.60
CA TYR B 651 37.27 9.14 24.54
C TYR B 651 37.25 7.63 24.72
N VAL B 652 37.15 7.20 25.97
CA VAL B 652 37.15 5.79 26.30
C VAL B 652 35.91 5.39 27.08
N GLY B 653 35.43 4.18 26.82
CA GLY B 653 34.26 3.69 27.52
C GLY B 653 34.34 2.19 27.72
N CYS B 654 33.83 1.73 28.86
CA CYS B 654 33.78 0.31 29.18
C CYS B 654 32.42 -0.02 29.76
N THR B 655 31.83 -1.09 29.25
CA THR B 655 30.53 -1.55 29.74
C THR B 655 30.70 -3.01 30.13
N ALA B 656 30.17 -3.40 31.28
CA ALA B 656 30.31 -4.77 31.77
C ALA B 656 29.02 -5.44 32.21
N GLY B 657 29.08 -6.78 32.28
CA GLY B 657 27.93 -7.55 32.70
C GLY B 657 27.80 -7.74 34.20
N GLU B 658 27.15 -8.83 34.61
CA GLU B 658 26.93 -9.12 36.02
C GLU B 658 28.18 -9.39 36.84
N ASN B 659 29.28 -9.77 36.18
CA ASN B 659 30.51 -10.07 36.89
C ASN B 659 31.43 -8.85 36.98
N GLY B 660 30.99 -7.72 36.45
CA GLY B 660 31.82 -6.54 36.46
C GLY B 660 33.02 -6.80 35.57
N HIS B 661 34.07 -6.00 35.72
CA HIS B 661 35.26 -6.19 34.91
C HIS B 661 36.42 -5.31 35.35
N THR B 662 37.62 -5.90 35.42
CA THR B 662 38.81 -5.17 35.81
C THR B 662 39.64 -4.90 34.55
N SER B 663 39.94 -3.64 34.30
CA SER B 663 40.73 -3.26 33.14
C SER B 663 42.11 -2.75 33.50
N LYS B 664 43.10 -3.16 32.71
CA LYS B 664 44.48 -2.73 32.89
C LYS B 664 44.75 -1.89 31.65
N LEU B 665 44.29 -0.65 31.67
CA LEU B 665 44.44 0.24 30.52
C LEU B 665 45.87 0.73 30.26
N VAL B 666 46.28 0.61 28.99
CA VAL B 666 47.59 1.05 28.55
C VAL B 666 47.33 2.08 27.46
N PHE B 667 47.68 3.34 27.75
CA PHE B 667 47.44 4.43 26.82
C PHE B 667 48.52 4.67 25.78
N ASP B 668 49.08 3.59 25.23
CA ASP B 668 50.12 3.74 24.22
C ASP B 668 49.57 4.17 22.87
N PHE B 669 48.25 4.34 22.78
CA PHE B 669 47.64 4.77 21.53
C PHE B 669 47.65 6.29 21.45
N LEU B 670 48.06 6.94 22.54
CA LEU B 670 48.14 8.39 22.56
C LEU B 670 49.43 8.81 21.84
N THR B 671 49.51 10.08 21.45
CA THR B 671 50.68 10.58 20.73
C THR B 671 51.90 10.78 21.64
N PRO B 672 53.06 10.23 21.22
CA PRO B 672 54.29 10.37 22.02
C PRO B 672 54.66 11.85 22.22
N GLY B 673 55.16 12.17 23.41
CA GLY B 673 55.56 13.54 23.71
C GLY B 673 54.44 14.53 23.97
N LYS B 674 53.20 14.08 23.92
CA LYS B 674 52.07 14.97 24.16
C LYS B 674 51.45 14.79 25.54
N GLN B 675 50.90 15.88 26.06
CA GLN B 675 50.24 15.86 27.37
C GLN B 675 48.74 15.88 27.13
N TYR B 676 48.00 15.19 27.99
CA TYR B 676 46.54 15.13 27.86
C TYR B 676 45.85 15.39 29.19
N ILE B 677 44.75 16.14 29.14
CA ILE B 677 43.95 16.41 30.32
C ILE B 677 42.90 15.30 30.35
N ALA B 678 43.03 14.39 31.30
CA ALA B 678 42.11 13.26 31.39
C ALA B 678 41.14 13.33 32.56
N THR B 679 39.87 13.05 32.28
CA THR B 679 38.86 13.05 33.31
C THR B 679 38.24 11.65 33.33
N VAL B 680 38.38 10.97 34.46
CA VAL B 680 37.87 9.62 34.62
C VAL B 680 36.58 9.55 35.43
N TYR B 681 35.53 9.04 34.79
CA TYR B 681 34.21 8.89 35.42
C TYR B 681 34.08 7.39 35.67
N ALA B 682 34.14 6.97 36.93
CA ALA B 682 34.07 5.55 37.25
C ALA B 682 33.10 5.18 38.36
N ASP B 683 32.82 3.87 38.46
CA ASP B 683 31.93 3.35 39.49
C ASP B 683 32.65 3.46 40.83
N ALA B 684 31.90 3.75 41.89
CA ALA B 684 32.49 3.81 43.21
C ALA B 684 32.84 2.35 43.53
N LYS B 685 33.76 2.14 44.46
CA LYS B 685 34.15 0.77 44.82
C LYS B 685 32.97 -0.09 45.27
N ASP B 686 31.93 0.55 45.79
CA ASP B 686 30.75 -0.18 46.26
C ASP B 686 29.53 -0.03 45.35
N ALA B 687 29.77 0.45 44.12
CA ALA B 687 28.69 0.63 43.16
C ALA B 687 28.09 -0.72 42.74
N ASP B 688 26.82 -0.70 42.34
CA ASP B 688 26.09 -1.89 41.90
C ASP B 688 24.86 -1.40 41.16
N TRP B 689 24.59 -1.95 39.97
CA TRP B 689 23.43 -1.49 39.22
C TRP B 689 22.13 -1.54 40.01
N LYS B 690 21.97 -2.57 40.84
CA LYS B 690 20.74 -2.72 41.59
C LYS B 690 20.70 -2.01 42.95
N GLU B 691 21.73 -2.24 43.77
CA GLU B 691 21.77 -1.67 45.11
C GLU B 691 22.39 -0.27 45.28
N ASN B 692 23.29 0.10 44.38
CA ASN B 692 23.94 1.41 44.49
C ASN B 692 24.40 1.90 43.11
N PRO B 693 23.45 2.14 42.21
CA PRO B 693 23.72 2.61 40.84
C PRO B 693 24.21 4.04 40.66
N GLN B 694 23.93 4.92 41.61
CA GLN B 694 24.35 6.30 41.46
C GLN B 694 25.64 6.69 42.17
N ALA B 695 26.43 5.69 42.53
CA ALA B 695 27.70 5.93 43.21
C ALA B 695 28.83 5.98 42.19
N TYR B 696 29.41 7.16 42.01
CA TYR B 696 30.50 7.33 41.05
C TYR B 696 31.57 8.30 41.54
N THR B 697 32.72 8.27 40.88
CA THR B 697 33.83 9.15 41.21
C THR B 697 34.32 9.83 39.94
N ILE B 698 34.85 11.04 40.08
CA ILE B 698 35.38 11.77 38.93
C ILE B 698 36.75 12.32 39.29
N LYS B 699 37.76 11.91 38.51
CA LYS B 699 39.14 12.34 38.75
C LYS B 699 39.71 13.00 37.51
N LYS B 700 40.42 14.11 37.71
CA LYS B 700 41.02 14.84 36.61
C LYS B 700 42.53 14.92 36.80
N GLY B 701 43.28 14.60 35.75
CA GLY B 701 44.73 14.64 35.82
C GLY B 701 45.37 14.62 34.46
N ILE B 702 46.66 14.30 34.41
CA ILE B 702 47.38 14.26 33.15
C ILE B 702 47.69 12.83 32.74
N LEU B 703 47.62 12.59 31.43
CA LEU B 703 47.93 11.27 30.88
C LEU B 703 48.86 11.47 29.68
N THR B 704 49.74 10.50 29.46
CA THR B 704 50.67 10.51 28.34
C THR B 704 50.62 9.08 27.81
N ASN B 705 51.28 8.84 26.68
CA ASN B 705 51.26 7.50 26.10
C ASN B 705 52.00 6.49 26.98
N LYS B 706 52.57 6.97 28.08
CA LYS B 706 53.29 6.10 29.01
C LYS B 706 52.43 5.79 30.23
N SER B 707 51.24 6.37 30.26
CA SER B 707 50.33 6.18 31.39
C SER B 707 49.62 4.83 31.36
N LYS B 708 49.25 4.36 32.56
CA LYS B 708 48.54 3.11 32.73
C LYS B 708 47.57 3.28 33.88
N LEU B 709 46.36 2.74 33.73
CA LEU B 709 45.35 2.87 34.77
C LEU B 709 44.60 1.57 35.03
N ASN B 710 44.39 1.25 36.29
CA ASN B 710 43.65 0.06 36.68
C ASN B 710 42.27 0.55 37.10
N LEU B 711 41.25 0.09 36.38
CA LEU B 711 39.88 0.49 36.68
C LEU B 711 38.98 -0.73 36.81
N HIS B 712 37.98 -0.63 37.67
CA HIS B 712 37.05 -1.72 37.86
C HIS B 712 35.62 -1.30 37.57
N ALA B 713 34.98 -2.03 36.66
CA ALA B 713 33.59 -1.78 36.31
C ALA B 713 32.77 -2.68 37.22
N ALA B 714 31.78 -2.11 37.89
CA ALA B 714 30.94 -2.87 38.81
C ALA B 714 29.95 -3.76 38.08
N ASN B 715 29.13 -4.47 38.85
CA ASN B 715 28.10 -5.34 38.32
C ASN B 715 27.11 -4.44 37.58
N GLY B 716 27.06 -4.58 36.26
CA GLY B 716 26.18 -3.73 35.47
C GLY B 716 26.75 -2.33 35.42
N GLY B 717 28.05 -2.23 35.62
CA GLY B 717 28.72 -0.95 35.61
C GLY B 717 29.67 -0.74 34.45
N GLY B 718 30.56 0.22 34.61
CA GLY B 718 31.53 0.55 33.58
C GLY B 718 32.20 1.86 33.92
N TYR B 719 32.84 2.49 32.94
CA TYR B 719 33.50 3.77 33.16
C TYR B 719 33.66 4.53 31.86
N ALA B 720 33.95 5.82 31.97
CA ALA B 720 34.14 6.69 30.81
C ALA B 720 35.32 7.62 31.06
N ILE B 721 36.07 7.91 30.01
CA ILE B 721 37.23 8.80 30.13
C ILE B 721 37.33 9.75 28.96
N SER B 722 37.53 11.03 29.27
CA SER B 722 37.73 12.04 28.22
C SER B 722 39.22 12.34 28.32
N ILE B 723 39.90 12.33 27.18
CA ILE B 723 41.34 12.58 27.13
C ILE B 723 41.61 13.66 26.10
N LYS B 724 41.68 14.91 26.57
CA LYS B 724 41.92 16.05 25.69
C LYS B 724 43.37 16.50 25.67
N GLU B 725 43.92 16.65 24.47
CA GLU B 725 45.31 17.08 24.35
C GLU B 725 45.45 18.51 24.85
N VAL B 726 46.53 18.77 25.59
CA VAL B 726 46.77 20.10 26.13
C VAL B 726 47.11 21.05 24.99
N LYS B 727 46.39 22.17 24.93
CA LYS B 727 46.62 23.16 23.88
C LYS B 727 47.32 24.38 24.47
N ASP B 728 47.17 24.57 25.78
CA ASP B 728 47.81 25.67 26.48
C ASP B 728 48.25 25.17 27.85
N LYS B 729 49.52 25.36 28.16
CA LYS B 729 50.10 24.92 29.43
C LYS B 729 49.25 25.32 30.64
N SER B 730 48.45 26.37 30.50
CA SER B 730 47.61 26.83 31.59
C SER B 730 46.56 25.78 31.97
N GLU B 731 46.16 24.97 31.00
CA GLU B 731 45.15 23.94 31.23
C GLU B 731 45.62 22.86 32.21
N ALA B 732 46.91 22.58 32.20
CA ALA B 732 47.46 21.55 33.08
C ALA B 732 47.82 22.07 34.47
N LYS B 733 47.61 23.36 34.68
CA LYS B 733 47.92 23.98 35.98
C LYS B 733 47.22 23.31 37.15
N GLY B 734 47.99 22.93 38.16
CA GLY B 734 47.44 22.30 39.34
C GLY B 734 47.09 20.83 39.22
N LEU B 735 47.28 20.25 38.04
CA LEU B 735 46.96 18.86 37.82
C LEU B 735 48.17 17.94 37.91
N LYS B 736 47.95 16.73 38.42
CA LYS B 736 49.01 15.73 38.57
C LYS B 736 48.76 14.58 37.59
N ARG B 737 49.77 13.73 37.39
CA ARG B 737 49.63 12.60 36.50
C ARG B 737 48.79 11.51 37.15
N LEU B 738 47.94 10.85 36.36
CA LEU B 738 47.08 9.79 36.86
C LEU B 738 47.77 8.44 36.71
C1 GLC C . -10.10 -15.41 -27.41
C2 GLC C . -10.26 -16.10 -26.01
C3 GLC C . -10.52 -15.04 -24.93
C4 GLC C . -9.35 -14.04 -24.88
C5 GLC C . -9.20 -13.38 -26.31
C6 GLC C . -7.99 -12.42 -26.34
O1 GLC C . -11.31 -14.77 -27.82
O2 GLC C . -11.36 -17.05 -26.05
O3 GLC C . -10.66 -15.67 -23.64
O4 GLC C . -9.61 -13.07 -23.84
O5 GLC C . -9.00 -14.43 -27.34
O6 GLC C . -6.76 -13.15 -26.18
C1 GLC C . -8.62 -13.17 -22.78
C2 GLC C . -9.18 -12.88 -21.36
C3 GLC C . -9.53 -11.39 -21.23
C4 GLC C . -8.27 -10.55 -21.48
C5 GLC C . -7.77 -10.85 -22.94
C6 GLC C . -6.51 -10.05 -23.30
O2 GLC C . -10.34 -13.71 -21.14
O3 GLC C . -10.02 -11.14 -19.91
O4 GLC C . -8.62 -9.16 -21.34
O5 GLC C . -7.46 -12.30 -23.06
O6 GLC C . -5.45 -10.38 -22.40
C1 AC1 C . -7.65 -8.47 -20.53
O2 AC1 C . -9.04 -8.83 -18.59
C2 AC1 C . -8.30 -7.82 -19.30
C4A AC1 C . -7.67 -0.89 -22.11
C3 AC1 C . -9.19 -6.63 -19.70
O3 AC1 C . -9.77 -6.07 -18.53
C4 AC1 C . -8.30 -5.60 -20.46
N4A AC1 C . -9.10 -4.42 -20.83
C5 AC1 C . -7.72 -6.32 -21.73
O5 AC1 C . -6.92 -7.48 -21.32
C6 AC1 C . -6.83 -5.39 -22.57
C1B AC1 C . -8.68 -3.14 -20.15
C2B AC1 C . -9.53 -1.88 -20.59
O2B AC1 C . -10.87 -2.28 -20.42
C3B AC1 C . -9.21 -1.33 -22.03
O3B AC1 C . -10.07 -0.26 -22.24
O4 AC1 C . -7.41 -0.89 -23.52
C5B AC1 C . -6.70 -1.72 -21.22
C7B AC1 C . -7.16 -2.74 -20.34
C6B AC1 C . -5.23 -1.36 -21.29
O6B AC1 C . -4.64 -0.34 -20.49
C1 GLC D . 5.67 -4.11 32.29
C2 GLC D . 5.36 -5.33 31.36
C3 GLC D . 5.93 -5.07 29.95
C4 GLC D . 5.32 -3.78 29.36
C5 GLC D . 5.63 -2.59 30.33
C6 GLC D . 4.97 -1.28 29.83
O1 GLC D . 7.07 -3.97 32.50
O2 GLC D . 5.93 -6.54 31.90
O3 GLC D . 5.63 -6.19 29.08
O4 GLC D . 5.83 -3.58 28.02
O5 GLC D . 5.11 -2.87 31.69
O6 GLC D . 3.55 -1.37 29.85
C1 GLC D . 4.78 -3.71 27.02
C2 GLC D . 5.27 -4.32 25.68
C3 GLC D . 6.14 -3.32 24.93
C4 GLC D . 5.35 -2.03 24.67
C5 GLC D . 4.93 -1.44 26.07
C6 GLC D . 4.12 -0.14 25.92
O2 GLC D . 5.99 -5.54 25.95
O3 GLC D . 6.54 -3.91 23.68
O4 GLC D . 6.18 -1.10 23.95
O5 GLC D . 4.09 -2.42 26.80
O6 GLC D . 2.93 -0.36 25.17
C1 AC1 D . 5.49 -0.55 22.82
O2 AC1 D . 6.42 -2.28 21.42
C2 AC1 D . 6.23 -0.86 21.51
C4A AC1 D . 8.73 6.19 20.84
C3 AC1 D . 7.58 -0.11 21.44
O3 AC1 D . 8.22 -0.43 20.20
C4 AC1 D . 7.25 1.43 21.53
N4A AC1 D . 8.50 2.21 21.41
C5 AC1 D . 6.56 1.68 22.92
O5 AC1 D . 5.31 0.90 23.00
C6 AC1 D . 6.20 3.15 23.15
C1B AC1 D . 8.57 3.11 20.20
C2B AC1 D . 9.88 3.99 20.11
O2B AC1 D . 10.94 3.05 20.26
C3B AC1 D . 9.95 5.19 21.11
O3B AC1 D . 11.18 5.81 20.92
O4 AC1 D . 8.62 6.92 22.06
C5B AC1 D . 7.43 5.51 20.31
C7B AC1 D . 7.36 4.12 20.04
C6B AC1 D . 6.24 6.40 20.06
O6B AC1 D . 6.04 7.13 18.84
CA CA E . -11.27 -4.16 -19.01
CA CA F . 10.40 0.76 19.91
#